data_6WYE
#
_entry.id   6WYE
#
_cell.length_a   77.897
_cell.length_b   93.867
_cell.length_c   102.019
_cell.angle_alpha   90.00
_cell.angle_beta   91.29
_cell.angle_gamma   90.00
#
_symmetry.space_group_name_H-M   'P 1 2 1'
#
loop_
_entity.id
_entity.type
_entity.pdbx_description
1 polymer 'Serine acetyltransferase'
2 non-polymer 'SODIUM ION'
3 non-polymer '(2S)-2-hydroxybutanedioic acid'
4 water water
#
_entity_poly.entity_id   1
_entity_poly.type   'polypeptide(L)'
_entity_poly.pdbx_seq_one_letter_code
;MGSSHHHHHHSSGLVPRGSHMMKKNHLNTTGFDLWHTIREETAAAAAAEPMLASFLHQTVLRHESLGSVLAYHLSSKLGS
PIMDVRALFEIYQQALGSDTQISKCVEADLKAIYERDPACDEYSLPLLYFKGFHAIQAHRINHRLYLDGRKTLAYFLQNR
MSEVFGVDIHPAARLGYGLMLDHATGFVAGETAVLGNNISILHGVTLGGSGKEGGDRHPKIGDGVMIGANASILGNIRIG
SNAKIGAGSVVVSDVPPSITVVGVPAKPVARSLKTPSADMDQNIQFAEIDFMI
;
_entity_poly.pdbx_strand_id   A,B,C,D,E,F
#
loop_
_chem_comp.id
_chem_comp.type
_chem_comp.name
_chem_comp.formula
LMR non-polymer '(2S)-2-hydroxybutanedioic acid' 'C4 H6 O5'
NA non-polymer 'SODIUM ION' 'Na 1'
#
# COMPACT_ATOMS: atom_id res chain seq x y z
N LYS A 24 11.41 23.30 2.76
CA LYS A 24 12.21 24.50 3.02
C LYS A 24 13.49 24.49 2.21
N ASN A 25 13.85 25.65 1.65
CA ASN A 25 15.12 25.79 0.94
C ASN A 25 15.46 27.28 0.83
N HIS A 26 16.52 27.58 0.07
CA HIS A 26 16.98 28.95 -0.08
C HIS A 26 16.08 29.79 -0.99
N LEU A 27 15.11 29.19 -1.65
CA LEU A 27 14.20 29.92 -2.53
C LEU A 27 12.85 30.22 -1.89
N ASN A 28 12.58 29.73 -0.67
CA ASN A 28 11.25 29.92 -0.09
C ASN A 28 11.30 30.09 1.42
N THR A 29 12.43 30.55 1.96
CA THR A 29 12.54 30.75 3.40
C THR A 29 13.44 31.93 3.70
N THR A 30 12.96 32.86 4.52
CA THR A 30 13.73 34.03 4.89
C THR A 30 14.91 33.60 5.75
N PHE A 32 16.91 31.18 6.01
CA PHE A 32 17.49 29.91 5.55
C PHE A 32 18.97 29.81 5.89
N ASP A 33 19.34 28.72 6.55
CA ASP A 33 20.72 28.42 6.92
C ASP A 33 21.16 27.23 6.08
N LEU A 34 22.09 27.47 5.14
CA LEU A 34 22.58 26.38 4.30
C LEU A 34 23.26 25.30 5.13
N TRP A 35 24.18 25.72 6.00
CA TRP A 35 24.95 24.77 6.80
C TRP A 35 24.06 23.92 7.70
N HIS A 36 23.08 24.53 8.35
CA HIS A 36 22.23 23.75 9.25
C HIS A 36 21.29 22.83 8.47
N THR A 37 20.87 23.24 7.28
CA THR A 37 20.07 22.32 6.45
C THR A 37 20.92 21.12 6.03
N ILE A 38 22.18 21.36 5.70
CA ILE A 38 23.08 20.27 5.33
C ILE A 38 23.27 19.32 6.52
N ARG A 39 23.40 19.88 7.73
CA ARG A 39 23.52 19.05 8.92
C ARG A 39 22.28 18.20 9.13
N GLU A 40 21.08 18.77 8.89
CA GLU A 40 19.83 18.05 9.09
C GLU A 40 19.66 16.95 8.05
N GLU A 41 19.95 17.25 6.78
CA GLU A 41 19.94 16.21 5.75
C GLU A 41 20.90 15.09 6.13
N THR A 42 22.08 15.45 6.64
CA THR A 42 23.10 14.44 6.92
C THR A 42 22.70 13.58 8.10
N ALA A 43 22.15 14.20 9.16
CA ALA A 43 21.69 13.40 10.29
C ALA A 43 20.62 12.41 9.85
N ALA A 44 19.74 12.84 8.93
CA ALA A 44 18.72 11.93 8.40
C ALA A 44 19.34 10.78 7.62
N ALA A 45 20.30 11.08 6.73
CA ALA A 45 20.96 10.01 5.98
C ALA A 45 21.68 9.05 6.91
N ALA A 46 22.38 9.58 7.91
CA ALA A 46 23.11 8.71 8.83
C ALA A 46 22.17 7.77 9.57
N ALA A 47 21.00 8.27 9.99
CA ALA A 47 20.07 7.37 10.67
C ALA A 47 19.50 6.32 9.72
N ALA A 48 19.32 6.67 8.44
CA ALA A 48 18.75 5.72 7.49
C ALA A 48 19.75 4.71 6.94
N GLU A 49 21.05 5.01 6.95
CA GLU A 49 22.05 4.15 6.32
C GLU A 49 23.20 3.90 7.29
N PRO A 50 23.08 2.88 8.15
CA PRO A 50 24.17 2.58 9.09
C PRO A 50 25.50 2.28 8.42
N MET A 51 25.51 1.76 7.18
CA MET A 51 26.76 1.58 6.44
C MET A 51 27.58 2.86 6.36
N LEU A 52 26.93 4.02 6.32
CA LEU A 52 27.60 5.29 6.06
C LEU A 52 27.57 6.24 7.26
N ALA A 53 27.09 5.78 8.41
CA ALA A 53 26.88 6.70 9.53
C ALA A 53 28.18 7.30 10.01
N SER A 54 29.25 6.49 10.14
CA SER A 54 30.48 7.02 10.72
C SER A 54 31.24 7.91 9.74
N PHE A 55 31.12 7.63 8.44
CA PHE A 55 31.63 8.54 7.42
C PHE A 55 30.95 9.90 7.52
N LEU A 56 29.61 9.90 7.62
CA LEU A 56 28.86 11.17 7.69
C LEU A 56 29.17 11.92 8.97
N HIS A 57 29.39 11.21 10.09
N HIS A 57 29.37 11.21 10.09
CA HIS A 57 29.75 11.87 11.33
CA HIS A 57 29.77 11.88 11.32
C HIS A 57 31.16 12.45 11.26
C HIS A 57 31.16 12.49 11.18
N GLN A 58 32.11 11.71 10.66
CA GLN A 58 33.48 12.21 10.58
C GLN A 58 33.65 13.29 9.51
N THR A 59 32.91 13.18 8.41
CA THR A 59 33.04 14.14 7.33
C THR A 59 32.17 15.39 7.54
N VAL A 60 30.98 15.24 8.13
CA VAL A 60 30.05 16.38 8.23
C VAL A 60 29.73 16.75 9.67
N LEU A 61 29.12 15.84 10.43
CA LEU A 61 28.44 16.24 11.66
C LEU A 61 29.41 16.66 12.76
N ARG A 62 30.62 16.07 12.83
CA ARG A 62 31.57 16.49 13.85
C ARG A 62 32.22 17.83 13.54
N HIS A 63 31.96 18.41 12.37
CA HIS A 63 32.59 19.69 12.02
C HIS A 63 31.69 20.86 12.40
N GLU A 64 32.31 22.04 12.51
CA GLU A 64 31.61 23.24 12.93
C GLU A 64 31.24 24.17 11.78
N SER A 65 31.69 23.88 10.56
CA SER A 65 31.40 24.78 9.43
C SER A 65 31.44 24.00 8.12
N LEU A 66 30.71 24.54 7.14
CA LEU A 66 30.71 23.96 5.81
C LEU A 66 32.11 23.94 5.21
N GLY A 67 32.89 25.00 5.44
CA GLY A 67 34.25 25.02 4.89
C GLY A 67 35.11 23.91 5.44
N SER A 68 34.95 23.59 6.73
CA SER A 68 35.71 22.52 7.34
C SER A 68 35.29 21.17 6.77
N VAL A 69 33.99 21.01 6.50
CA VAL A 69 33.50 19.80 5.84
C VAL A 69 34.12 19.66 4.46
N LEU A 70 34.09 20.74 3.67
CA LEU A 70 34.61 20.67 2.31
C LEU A 70 36.09 20.34 2.31
N ALA A 71 36.88 21.03 3.14
CA ALA A 71 38.30 20.73 3.22
C ALA A 71 38.55 19.27 3.57
N TYR A 72 37.75 18.75 4.50
CA TYR A 72 37.91 17.35 4.91
C TYR A 72 37.59 16.40 3.77
N HIS A 73 36.46 16.61 3.12
CA HIS A 73 36.03 15.69 2.03
C HIS A 73 36.98 15.77 0.84
N LEU A 74 37.36 16.97 0.44
CA LEU A 74 38.26 17.13 -0.69
C LEU A 74 39.61 16.46 -0.42
N SER A 75 40.15 16.64 0.79
CA SER A 75 41.43 16.01 1.08
C SER A 75 41.29 14.49 1.09
N SER A 76 40.14 13.98 1.52
CA SER A 76 39.85 12.56 1.34
C SER A 76 39.98 12.15 -0.14
N LYS A 77 39.49 12.99 -1.04
CA LYS A 77 39.50 12.64 -2.46
C LYS A 77 40.91 12.68 -3.05
N LEU A 78 41.67 13.72 -2.73
CA LEU A 78 42.91 13.97 -3.45
C LEU A 78 44.15 13.53 -2.69
N GLY A 79 44.00 13.19 -1.41
CA GLY A 79 45.11 12.67 -0.64
C GLY A 79 45.61 11.35 -1.18
N SER A 80 46.87 11.07 -0.87
CA SER A 80 47.54 9.88 -1.37
C SER A 80 48.69 9.55 -0.43
N PRO A 81 49.36 8.41 -0.63
CA PRO A 81 50.54 8.14 0.21
C PRO A 81 51.57 9.27 0.12
N ILE A 82 51.83 9.76 -1.09
CA ILE A 82 52.69 10.94 -1.28
C ILE A 82 52.20 12.11 -0.44
N MET A 83 50.93 12.47 -0.60
CA MET A 83 50.36 13.68 0.04
C MET A 83 49.36 13.30 1.15
N ASP A 84 49.83 13.22 2.39
CA ASP A 84 49.00 12.80 3.57
C ASP A 84 47.68 13.55 3.61
N VAL A 85 46.59 12.83 3.79
CA VAL A 85 45.28 13.49 3.84
C VAL A 85 45.22 14.50 4.96
N ARG A 86 45.87 14.21 6.11
CA ARG A 86 45.85 15.15 7.23
C ARG A 86 46.55 16.45 6.85
N ALA A 87 47.71 16.36 6.20
CA ALA A 87 48.42 17.56 5.76
C ALA A 87 47.59 18.34 4.73
N LEU A 88 47.03 17.65 3.75
CA LEU A 88 46.17 18.30 2.76
C LEU A 88 44.99 18.98 3.43
N PHE A 89 44.38 18.30 4.39
CA PHE A 89 43.23 18.86 5.11
C PHE A 89 43.61 20.19 5.74
N GLU A 90 44.77 20.24 6.41
CA GLU A 90 45.20 21.48 7.05
C GLU A 90 45.49 22.56 6.02
N ILE A 91 46.17 22.19 4.93
CA ILE A 91 46.44 23.15 3.86
C ILE A 91 45.14 23.71 3.31
N TYR A 92 44.16 22.84 3.04
CA TYR A 92 42.86 23.30 2.55
C TYR A 92 42.15 24.17 3.57
N GLN A 93 42.24 23.81 4.85
CA GLN A 93 41.61 24.61 5.89
C GLN A 93 42.26 26.00 5.99
N GLN A 94 43.60 26.06 5.95
CA GLN A 94 44.27 27.35 5.99
C GLN A 94 43.96 28.18 4.74
N ALA A 95 43.89 27.53 3.57
CA ALA A 95 43.57 28.25 2.35
C ALA A 95 42.16 28.82 2.41
N LEU A 96 41.20 28.05 2.92
CA LEU A 96 39.86 28.59 3.10
C LEU A 96 39.86 29.73 4.10
N GLY A 97 40.70 29.65 5.13
CA GLY A 97 40.78 30.73 6.10
C GLY A 97 41.49 31.95 5.55
N SER A 98 42.42 31.75 4.61
CA SER A 98 43.17 32.84 4.00
C SER A 98 42.37 33.61 2.94
N ASP A 99 41.34 32.98 2.36
CA ASP A 99 40.56 33.58 1.26
C ASP A 99 39.10 33.26 1.55
N THR A 100 38.45 34.10 2.36
CA THR A 100 37.07 33.80 2.72
C THR A 100 36.10 34.03 1.58
N GLN A 101 36.56 34.55 0.43
CA GLN A 101 35.70 34.60 -0.74
C GLN A 101 35.41 33.20 -1.29
N ILE A 102 36.34 32.26 -1.07
CA ILE A 102 36.14 30.91 -1.61
C ILE A 102 34.88 30.28 -1.02
N SER A 103 34.71 30.37 0.31
CA SER A 103 33.53 29.77 0.93
C SER A 103 32.25 30.41 0.43
N LYS A 104 32.28 31.70 0.11
CA LYS A 104 31.10 32.34 -0.47
C LYS A 104 30.83 31.80 -1.87
N CYS A 105 31.88 31.58 -2.65
CA CYS A 105 31.68 30.93 -3.94
C CYS A 105 31.13 29.52 -3.76
N VAL A 106 31.65 28.79 -2.76
CA VAL A 106 31.17 27.43 -2.49
C VAL A 106 29.67 27.43 -2.24
N GLU A 107 29.19 28.35 -1.40
CA GLU A 107 27.76 28.43 -1.11
C GLU A 107 26.96 28.78 -2.35
N ALA A 108 27.45 29.74 -3.14
CA ALA A 108 26.73 30.08 -4.37
C ALA A 108 26.62 28.87 -5.30
N ASP A 109 27.70 28.09 -5.39
CA ASP A 109 27.68 26.91 -6.26
C ASP A 109 26.65 25.89 -5.81
N LEU A 110 26.56 25.63 -4.50
CA LEU A 110 25.59 24.65 -4.02
C LEU A 110 24.17 25.08 -4.33
N LYS A 111 23.88 26.37 -4.13
CA LYS A 111 22.56 26.90 -4.47
C LYS A 111 22.31 26.81 -5.98
N ALA A 112 23.35 27.11 -6.78
CA ALA A 112 23.19 26.99 -8.23
C ALA A 112 22.85 25.56 -8.65
N ILE A 113 23.52 24.56 -8.06
CA ILE A 113 23.23 23.19 -8.45
C ILE A 113 21.83 22.80 -8.02
N TYR A 114 21.45 23.16 -6.80
CA TYR A 114 20.08 22.91 -6.34
C TYR A 114 19.06 23.53 -7.30
N GLU A 115 19.31 24.76 -7.73
CA GLU A 115 18.37 25.46 -8.60
C GLU A 115 18.28 24.80 -9.98
N ARG A 116 19.43 24.49 -10.58
CA ARG A 116 19.50 24.17 -12.00
C ARG A 116 19.49 22.69 -12.33
N ASP A 117 19.88 21.81 -11.39
CA ASP A 117 19.98 20.38 -11.70
C ASP A 117 18.76 19.68 -11.15
N PRO A 118 17.88 19.15 -11.99
CA PRO A 118 16.70 18.44 -11.46
C PRO A 118 17.03 17.17 -10.72
N ALA A 119 18.23 16.62 -10.89
CA ALA A 119 18.62 15.47 -10.07
C ALA A 119 18.99 15.86 -8.66
N CYS A 120 19.08 17.15 -8.35
CA CYS A 120 19.50 17.60 -7.03
C CYS A 120 18.30 18.17 -6.29
N ASP A 121 17.89 17.50 -5.21
CA ASP A 121 16.83 17.98 -4.33
C ASP A 121 17.31 18.13 -2.90
N GLU A 122 18.60 17.98 -2.64
CA GLU A 122 19.17 18.16 -1.32
C GLU A 122 20.53 18.80 -1.47
N TYR A 123 20.87 19.72 -0.56
CA TYR A 123 22.13 20.44 -0.72
C TYR A 123 23.34 19.56 -0.46
N SER A 124 23.22 18.57 0.42
CA SER A 124 24.38 17.75 0.73
C SER A 124 24.70 16.74 -0.37
N LEU A 125 23.79 16.54 -1.33
CA LEU A 125 24.07 15.59 -2.42
C LEU A 125 25.25 16.05 -3.27
N PRO A 126 25.26 17.26 -3.85
CA PRO A 126 26.49 17.67 -4.57
C PRO A 126 27.69 17.82 -3.64
N LEU A 127 27.46 18.31 -2.42
CA LEU A 127 28.57 18.49 -1.47
C LEU A 127 29.35 17.20 -1.30
N LEU A 128 28.65 16.08 -1.15
CA LEU A 128 29.31 14.80 -0.89
C LEU A 128 29.53 13.96 -2.14
N TYR A 129 28.69 14.06 -3.17
CA TYR A 129 28.67 13.03 -4.20
C TYR A 129 28.75 13.52 -5.64
N PHE A 130 28.88 14.83 -5.90
CA PHE A 130 28.95 15.32 -7.27
C PHE A 130 30.39 15.71 -7.60
N LYS A 131 31.02 14.92 -8.47
CA LYS A 131 32.42 15.08 -8.83
C LYS A 131 32.73 16.46 -9.44
N GLY A 132 31.77 17.03 -10.19
CA GLY A 132 32.01 18.35 -10.78
C GLY A 132 32.06 19.46 -9.74
N PHE A 133 31.21 19.37 -8.71
CA PHE A 133 31.31 20.27 -7.58
C PHE A 133 32.65 20.11 -6.84
N HIS A 134 33.09 18.86 -6.62
CA HIS A 134 34.38 18.66 -5.98
C HIS A 134 35.51 19.29 -6.79
N ALA A 135 35.51 19.07 -8.11
CA ALA A 135 36.61 19.55 -8.94
C ALA A 135 36.69 21.07 -8.93
N ILE A 136 35.52 21.73 -9.02
CA ILE A 136 35.49 23.20 -9.02
C ILE A 136 36.10 23.73 -7.72
N GLN A 137 35.64 23.20 -6.58
CA GLN A 137 36.12 23.72 -5.31
C GLN A 137 37.58 23.36 -5.08
N ALA A 138 37.99 22.14 -5.47
CA ALA A 138 39.42 21.84 -5.41
C ALA A 138 40.21 22.84 -6.23
N HIS A 139 39.68 23.25 -7.39
CA HIS A 139 40.42 24.22 -8.19
C HIS A 139 40.51 25.58 -7.50
N ARG A 140 39.41 26.04 -6.91
CA ARG A 140 39.43 27.31 -6.19
C ARG A 140 40.55 27.34 -5.16
N ILE A 141 40.67 26.29 -4.35
CA ILE A 141 41.80 26.21 -3.42
C ILE A 141 43.11 26.11 -4.19
N ASN A 142 43.14 25.27 -5.23
CA ASN A 142 44.36 25.14 -6.03
C ASN A 142 44.81 26.49 -6.58
N HIS A 143 43.85 27.30 -7.04
CA HIS A 143 44.18 28.62 -7.57
C HIS A 143 44.81 29.49 -6.49
N ARG A 144 44.27 29.44 -5.27
CA ARG A 144 44.85 30.19 -4.15
C ARG A 144 46.28 29.73 -3.86
N LEU A 145 46.50 28.42 -3.83
CA LEU A 145 47.85 27.90 -3.60
C LEU A 145 48.82 28.37 -4.67
N TYR A 146 48.34 28.45 -5.92
CA TYR A 146 49.15 28.91 -7.03
C TYR A 146 49.52 30.39 -6.87
N LEU A 147 48.53 31.22 -6.54
CA LEU A 147 48.76 32.65 -6.36
C LEU A 147 49.73 32.94 -5.22
N ASP A 148 49.69 32.15 -4.15
CA ASP A 148 50.64 32.26 -3.04
C ASP A 148 52.03 31.72 -3.40
N GLY A 149 52.25 31.23 -4.62
CA GLY A 149 53.55 30.76 -5.01
C GLY A 149 53.83 29.30 -4.77
N ARG A 150 52.84 28.51 -4.34
CA ARG A 150 53.05 27.07 -4.16
C ARG A 150 52.71 26.36 -5.48
N LYS A 151 53.54 26.62 -6.48
CA LYS A 151 53.24 26.16 -7.84
C LYS A 151 53.48 24.67 -7.99
N THR A 152 54.57 24.14 -7.43
CA THR A 152 54.79 22.70 -7.46
C THR A 152 53.62 21.96 -6.83
N LEU A 153 53.19 22.40 -5.65
CA LEU A 153 52.04 21.80 -4.99
C LEU A 153 50.81 21.91 -5.87
N ALA A 154 50.58 23.07 -6.48
CA ALA A 154 49.39 23.25 -7.31
C ALA A 154 49.43 22.36 -8.54
N TYR A 155 50.62 22.16 -9.13
CA TYR A 155 50.72 21.23 -10.26
C TYR A 155 50.49 19.79 -9.83
N PHE A 156 51.03 19.40 -8.66
CA PHE A 156 50.75 18.08 -8.11
C PHE A 156 49.25 17.86 -7.97
N LEU A 157 48.55 18.86 -7.42
CA LEU A 157 47.11 18.69 -7.22
C LEU A 157 46.33 18.80 -8.53
N GLN A 158 46.80 19.59 -9.49
CA GLN A 158 46.14 19.61 -10.81
C GLN A 158 46.12 18.21 -11.40
N ASN A 159 47.26 17.52 -11.28
CA ASN A 159 47.41 16.13 -11.80
C ASN A 159 46.49 15.19 -11.00
N ARG A 160 46.46 15.35 -9.67
CA ARG A 160 45.60 14.50 -8.84
C ARG A 160 44.13 14.70 -9.18
N MET A 161 43.72 15.96 -9.33
CA MET A 161 42.36 16.26 -9.76
C MET A 161 42.04 15.61 -11.10
N SER A 162 42.98 15.66 -12.04
CA SER A 162 42.72 15.07 -13.34
C SER A 162 42.57 13.55 -13.22
N GLU A 163 43.40 12.92 -12.40
CA GLU A 163 43.31 11.48 -12.19
C GLU A 163 42.01 11.10 -11.49
N VAL A 164 41.66 11.78 -10.39
CA VAL A 164 40.57 11.32 -9.55
C VAL A 164 39.23 11.77 -10.10
N PHE A 165 39.15 13.01 -10.58
CA PHE A 165 37.91 13.58 -11.06
C PHE A 165 37.75 13.53 -12.57
N GLY A 166 38.79 13.17 -13.31
CA GLY A 166 38.69 13.25 -14.75
C GLY A 166 38.56 14.68 -15.24
N VAL A 167 39.02 15.65 -14.46
CA VAL A 167 38.87 17.07 -14.75
C VAL A 167 40.26 17.70 -14.74
N ASP A 168 40.59 18.45 -15.79
CA ASP A 168 41.89 19.08 -15.89
C ASP A 168 41.70 20.58 -15.94
N ILE A 169 41.93 21.26 -14.82
CA ILE A 169 41.87 22.72 -14.76
C ILE A 169 43.23 23.24 -14.33
N HIS A 170 43.84 24.08 -15.17
CA HIS A 170 45.11 24.69 -14.83
C HIS A 170 44.96 25.58 -13.60
N PRO A 171 45.91 25.56 -12.66
CA PRO A 171 45.76 26.36 -11.43
C PRO A 171 45.58 27.84 -11.68
N ALA A 172 46.04 28.36 -12.83
CA ALA A 172 45.91 29.77 -13.15
C ALA A 172 44.53 30.15 -13.70
N ALA A 173 43.69 29.18 -14.06
CA ALA A 173 42.36 29.50 -14.55
C ALA A 173 41.56 30.22 -13.47
N ARG A 174 40.73 31.16 -13.89
CA ARG A 174 39.95 32.03 -12.99
C ARG A 174 38.47 31.71 -13.12
N LEU A 175 37.83 31.35 -12.01
CA LEU A 175 36.45 30.87 -12.01
C LEU A 175 35.60 31.75 -11.10
N GLY A 176 34.49 32.26 -11.64
CA GLY A 176 33.53 33.02 -10.86
C GLY A 176 32.67 32.11 -9.99
N TYR A 177 31.63 32.69 -9.39
CA TYR A 177 30.72 31.98 -8.49
C TYR A 177 29.42 31.59 -9.19
N GLY A 178 28.61 30.79 -8.50
CA GLY A 178 27.39 30.27 -9.10
C GLY A 178 27.62 29.34 -10.28
N LEU A 179 28.70 28.56 -10.24
CA LEU A 179 29.01 27.66 -11.34
C LEU A 179 28.46 26.26 -11.09
N MET A 180 27.99 25.63 -12.16
CA MET A 180 27.61 24.21 -12.12
C MET A 180 28.40 23.49 -13.21
N LEU A 181 29.14 22.46 -12.82
CA LEU A 181 29.81 21.54 -13.74
C LEU A 181 29.15 20.18 -13.52
N ASP A 182 28.16 19.88 -14.34
CA ASP A 182 27.36 18.67 -14.17
C ASP A 182 28.06 17.45 -14.77
N HIS A 183 28.16 16.35 -14.03
CA HIS A 183 28.81 15.05 -14.44
C HIS A 183 30.32 15.22 -14.46
N ALA A 184 30.84 16.27 -15.12
CA ALA A 184 32.23 16.74 -15.05
C ALA A 184 33.23 16.02 -15.97
N THR A 185 33.09 14.70 -16.15
CA THR A 185 34.11 13.92 -16.83
C THR A 185 34.57 14.57 -18.13
N GLY A 186 35.87 14.77 -18.26
CA GLY A 186 36.41 15.31 -19.49
C GLY A 186 36.51 16.82 -19.57
N PHE A 187 36.08 17.54 -18.54
CA PHE A 187 36.20 19.00 -18.56
C PHE A 187 37.66 19.42 -18.53
N VAL A 188 37.99 20.40 -19.37
CA VAL A 188 39.34 20.93 -19.47
C VAL A 188 39.23 22.44 -19.53
N ALA A 189 40.00 23.13 -18.69
CA ALA A 189 40.09 24.58 -18.77
C ALA A 189 41.55 24.94 -18.58
N GLY A 190 42.12 25.69 -19.54
CA GLY A 190 43.55 25.92 -19.57
C GLY A 190 44.01 27.17 -18.84
N GLU A 191 45.30 27.47 -19.00
CA GLU A 191 46.01 28.39 -18.11
C GLU A 191 45.39 29.78 -18.06
N THR A 192 44.94 30.31 -19.20
CA THR A 192 44.43 31.67 -19.27
C THR A 192 42.91 31.72 -19.42
N ALA A 193 42.22 30.62 -19.15
CA ALA A 193 40.77 30.62 -19.20
C ALA A 193 40.18 31.45 -18.06
N VAL A 194 39.09 32.15 -18.35
CA VAL A 194 38.39 32.96 -17.36
C VAL A 194 36.91 32.64 -17.44
N LEU A 195 36.31 32.33 -16.31
CA LEU A 195 34.87 32.07 -16.24
C LEU A 195 34.23 33.11 -15.32
N GLY A 196 33.19 33.77 -15.81
CA GLY A 196 32.40 34.70 -15.02
C GLY A 196 31.50 33.98 -14.03
N ASN A 197 30.37 34.60 -13.72
CA ASN A 197 29.45 34.10 -12.70
C ASN A 197 28.22 33.47 -13.32
N ASN A 198 27.58 32.59 -12.54
CA ASN A 198 26.30 31.98 -12.91
C ASN A 198 26.39 31.32 -14.29
N ILE A 199 27.39 30.46 -14.44
CA ILE A 199 27.64 29.71 -15.67
C ILE A 199 27.33 28.24 -15.41
N SER A 200 26.80 27.57 -16.43
CA SER A 200 26.45 26.16 -16.34
C SER A 200 27.21 25.41 -17.42
N ILE A 201 27.91 24.34 -17.03
CA ILE A 201 28.80 23.63 -17.94
C ILE A 201 28.52 22.13 -17.80
N LEU A 202 28.45 21.45 -18.94
CA LEU A 202 28.26 20.01 -18.94
C LEU A 202 29.61 19.28 -19.06
N HIS A 203 29.58 17.98 -18.82
CA HIS A 203 30.77 17.15 -18.94
C HIS A 203 31.36 17.24 -20.36
N GLY A 204 32.66 16.97 -20.47
CA GLY A 204 33.32 16.93 -21.76
C GLY A 204 33.62 18.27 -22.42
N VAL A 205 33.32 19.38 -21.75
CA VAL A 205 33.52 20.70 -22.34
C VAL A 205 34.99 21.08 -22.24
N THR A 206 35.49 21.72 -23.30
CA THR A 206 36.88 22.17 -23.37
C THR A 206 36.91 23.69 -23.48
N LEU A 207 37.59 24.34 -22.53
CA LEU A 207 37.99 25.73 -22.65
C LEU A 207 39.49 25.72 -22.94
N GLY A 208 39.80 25.53 -24.24
CA GLY A 208 41.12 25.12 -24.66
C GLY A 208 41.89 26.24 -25.33
N GLY A 209 43.20 26.01 -25.44
CA GLY A 209 44.12 26.96 -26.03
C GLY A 209 44.36 26.70 -27.50
N SER A 210 45.14 27.61 -28.09
CA SER A 210 45.58 27.49 -29.47
C SER A 210 46.99 28.04 -29.56
N GLY A 211 47.83 27.37 -30.36
CA GLY A 211 49.18 27.81 -30.61
C GLY A 211 50.18 27.34 -29.56
N LYS A 212 51.46 27.46 -29.91
CA LYS A 212 52.55 27.02 -29.07
C LYS A 212 53.15 28.14 -28.22
N GLU A 213 52.60 29.36 -28.29
CA GLU A 213 53.12 30.52 -27.60
C GLU A 213 52.38 30.79 -26.31
N GLY A 214 53.09 31.38 -25.34
CA GLY A 214 52.47 31.85 -24.12
C GLY A 214 51.59 33.06 -24.35
N GLY A 215 51.07 33.59 -23.25
CA GLY A 215 50.12 34.70 -23.33
C GLY A 215 48.69 34.20 -23.42
N ASP A 216 47.77 35.17 -23.39
CA ASP A 216 46.33 34.93 -23.43
C ASP A 216 45.98 34.08 -24.65
N ARG A 217 45.42 32.89 -24.39
CA ARG A 217 45.13 31.97 -25.49
C ARG A 217 43.96 31.04 -25.23
N HIS A 218 43.19 31.25 -24.16
CA HIS A 218 42.02 30.46 -23.79
C HIS A 218 40.78 31.35 -23.72
N PRO A 219 39.59 30.77 -23.80
CA PRO A 219 38.36 31.57 -23.82
C PRO A 219 38.12 32.31 -22.52
N LYS A 220 37.37 33.39 -22.64
CA LYS A 220 36.82 34.10 -21.49
C LYS A 220 35.31 34.07 -21.63
N ILE A 221 34.64 33.51 -20.62
CA ILE A 221 33.21 33.22 -20.66
C ILE A 221 32.48 34.24 -19.78
N GLY A 222 31.47 34.90 -20.36
CA GLY A 222 30.69 35.88 -19.62
C GLY A 222 29.62 35.26 -18.73
N ASP A 223 29.03 36.10 -17.88
CA ASP A 223 27.99 35.66 -16.95
C ASP A 223 26.81 35.05 -17.69
N GLY A 224 26.15 34.09 -17.03
CA GLY A 224 24.90 33.51 -17.50
C GLY A 224 24.98 32.48 -18.60
N VAL A 225 26.19 32.17 -19.09
CA VAL A 225 26.34 31.25 -20.22
C VAL A 225 25.99 29.82 -19.84
N MET A 226 25.43 29.09 -20.80
CA MET A 226 25.29 27.65 -20.70
C MET A 226 26.12 27.00 -21.81
N ILE A 227 26.90 25.98 -21.45
CA ILE A 227 27.72 25.23 -22.41
C ILE A 227 27.31 23.77 -22.34
N GLY A 228 26.82 23.24 -23.49
CA GLY A 228 26.34 21.88 -23.54
C GLY A 228 27.46 20.85 -23.64
N ALA A 229 27.07 19.58 -23.50
CA ALA A 229 28.03 18.48 -23.40
C ALA A 229 28.97 18.40 -24.60
N ASN A 230 30.26 18.18 -24.31
CA ASN A 230 31.32 17.93 -25.28
C ASN A 230 31.50 19.08 -26.27
N ALA A 231 31.07 20.28 -25.94
CA ALA A 231 31.42 21.45 -26.73
C ALA A 231 32.89 21.81 -26.50
N SER A 232 33.51 22.40 -27.53
CA SER A 232 34.88 22.89 -27.45
C SER A 232 34.92 24.38 -27.79
N ILE A 233 35.60 25.15 -26.95
CA ILE A 233 35.76 26.58 -27.16
C ILE A 233 37.26 26.83 -27.13
N LEU A 234 37.82 27.25 -28.27
CA LEU A 234 39.26 27.22 -28.49
C LEU A 234 39.80 28.61 -28.83
N GLY A 235 40.92 28.97 -28.20
CA GLY A 235 41.57 30.23 -28.49
C GLY A 235 41.19 31.35 -27.56
N ASN A 236 41.85 32.49 -27.77
CA ASN A 236 41.65 33.71 -27.00
C ASN A 236 40.42 34.44 -27.51
N ILE A 237 39.26 33.83 -27.25
CA ILE A 237 37.99 34.39 -27.72
C ILE A 237 37.08 34.67 -26.54
N ARG A 238 36.10 35.53 -26.79
CA ARG A 238 35.14 35.96 -25.78
C ARG A 238 33.76 35.38 -26.08
N ILE A 239 33.13 34.82 -25.07
CA ILE A 239 31.74 34.37 -25.16
C ILE A 239 30.93 35.37 -24.37
N GLY A 240 30.04 36.10 -25.06
CA GLY A 240 29.31 37.18 -24.43
C GLY A 240 28.31 36.69 -23.40
N SER A 241 27.98 37.58 -22.47
CA SER A 241 27.05 37.25 -21.40
C SER A 241 25.75 36.69 -21.97
N ASN A 242 25.21 35.70 -21.26
CA ASN A 242 23.94 35.04 -21.56
C ASN A 242 23.94 34.30 -22.90
N ALA A 243 25.09 34.09 -23.50
CA ALA A 243 25.15 33.25 -24.68
C ALA A 243 24.88 31.79 -24.32
N LYS A 244 24.62 30.98 -25.34
CA LYS A 244 24.38 29.56 -25.20
C LYS A 244 25.19 28.80 -26.25
N ILE A 245 26.02 27.86 -25.81
CA ILE A 245 26.82 27.01 -26.69
C ILE A 245 26.16 25.64 -26.69
N GLY A 246 25.59 25.25 -27.83
CA GLY A 246 24.92 23.98 -27.89
C GLY A 246 25.89 22.82 -27.75
N ALA A 247 25.37 21.68 -27.26
CA ALA A 247 26.19 20.50 -27.11
C ALA A 247 26.92 20.17 -28.41
N GLY A 248 28.19 19.76 -28.29
CA GLY A 248 28.94 19.36 -29.45
C GLY A 248 29.45 20.47 -30.36
N SER A 249 29.23 21.74 -30.03
CA SER A 249 29.75 22.81 -30.88
C SER A 249 31.26 22.93 -30.75
N VAL A 250 31.90 23.42 -31.81
CA VAL A 250 33.30 23.81 -31.76
C VAL A 250 33.35 25.29 -32.09
N VAL A 251 33.68 26.11 -31.08
CA VAL A 251 33.65 27.57 -31.18
C VAL A 251 35.07 28.07 -31.30
N VAL A 252 35.36 28.79 -32.40
CA VAL A 252 36.71 29.30 -32.62
C VAL A 252 36.72 30.81 -32.91
N SER A 253 35.56 31.46 -32.76
CA SER A 253 35.41 32.90 -32.91
C SER A 253 34.58 33.45 -31.76
N ASP A 254 34.70 34.77 -31.53
CA ASP A 254 33.91 35.41 -30.48
C ASP A 254 32.42 35.13 -30.71
N VAL A 255 31.67 35.07 -29.62
CA VAL A 255 30.22 34.90 -29.67
C VAL A 255 29.59 36.08 -28.96
N PRO A 256 28.67 36.81 -29.58
CA PRO A 256 28.09 38.00 -28.95
C PRO A 256 27.09 37.63 -27.87
N PRO A 257 26.79 38.55 -26.95
CA PRO A 257 25.82 38.27 -25.89
C PRO A 257 24.48 37.77 -26.44
N SER A 258 23.83 36.92 -25.65
CA SER A 258 22.44 36.53 -25.86
C SER A 258 22.22 35.80 -27.19
N ILE A 259 23.28 35.22 -27.72
CA ILE A 259 23.26 34.47 -28.97
C ILE A 259 23.43 32.99 -28.66
N THR A 260 22.72 32.14 -29.40
CA THR A 260 22.93 30.70 -29.36
C THR A 260 23.72 30.25 -30.58
N VAL A 261 24.79 29.46 -30.38
CA VAL A 261 25.60 28.95 -31.49
C VAL A 261 25.58 27.42 -31.49
N VAL A 262 25.63 26.85 -32.68
CA VAL A 262 25.50 25.40 -32.88
C VAL A 262 26.39 24.98 -34.05
N GLY A 263 27.01 23.80 -33.95
CA GLY A 263 27.62 23.17 -35.10
C GLY A 263 29.15 23.06 -35.00
N VAL A 264 29.70 22.40 -36.01
CA VAL A 264 31.15 22.23 -36.16
C VAL A 264 31.55 22.71 -37.54
N PRO A 265 32.08 23.93 -37.70
CA PRO A 265 32.26 24.93 -36.62
C PRO A 265 30.96 25.57 -36.21
N ALA A 266 30.96 26.22 -35.05
CA ALA A 266 29.73 26.76 -34.51
C ALA A 266 29.33 28.05 -35.21
N LYS A 267 28.04 28.21 -35.46
CA LYS A 267 27.50 29.41 -36.07
C LYS A 267 26.28 29.88 -35.28
N PRO A 268 26.07 31.19 -35.20
CA PRO A 268 24.87 31.71 -34.54
C PRO A 268 23.63 31.17 -35.24
N VAL A 269 22.63 30.79 -34.45
CA VAL A 269 21.44 30.18 -35.02
C VAL A 269 20.18 30.74 -34.39
N ALA A 270 20.31 31.45 -33.27
CA ALA A 270 19.14 31.99 -32.58
C ALA A 270 19.57 32.95 -31.48
N ARG A 271 18.59 33.72 -31.01
CA ARG A 271 18.75 34.52 -29.79
C ARG A 271 18.47 33.61 -28.58
N SER A 272 19.31 33.76 -27.55
CA SER A 272 19.32 32.86 -26.41
C SER A 272 18.29 33.18 -25.33
N LEU A 273 17.64 34.35 -25.38
CA LEU A 273 16.72 34.78 -24.33
C LEU A 273 15.36 35.14 -24.91
N LYS A 274 14.29 34.85 -24.16
CA LYS A 274 12.95 35.28 -24.51
C LYS A 274 12.62 36.53 -23.70
N THR A 275 12.46 37.66 -24.39
CA THR A 275 12.15 38.91 -23.72
C THR A 275 10.73 38.90 -23.19
N PRO A 276 10.45 39.67 -22.13
CA PRO A 276 9.05 39.79 -21.67
C PRO A 276 8.10 40.29 -22.75
N SER A 277 8.56 41.19 -23.63
CA SER A 277 7.70 41.67 -24.71
C SER A 277 7.33 40.54 -25.68
N ALA A 278 8.13 39.49 -25.77
CA ALA A 278 7.79 38.38 -26.64
C ALA A 278 6.85 37.39 -25.96
N ASP A 279 6.98 37.24 -24.63
CA ASP A 279 6.24 36.22 -23.90
C ASP A 279 4.83 36.68 -23.54
N MET A 280 4.64 37.99 -23.28
CA MET A 280 3.33 38.53 -22.95
C MET A 280 2.71 37.85 -21.73
N ASP A 281 3.56 37.42 -20.79
CA ASP A 281 3.09 36.81 -19.55
C ASP A 281 2.60 37.93 -18.65
N GLN A 282 1.31 37.94 -18.35
CA GLN A 282 0.70 39.04 -17.62
C GLN A 282 0.61 38.80 -16.11
N ASN A 283 1.14 37.70 -15.60
CA ASN A 283 1.01 37.43 -14.17
C ASN A 283 1.79 38.46 -13.36
N ILE A 284 1.19 38.93 -12.27
CA ILE A 284 1.84 39.84 -11.36
C ILE A 284 1.91 39.28 -9.95
N GLN A 285 1.63 37.99 -9.79
CA GLN A 285 1.68 37.33 -8.48
C GLN A 285 2.86 36.37 -8.40
N LYS B 24 -43.69 -17.37 15.29
CA LYS B 24 -44.11 -18.65 14.72
C LYS B 24 -42.99 -19.30 13.93
N ASN B 25 -42.41 -20.38 14.47
CA ASN B 25 -41.26 -21.02 13.84
C ASN B 25 -41.43 -22.54 13.92
N HIS B 26 -40.37 -23.27 13.54
CA HIS B 26 -40.45 -24.72 13.54
C HIS B 26 -40.38 -25.30 14.95
N LEU B 27 -40.12 -24.48 15.96
CA LEU B 27 -40.06 -24.94 17.35
C LEU B 27 -41.32 -24.60 18.14
N ASN B 28 -42.25 -23.82 17.58
CA ASN B 28 -43.47 -23.48 18.30
C ASN B 28 -44.73 -23.72 17.46
N THR B 29 -44.62 -24.51 16.40
CA THR B 29 -45.78 -24.79 15.54
C THR B 29 -45.81 -26.23 15.07
N PHE B 32 -45.74 -26.67 10.66
CA PHE B 32 -44.83 -25.61 10.21
C PHE B 32 -44.32 -25.87 8.81
N ASP B 33 -44.45 -24.88 7.94
CA ASP B 33 -43.99 -24.96 6.56
C ASP B 33 -42.77 -24.06 6.40
N LEU B 34 -41.60 -24.67 6.24
CA LEU B 34 -40.37 -23.89 6.06
C LEU B 34 -40.43 -23.06 4.78
N TRP B 35 -40.76 -23.69 3.67
CA TRP B 35 -40.80 -23.00 2.38
C TRP B 35 -41.77 -21.82 2.42
N HIS B 36 -42.93 -22.00 3.04
CA HIS B 36 -43.88 -20.89 3.06
C HIS B 36 -43.39 -19.75 3.95
N THR B 37 -42.74 -20.08 5.07
CA THR B 37 -42.21 -19.02 5.94
C THR B 37 -41.09 -18.24 5.24
N ILE B 38 -40.24 -18.94 4.48
CA ILE B 38 -39.20 -18.25 3.72
C ILE B 38 -39.82 -17.31 2.71
N ARG B 39 -40.90 -17.76 2.04
CA ARG B 39 -41.59 -16.89 1.09
C ARG B 39 -42.17 -15.66 1.78
N GLU B 40 -42.70 -15.82 3.00
CA GLU B 40 -43.30 -14.70 3.72
C GLU B 40 -42.24 -13.69 4.15
N GLU B 41 -41.14 -14.18 4.72
CA GLU B 41 -40.04 -13.29 5.08
C GLU B 41 -39.57 -12.52 3.86
N THR B 42 -39.45 -13.20 2.72
CA THR B 42 -38.88 -12.58 1.52
C THR B 42 -39.83 -11.54 0.93
N ALA B 43 -41.14 -11.84 0.92
CA ALA B 43 -42.10 -10.84 0.45
C ALA B 43 -42.04 -9.59 1.32
N ALA B 44 -41.88 -9.76 2.63
CA ALA B 44 -41.75 -8.61 3.52
C ALA B 44 -40.49 -7.82 3.20
N ALA B 45 -39.35 -8.52 3.04
CA ALA B 45 -38.11 -7.82 2.75
C ALA B 45 -38.19 -7.08 1.43
N ALA B 46 -38.78 -7.70 0.41
CA ALA B 46 -38.91 -7.04 -0.90
C ALA B 46 -39.74 -5.77 -0.80
N ALA B 47 -40.82 -5.80 0.00
CA ALA B 47 -41.61 -4.58 0.16
C ALA B 47 -40.83 -3.52 0.92
N ALA B 48 -39.98 -3.92 1.87
CA ALA B 48 -39.25 -2.95 2.65
C ALA B 48 -38.01 -2.42 1.95
N GLU B 49 -37.43 -3.18 1.01
CA GLU B 49 -36.16 -2.78 0.39
C GLU B 49 -36.28 -2.86 -1.14
N PRO B 50 -36.79 -1.79 -1.77
CA PRO B 50 -36.93 -1.78 -3.23
C PRO B 50 -35.63 -1.98 -3.99
N MET B 51 -34.48 -1.58 -3.44
CA MET B 51 -33.20 -1.89 -4.08
C MET B 51 -33.08 -3.38 -4.37
N LEU B 52 -33.67 -4.23 -3.54
CA LEU B 52 -33.45 -5.67 -3.61
C LEU B 52 -34.68 -6.44 -4.07
N ALA B 53 -35.76 -5.76 -4.45
CA ALA B 53 -37.02 -6.45 -4.73
C ALA B 53 -36.89 -7.42 -5.91
N SER B 54 -36.21 -6.99 -6.99
CA SER B 54 -36.16 -7.84 -8.16
C SER B 54 -35.19 -9.00 -7.95
N PHE B 55 -34.14 -8.78 -7.15
CA PHE B 55 -33.29 -9.89 -6.73
C PHE B 55 -34.11 -10.91 -5.95
N LEU B 56 -34.93 -10.44 -4.99
CA LEU B 56 -35.71 -11.38 -4.19
C LEU B 56 -36.75 -12.11 -5.03
N HIS B 57 -37.33 -11.43 -6.03
CA HIS B 57 -38.31 -12.08 -6.89
C HIS B 57 -37.68 -13.18 -7.74
N GLN B 58 -36.56 -12.87 -8.41
CA GLN B 58 -35.95 -13.83 -9.32
C GLN B 58 -35.26 -14.96 -8.57
N THR B 59 -34.74 -14.68 -7.39
CA THR B 59 -34.05 -15.72 -6.64
C THR B 59 -35.01 -16.57 -5.81
N VAL B 60 -36.06 -15.97 -5.24
CA VAL B 60 -36.94 -16.70 -4.32
C VAL B 60 -38.38 -16.78 -4.82
N LEU B 61 -39.05 -15.64 -4.98
CA LEU B 61 -40.51 -15.65 -5.09
C LEU B 61 -41.02 -16.29 -6.37
N ARG B 62 -40.27 -16.21 -7.48
CA ARG B 62 -40.71 -16.82 -8.72
C ARG B 62 -40.56 -18.34 -8.74
N HIS B 63 -39.91 -18.92 -7.74
CA HIS B 63 -39.67 -20.37 -7.73
C HIS B 63 -40.77 -21.09 -6.95
N GLU B 64 -40.89 -22.40 -7.23
CA GLU B 64 -41.93 -23.23 -6.66
C GLU B 64 -41.45 -24.09 -5.50
N SER B 65 -40.15 -24.08 -5.21
CA SER B 65 -39.62 -24.94 -4.15
C SER B 65 -38.33 -24.33 -3.62
N LEU B 66 -38.00 -24.69 -2.38
CA LEU B 66 -36.75 -24.25 -1.78
C LEU B 66 -35.56 -24.76 -2.58
N GLY B 67 -35.64 -26.01 -3.06
CA GLY B 67 -34.53 -26.56 -3.82
C GLY B 67 -34.22 -25.77 -5.08
N SER B 68 -35.27 -25.30 -5.75
CA SER B 68 -35.07 -24.50 -6.95
C SER B 68 -34.46 -23.14 -6.60
N VAL B 69 -34.85 -22.58 -5.46
CA VAL B 69 -34.25 -21.35 -4.97
C VAL B 69 -32.76 -21.55 -4.68
N LEU B 70 -32.43 -22.63 -3.96
CA LEU B 70 -31.04 -22.90 -3.60
C LEU B 70 -30.17 -23.06 -4.84
N ALA B 71 -30.65 -23.84 -5.81
CA ALA B 71 -29.92 -24.03 -7.05
C ALA B 71 -29.65 -22.70 -7.75
N TYR B 72 -30.65 -21.83 -7.78
CA TYR B 72 -30.52 -20.53 -8.43
C TYR B 72 -29.48 -19.67 -7.71
N HIS B 73 -29.59 -19.59 -6.38
CA HIS B 73 -28.69 -18.72 -5.63
C HIS B 73 -27.26 -19.24 -5.65
N LEU B 74 -27.07 -20.55 -5.50
CA LEU B 74 -25.72 -21.12 -5.55
C LEU B 74 -25.08 -20.87 -6.91
N SER B 75 -25.85 -21.03 -8.00
CA SER B 75 -25.27 -20.79 -9.32
C SER B 75 -24.93 -19.32 -9.51
N SER B 76 -25.74 -18.42 -8.93
CA SER B 76 -25.37 -17.01 -8.82
C SER B 76 -23.99 -16.83 -8.21
N LYS B 77 -23.69 -17.56 -7.13
CA LYS B 77 -22.44 -17.36 -6.40
C LYS B 77 -21.24 -17.92 -7.17
N LEU B 78 -21.39 -19.10 -7.74
CA LEU B 78 -20.25 -19.82 -8.29
C LEU B 78 -20.15 -19.72 -9.79
N GLY B 79 -21.19 -19.22 -10.45
CA GLY B 79 -21.11 -19.02 -11.89
C GLY B 79 -20.00 -18.06 -12.24
N SER B 80 -19.48 -18.22 -13.45
CA SER B 80 -18.34 -17.44 -13.91
C SER B 80 -18.41 -17.40 -15.43
N PRO B 81 -17.51 -16.64 -16.08
CA PRO B 81 -17.53 -16.68 -17.55
C PRO B 81 -17.34 -18.08 -18.11
N ILE B 82 -16.38 -18.82 -17.56
CA ILE B 82 -16.17 -20.23 -17.91
C ILE B 82 -17.46 -21.03 -17.76
N MET B 83 -18.13 -20.89 -16.61
CA MET B 83 -19.21 -21.77 -16.18
C MET B 83 -20.52 -20.97 -16.15
N ASP B 84 -21.30 -21.06 -17.23
CA ASP B 84 -22.56 -20.33 -17.36
C ASP B 84 -23.48 -20.56 -16.17
N VAL B 85 -24.02 -19.46 -15.62
CA VAL B 85 -24.94 -19.60 -14.49
C VAL B 85 -26.14 -20.43 -14.87
N ARG B 86 -26.59 -20.32 -16.14
CA ARG B 86 -27.72 -21.14 -16.56
C ARG B 86 -27.35 -22.61 -16.57
N ALA B 87 -26.19 -22.96 -17.10
CA ALA B 87 -25.75 -24.35 -17.10
C ALA B 87 -25.59 -24.88 -15.68
N LEU B 88 -24.89 -24.11 -14.84
CA LEU B 88 -24.72 -24.50 -13.44
C LEU B 88 -26.07 -24.66 -12.74
N PHE B 89 -27.01 -23.76 -13.02
CA PHE B 89 -28.35 -23.84 -12.41
C PHE B 89 -29.04 -25.16 -12.76
N GLU B 90 -28.97 -25.55 -14.04
CA GLU B 90 -29.60 -26.81 -14.46
C GLU B 90 -28.93 -28.01 -13.80
N ILE B 91 -27.60 -28.00 -13.72
CA ILE B 91 -26.89 -29.09 -13.05
C ILE B 91 -27.32 -29.17 -11.59
N TYR B 92 -27.35 -28.04 -10.90
CA TYR B 92 -27.76 -28.01 -9.50
C TYR B 92 -29.21 -28.44 -9.35
N GLN B 93 -30.08 -28.03 -10.29
CA GLN B 93 -31.48 -28.46 -10.22
C GLN B 93 -31.59 -29.97 -10.38
N GLN B 94 -30.82 -30.56 -11.29
CA GLN B 94 -30.79 -32.01 -11.43
C GLN B 94 -30.17 -32.64 -10.18
N ASP B 99 -30.41 -37.24 -6.00
CA ASP B 99 -30.27 -37.49 -4.57
C ASP B 99 -31.17 -36.56 -3.75
N THR B 100 -32.43 -36.96 -3.57
CA THR B 100 -33.40 -36.16 -2.83
C THR B 100 -33.11 -36.12 -1.33
N GLN B 101 -32.09 -36.86 -0.87
CA GLN B 101 -31.62 -36.69 0.49
C GLN B 101 -30.96 -35.33 0.70
N ILE B 102 -30.41 -34.75 -0.37
CA ILE B 102 -29.75 -33.45 -0.28
C ILE B 102 -30.74 -32.39 0.22
N SER B 103 -31.92 -32.33 -0.40
CA SER B 103 -32.90 -31.33 0.01
C SER B 103 -33.34 -31.53 1.45
N LYS B 104 -33.31 -32.76 1.94
CA LYS B 104 -33.64 -33.02 3.34
C LYS B 104 -32.55 -32.48 4.27
N CYS B 105 -31.28 -32.65 3.89
CA CYS B 105 -30.20 -32.07 4.67
C CYS B 105 -30.28 -30.55 4.68
N VAL B 106 -30.64 -29.94 3.54
CA VAL B 106 -30.75 -28.47 3.43
C VAL B 106 -31.73 -27.93 4.45
N GLU B 107 -32.91 -28.56 4.55
CA GLU B 107 -33.89 -28.12 5.53
C GLU B 107 -33.36 -28.32 6.93
N ALA B 108 -32.73 -29.47 7.18
CA ALA B 108 -32.14 -29.72 8.50
C ALA B 108 -31.09 -28.68 8.85
N ASP B 109 -30.24 -28.30 7.88
CA ASP B 109 -29.22 -27.28 8.15
C ASP B 109 -29.84 -25.93 8.48
N LEU B 110 -30.87 -25.52 7.71
CA LEU B 110 -31.49 -24.23 7.97
C LEU B 110 -32.12 -24.18 9.35
N LYS B 111 -32.80 -25.26 9.75
CA LYS B 111 -33.38 -25.31 11.08
C LYS B 111 -32.28 -25.30 12.14
N ALA B 112 -31.20 -26.04 11.89
CA ALA B 112 -30.08 -26.05 12.84
C ALA B 112 -29.52 -24.65 13.05
N ILE B 113 -29.39 -23.87 11.96
CA ILE B 113 -28.84 -22.51 12.09
C ILE B 113 -29.80 -21.64 12.88
N TYR B 114 -31.10 -21.73 12.61
CA TYR B 114 -32.09 -20.98 13.37
C TYR B 114 -31.97 -21.27 14.86
N GLU B 115 -31.85 -22.55 15.21
CA GLU B 115 -31.82 -22.92 16.62
C GLU B 115 -30.55 -22.43 17.29
N ARG B 116 -29.39 -22.63 16.64
CA ARG B 116 -28.12 -22.51 17.34
C ARG B 116 -27.46 -21.15 17.19
N ASP B 117 -27.79 -20.37 16.14
CA ASP B 117 -27.12 -19.10 15.90
C ASP B 117 -28.01 -17.97 16.39
N PRO B 118 -27.66 -17.27 17.46
CA PRO B 118 -28.51 -16.17 17.93
C PRO B 118 -28.57 -15.00 16.97
N ALA B 119 -27.65 -14.91 16.01
CA ALA B 119 -27.79 -13.88 15.00
C ALA B 119 -28.86 -14.21 13.97
N CYS B 120 -29.38 -15.43 13.97
CA CYS B 120 -30.35 -15.86 12.98
C CYS B 120 -31.73 -15.95 13.62
N ASP B 121 -32.62 -15.05 13.23
CA ASP B 121 -34.01 -15.06 13.68
C ASP B 121 -34.99 -15.14 12.52
N GLU B 122 -34.50 -15.40 11.32
CA GLU B 122 -35.31 -15.56 10.12
C GLU B 122 -34.69 -16.67 9.29
N TYR B 123 -35.52 -17.50 8.66
CA TYR B 123 -34.97 -18.64 7.91
C TYR B 123 -34.31 -18.21 6.60
N SER B 124 -34.78 -17.14 5.99
CA SER B 124 -34.20 -16.71 4.71
C SER B 124 -32.85 -16.02 4.89
N LEU B 125 -32.47 -15.68 6.13
CA LEU B 125 -31.19 -15.02 6.36
C LEU B 125 -30.02 -15.94 6.03
N PRO B 126 -29.87 -17.13 6.63
CA PRO B 126 -28.75 -17.98 6.18
C PRO B 126 -28.90 -18.43 4.74
N LEU B 127 -30.13 -18.70 4.31
CA LEU B 127 -30.38 -19.13 2.94
C LEU B 127 -29.77 -18.18 1.93
N LEU B 128 -29.99 -16.89 2.11
CA LEU B 128 -29.54 -15.90 1.15
C LEU B 128 -28.19 -15.28 1.50
N TYR B 129 -27.81 -15.23 2.77
CA TYR B 129 -26.68 -14.37 3.15
C TYR B 129 -25.57 -15.01 3.99
N PHE B 130 -25.63 -16.31 4.32
CA PHE B 130 -24.59 -16.93 5.14
C PHE B 130 -23.70 -17.83 4.26
N LYS B 131 -22.47 -17.39 4.02
CA LYS B 131 -21.61 -18.10 3.09
C LYS B 131 -21.30 -19.53 3.57
N GLY B 132 -21.31 -19.77 4.89
CA GLY B 132 -21.06 -21.12 5.37
C GLY B 132 -22.16 -22.09 4.99
N PHE B 133 -23.41 -21.64 5.08
CA PHE B 133 -24.54 -22.43 4.58
C PHE B 133 -24.40 -22.69 3.08
N HIS B 134 -24.01 -21.67 2.32
CA HIS B 134 -23.81 -21.85 0.88
C HIS B 134 -22.74 -22.87 0.58
N ALA B 135 -21.62 -22.80 1.29
CA ALA B 135 -20.49 -23.70 1.01
C ALA B 135 -20.88 -25.14 1.31
N ILE B 136 -21.58 -25.37 2.41
CA ILE B 136 -22.01 -26.73 2.75
C ILE B 136 -22.92 -27.27 1.66
N GLN B 137 -23.93 -26.51 1.25
CA GLN B 137 -24.88 -27.02 0.27
C GLN B 137 -24.22 -27.17 -1.10
N ALA B 138 -23.37 -26.21 -1.48
CA ALA B 138 -22.58 -26.38 -2.71
C ALA B 138 -21.75 -27.66 -2.65
N HIS B 139 -21.21 -27.99 -1.46
CA HIS B 139 -20.43 -29.22 -1.37
C HIS B 139 -21.29 -30.46 -1.54
N ARG B 140 -22.49 -30.46 -0.95
CA ARG B 140 -23.39 -31.61 -1.08
C ARG B 140 -23.61 -31.94 -2.55
N ILE B 141 -23.90 -30.92 -3.36
CA ILE B 141 -24.07 -31.13 -4.79
C ILE B 141 -22.75 -31.57 -5.41
N ASN B 142 -21.65 -30.93 -5.01
CA ASN B 142 -20.34 -31.31 -5.49
C ASN B 142 -20.04 -32.76 -5.18
N HIS B 143 -20.45 -33.22 -4.00
CA HIS B 143 -20.21 -34.61 -3.62
C HIS B 143 -20.93 -35.57 -4.55
N ARG B 144 -22.17 -35.27 -4.92
CA ARG B 144 -22.91 -36.11 -5.85
C ARG B 144 -22.24 -36.14 -7.22
N LEU B 145 -21.83 -34.97 -7.72
CA LEU B 145 -21.17 -34.92 -9.02
C LEU B 145 -19.89 -35.75 -9.03
N TYR B 146 -19.13 -35.71 -7.94
CA TYR B 146 -17.90 -36.49 -7.84
C TYR B 146 -18.19 -37.99 -7.84
N LEU B 147 -19.18 -38.43 -7.03
CA LEU B 147 -19.54 -39.84 -7.01
C LEU B 147 -20.07 -40.30 -8.37
N ASP B 148 -20.78 -39.44 -9.10
CA ASP B 148 -21.23 -39.77 -10.45
C ASP B 148 -20.10 -39.78 -11.47
N GLY B 149 -18.87 -39.49 -11.04
CA GLY B 149 -17.72 -39.54 -11.91
C GLY B 149 -17.38 -38.24 -12.61
N ARG B 150 -18.10 -37.15 -12.35
CA ARG B 150 -17.76 -35.87 -12.95
C ARG B 150 -16.73 -35.19 -12.06
N LYS B 151 -15.54 -35.79 -12.02
CA LYS B 151 -14.51 -35.35 -11.09
C LYS B 151 -13.93 -34.00 -11.50
N THR B 152 -13.67 -33.82 -12.80
CA THR B 152 -13.15 -32.54 -13.29
C THR B 152 -14.07 -31.39 -12.93
N LEU B 153 -15.37 -31.53 -13.18
CA LEU B 153 -16.31 -30.50 -12.81
C LEU B 153 -16.30 -30.22 -11.32
N ALA B 154 -16.27 -31.28 -10.50
CA ALA B 154 -16.26 -31.12 -9.05
C ALA B 154 -14.99 -30.41 -8.58
N TYR B 155 -13.85 -30.67 -9.22
CA TYR B 155 -12.62 -29.97 -8.85
C TYR B 155 -12.71 -28.49 -9.24
N PHE B 156 -13.26 -28.20 -10.41
CA PHE B 156 -13.50 -26.82 -10.80
C PHE B 156 -14.35 -26.10 -9.75
N LEU B 157 -15.41 -26.76 -9.29
CA LEU B 157 -16.31 -26.11 -8.34
C LEU B 157 -15.71 -26.06 -6.94
N GLN B 158 -14.91 -27.06 -6.56
CA GLN B 158 -14.18 -26.98 -5.29
C GLN B 158 -13.32 -25.72 -5.25
N ASN B 159 -12.61 -25.46 -6.36
CA ASN B 159 -11.77 -24.27 -6.44
C ASN B 159 -12.62 -23.00 -6.38
N ARG B 160 -13.74 -22.99 -7.10
CA ARG B 160 -14.65 -21.85 -7.09
C ARG B 160 -15.22 -21.58 -5.70
N MET B 161 -15.66 -22.64 -5.01
CA MET B 161 -16.07 -22.50 -3.62
C MET B 161 -14.96 -21.90 -2.78
N SER B 162 -13.72 -22.35 -2.98
CA SER B 162 -12.62 -21.82 -2.17
C SER B 162 -12.42 -20.34 -2.45
N GLU B 163 -12.50 -19.93 -3.71
CA GLU B 163 -12.35 -18.53 -4.07
C GLU B 163 -13.49 -17.68 -3.53
N VAL B 164 -14.73 -18.11 -3.75
CA VAL B 164 -15.86 -17.23 -3.47
C VAL B 164 -16.25 -17.29 -1.99
N PHE B 165 -16.25 -18.48 -1.40
CA PHE B 165 -16.66 -18.65 -0.01
C PHE B 165 -15.49 -18.74 0.96
N GLY B 166 -14.24 -18.82 0.48
CA GLY B 166 -13.13 -19.03 1.39
C GLY B 166 -13.16 -20.36 2.11
N VAL B 167 -13.83 -21.35 1.54
CA VAL B 167 -14.00 -22.67 2.14
C VAL B 167 -13.48 -23.68 1.15
N ASP B 168 -12.63 -24.60 1.62
CA ASP B 168 -12.05 -25.65 0.77
C ASP B 168 -12.55 -26.98 1.32
N ILE B 169 -13.52 -27.58 0.63
CA ILE B 169 -14.01 -28.91 0.99
C ILE B 169 -13.75 -29.83 -0.20
N HIS B 170 -12.98 -30.89 0.03
CA HIS B 170 -12.71 -31.85 -1.04
C HIS B 170 -14.02 -32.53 -1.43
N PRO B 171 -14.31 -32.69 -2.72
CA PRO B 171 -15.59 -33.27 -3.13
C PRO B 171 -15.87 -34.64 -2.55
N ALA B 172 -14.84 -35.39 -2.15
CA ALA B 172 -15.04 -36.72 -1.60
C ALA B 172 -15.44 -36.70 -0.12
N ALA B 173 -15.33 -35.57 0.57
CA ALA B 173 -15.72 -35.53 1.97
C ALA B 173 -17.21 -35.81 2.14
N ARG B 174 -17.55 -36.49 3.22
CA ARG B 174 -18.92 -36.91 3.48
C ARG B 174 -19.45 -36.12 4.67
N LEU B 175 -20.58 -35.44 4.48
CA LEU B 175 -21.15 -34.52 5.46
C LEU B 175 -22.57 -34.93 5.84
N GLY B 176 -22.83 -35.04 7.15
CA GLY B 176 -24.16 -35.33 7.65
C GLY B 176 -25.08 -34.12 7.63
N TYR B 177 -26.25 -34.28 8.24
CA TYR B 177 -27.27 -33.23 8.22
C TYR B 177 -27.29 -32.48 9.56
N GLY B 178 -28.07 -31.40 9.59
CA GLY B 178 -28.09 -30.56 10.78
C GLY B 178 -26.75 -29.92 11.06
N LEU B 179 -26.05 -29.51 10.02
CA LEU B 179 -24.73 -28.91 10.15
C LEU B 179 -24.81 -27.39 10.20
N MET B 180 -23.98 -26.78 11.03
CA MET B 180 -23.81 -25.33 11.00
C MET B 180 -22.34 -24.99 10.84
N LEU B 181 -22.02 -24.21 9.82
CA LEU B 181 -20.68 -23.65 9.63
C LEU B 181 -20.83 -22.14 9.74
N ASP B 182 -20.60 -21.60 10.93
CA ASP B 182 -20.82 -20.19 11.20
C ASP B 182 -19.63 -19.36 10.70
N HIS B 183 -19.90 -18.27 9.96
CA HIS B 183 -18.87 -17.34 9.39
C HIS B 183 -18.12 -18.02 8.24
N ALA B 184 -17.64 -19.26 8.43
CA ALA B 184 -17.08 -20.11 7.35
C ALA B 184 -15.65 -19.84 6.92
N THR B 185 -15.22 -18.61 6.88
CA THR B 185 -13.92 -18.28 6.28
C THR B 185 -12.81 -19.18 6.83
N GLY B 186 -12.07 -19.81 5.92
CA GLY B 186 -10.92 -20.60 6.29
C GLY B 186 -11.22 -22.06 6.60
N PHE B 187 -12.47 -22.48 6.52
CA PHE B 187 -12.80 -23.87 6.79
C PHE B 187 -12.17 -24.77 5.73
N VAL B 188 -11.60 -25.88 6.18
CA VAL B 188 -10.96 -26.84 5.30
C VAL B 188 -11.40 -28.23 5.74
N ALA B 189 -11.83 -29.05 4.78
CA ALA B 189 -12.11 -30.46 5.03
C ALA B 189 -11.59 -31.27 3.86
N GLY B 190 -10.71 -32.24 4.16
CA GLY B 190 -9.98 -32.94 3.13
C GLY B 190 -10.68 -34.20 2.63
N GLU B 191 -9.94 -34.94 1.82
CA GLU B 191 -10.52 -35.97 0.96
C GLU B 191 -11.25 -37.06 1.75
N THR B 192 -10.69 -37.49 2.89
CA THR B 192 -11.27 -38.61 3.64
C THR B 192 -12.01 -38.16 4.89
N ALA B 193 -12.34 -36.87 5.00
CA ALA B 193 -13.08 -36.39 6.15
C ALA B 193 -14.50 -36.91 6.13
N VAL B 194 -15.03 -37.24 7.30
CA VAL B 194 -16.41 -37.69 7.46
C VAL B 194 -17.01 -36.95 8.64
N LEU B 195 -18.17 -36.34 8.42
CA LEU B 195 -18.88 -35.60 9.46
C LEU B 195 -20.23 -36.24 9.69
N GLY B 196 -20.53 -36.52 10.95
CA GLY B 196 -21.83 -37.04 11.33
C GLY B 196 -22.90 -35.97 11.28
N ASN B 197 -23.93 -36.13 12.11
CA ASN B 197 -25.07 -35.23 12.08
C ASN B 197 -25.02 -34.29 13.27
N ASN B 198 -25.71 -33.17 13.13
CA ASN B 198 -25.88 -32.20 14.20
C ASN B 198 -24.55 -31.75 14.78
N ILE B 199 -23.66 -31.32 13.89
CA ILE B 199 -22.36 -30.79 14.26
C ILE B 199 -22.37 -29.29 14.00
N SER B 200 -21.68 -28.54 14.85
CA SER B 200 -21.56 -27.10 14.71
C SER B 200 -20.09 -26.74 14.62
N ILE B 201 -19.73 -25.97 13.61
CA ILE B 201 -18.34 -25.70 13.26
C ILE B 201 -18.18 -24.21 13.07
N LEU B 202 -17.12 -23.64 13.61
CA LEU B 202 -16.84 -22.22 13.42
C LEU B 202 -15.85 -22.01 12.28
N HIS B 203 -15.70 -20.75 11.86
CA HIS B 203 -14.74 -20.39 10.83
C HIS B 203 -13.32 -20.83 11.21
N GLY B 204 -12.48 -21.01 10.18
CA GLY B 204 -11.07 -21.33 10.41
C GLY B 204 -10.78 -22.75 10.86
N VAL B 205 -11.78 -23.60 10.96
CA VAL B 205 -11.56 -24.95 11.45
C VAL B 205 -10.97 -25.81 10.34
N THR B 206 -10.02 -26.67 10.70
CA THR B 206 -9.38 -27.57 9.77
C THR B 206 -9.65 -29.02 10.17
N LEU B 207 -10.24 -29.78 9.24
CA LEU B 207 -10.32 -31.23 9.32
C LEU B 207 -9.30 -31.73 8.29
N GLY B 208 -8.05 -31.80 8.72
CA GLY B 208 -6.92 -31.90 7.82
C GLY B 208 -6.29 -33.28 7.80
N GLY B 209 -5.45 -33.48 6.79
CA GLY B 209 -4.77 -34.73 6.62
C GLY B 209 -3.38 -34.73 7.24
N SER B 210 -2.75 -35.89 7.17
CA SER B 210 -1.37 -36.06 7.58
C SER B 210 -0.71 -37.03 6.63
N GLY B 211 0.53 -36.76 6.29
CA GLY B 211 1.31 -37.65 5.45
C GLY B 211 1.09 -37.42 3.97
N LYS B 212 1.99 -37.98 3.17
CA LYS B 212 1.97 -37.83 1.73
C LYS B 212 1.30 -39.00 1.02
N GLU B 213 0.76 -39.96 1.78
CA GLU B 213 0.15 -41.16 1.23
C GLU B 213 -1.37 -41.03 1.17
N GLY B 214 -1.96 -41.71 0.19
CA GLY B 214 -3.41 -41.81 0.12
C GLY B 214 -3.97 -42.71 1.22
N GLY B 215 -5.27 -42.92 1.16
CA GLY B 215 -5.98 -43.66 2.18
C GLY B 215 -6.51 -42.76 3.29
N ASP B 216 -7.26 -43.39 4.21
CA ASP B 216 -7.89 -42.66 5.31
C ASP B 216 -6.86 -41.89 6.11
N ARG B 217 -6.99 -40.55 6.11
CA ARG B 217 -5.99 -39.72 6.76
C ARG B 217 -6.58 -38.41 7.28
N HIS B 218 -7.90 -38.25 7.28
CA HIS B 218 -8.59 -37.07 7.77
C HIS B 218 -9.54 -37.46 8.91
N PRO B 219 -9.96 -36.51 9.74
CA PRO B 219 -10.79 -36.86 10.90
C PRO B 219 -12.15 -37.40 10.51
N LYS B 220 -12.71 -38.19 11.41
CA LYS B 220 -14.10 -38.60 11.34
C LYS B 220 -14.77 -38.07 12.60
N ILE B 221 -15.81 -37.25 12.42
CA ILE B 221 -16.42 -36.47 13.51
C ILE B 221 -17.79 -37.06 13.83
N GLY B 222 -18.03 -37.37 15.11
CA GLY B 222 -19.29 -37.93 15.53
C GLY B 222 -20.40 -36.90 15.73
N ASP B 223 -21.62 -37.40 15.90
CA ASP B 223 -22.78 -36.54 16.12
C ASP B 223 -22.60 -35.63 17.33
N GLY B 224 -23.25 -34.47 17.27
CA GLY B 224 -23.34 -33.55 18.39
C GLY B 224 -22.10 -32.74 18.68
N VAL B 225 -21.02 -32.94 17.94
CA VAL B 225 -19.76 -32.25 18.23
C VAL B 225 -19.90 -30.75 17.95
N MET B 226 -19.20 -29.96 18.76
CA MET B 226 -18.98 -28.55 18.52
C MET B 226 -17.48 -28.31 18.37
N ILE B 227 -17.09 -27.56 17.34
CA ILE B 227 -15.68 -27.24 17.11
C ILE B 227 -15.52 -25.73 17.08
N GLY B 228 -14.71 -25.19 18.01
CA GLY B 228 -14.55 -23.76 18.13
C GLY B 228 -13.65 -23.18 17.04
N ALA B 229 -13.63 -21.85 16.98
CA ALA B 229 -12.95 -21.16 15.88
C ALA B 229 -11.47 -21.50 15.82
N ASN B 230 -10.97 -21.73 14.60
CA ASN B 230 -9.55 -21.92 14.28
C ASN B 230 -8.94 -23.13 14.95
N ALA B 231 -9.77 -24.10 15.34
CA ALA B 231 -9.25 -25.39 15.79
C ALA B 231 -8.82 -26.23 14.58
N SER B 232 -7.82 -27.07 14.79
CA SER B 232 -7.37 -28.01 13.77
C SER B 232 -7.44 -29.44 14.29
N ILE B 233 -8.02 -30.31 13.48
CA ILE B 233 -8.14 -31.74 13.77
C ILE B 233 -7.46 -32.41 12.60
N LEU B 234 -6.33 -33.07 12.87
CA LEU B 234 -5.43 -33.54 11.83
C LEU B 234 -5.21 -35.04 11.94
N GLY B 235 -5.26 -35.72 10.81
CA GLY B 235 -4.99 -37.13 10.74
C GLY B 235 -6.24 -37.99 10.79
N ASN B 236 -6.03 -39.29 10.60
CA ASN B 236 -7.11 -40.28 10.60
C ASN B 236 -7.48 -40.63 12.04
N ILE B 237 -8.08 -39.65 12.72
CA ILE B 237 -8.46 -39.80 14.11
C ILE B 237 -9.97 -39.66 14.20
N ARG B 238 -10.52 -40.19 15.29
CA ARG B 238 -11.96 -40.19 15.52
C ARG B 238 -12.30 -39.22 16.64
N ILE B 239 -13.31 -38.39 16.40
CA ILE B 239 -13.85 -37.52 17.43
C ILE B 239 -15.19 -38.11 17.85
N GLY B 240 -15.27 -38.54 19.10
CA GLY B 240 -16.45 -39.22 19.57
C GLY B 240 -17.65 -38.30 19.64
N SER B 241 -18.84 -38.90 19.61
CA SER B 241 -20.08 -38.14 19.67
C SER B 241 -20.09 -37.23 20.88
N ASN B 242 -20.69 -36.05 20.70
CA ASN B 242 -20.90 -35.07 21.76
C ASN B 242 -19.60 -34.59 22.37
N ALA B 243 -18.47 -34.84 21.72
CA ALA B 243 -17.23 -34.21 22.17
C ALA B 243 -17.31 -32.72 21.86
N LYS B 244 -16.40 -31.97 22.49
CA LYS B 244 -16.31 -30.53 22.30
C LYS B 244 -14.84 -30.18 22.07
N ILE B 245 -14.56 -29.51 20.95
CA ILE B 245 -13.20 -29.07 20.61
C ILE B 245 -13.15 -27.56 20.82
N GLY B 246 -12.37 -27.12 21.80
CA GLY B 246 -12.30 -25.70 22.08
C GLY B 246 -11.64 -24.93 20.96
N ALA B 247 -12.01 -23.66 20.85
CA ALA B 247 -11.39 -22.80 19.85
C ALA B 247 -9.87 -22.86 19.96
N GLY B 248 -9.20 -22.84 18.82
CA GLY B 248 -7.75 -22.81 18.83
C GLY B 248 -7.06 -24.11 19.19
N SER B 249 -7.79 -25.18 19.43
CA SER B 249 -7.14 -26.44 19.76
C SER B 249 -6.50 -27.09 18.54
N VAL B 250 -5.45 -27.87 18.76
CA VAL B 250 -4.87 -28.72 17.72
C VAL B 250 -4.91 -30.16 18.22
N VAL B 251 -5.78 -30.96 17.59
CA VAL B 251 -6.09 -32.32 18.02
C VAL B 251 -5.41 -33.28 17.06
N VAL B 252 -4.55 -34.15 17.59
CA VAL B 252 -3.83 -35.13 16.77
C VAL B 252 -4.01 -36.55 17.31
N SER B 253 -4.88 -36.71 18.31
CA SER B 253 -5.23 -38.02 18.84
C SER B 253 -6.74 -38.10 18.97
N ASP B 254 -7.26 -39.34 19.00
CA ASP B 254 -8.69 -39.58 19.17
C ASP B 254 -9.19 -38.86 20.42
N VAL B 255 -10.46 -38.46 20.38
CA VAL B 255 -11.13 -37.87 21.52
C VAL B 255 -12.35 -38.73 21.81
N PRO B 256 -12.51 -39.25 23.02
CA PRO B 256 -13.65 -40.12 23.32
C PRO B 256 -14.94 -39.31 23.39
N PRO B 257 -16.09 -39.97 23.27
CA PRO B 257 -17.37 -39.25 23.37
C PRO B 257 -17.45 -38.40 24.63
N SER B 258 -18.16 -37.29 24.52
CA SER B 258 -18.57 -36.48 25.67
C SER B 258 -17.39 -35.88 26.41
N ILE B 259 -16.25 -35.73 25.74
CA ILE B 259 -15.06 -35.11 26.33
C ILE B 259 -14.84 -33.75 25.68
N THR B 260 -14.41 -32.78 26.48
CA THR B 260 -13.96 -31.48 26.00
C THR B 260 -12.44 -31.44 26.04
N VAL B 261 -11.80 -31.04 24.92
CA VAL B 261 -10.35 -30.92 24.82
C VAL B 261 -9.98 -29.48 24.51
N VAL B 262 -8.82 -29.05 25.00
CA VAL B 262 -8.35 -27.66 24.86
C VAL B 262 -6.84 -27.69 24.73
N GLY B 263 -6.30 -26.79 23.90
CA GLY B 263 -4.87 -26.51 23.95
C GLY B 263 -4.13 -26.93 22.68
N VAL B 264 -2.84 -26.63 22.70
CA VAL B 264 -1.93 -26.99 21.62
C VAL B 264 -0.75 -27.74 22.20
N PRO B 265 -0.72 -29.08 22.13
CA PRO B 265 -1.77 -29.95 21.57
C PRO B 265 -2.97 -30.07 22.52
N ALA B 266 -4.10 -30.53 22.00
CA ALA B 266 -5.33 -30.56 22.76
C ALA B 266 -5.29 -31.72 23.74
N LYS B 267 -5.81 -31.47 24.96
CA LYS B 267 -5.88 -32.48 26.01
C LYS B 267 -7.25 -32.43 26.67
N PRO B 268 -7.78 -33.59 27.08
CA PRO B 268 -9.07 -33.59 27.79
C PRO B 268 -9.00 -32.73 29.05
N VAL B 269 -10.07 -31.95 29.29
CA VAL B 269 -10.09 -31.04 30.42
C VAL B 269 -11.42 -31.07 31.16
N ALA B 270 -12.45 -31.67 30.57
CA ALA B 270 -13.77 -31.68 31.20
C ALA B 270 -14.70 -32.62 30.45
N ARG B 271 -15.82 -32.95 31.10
CA ARG B 271 -16.92 -33.66 30.47
C ARG B 271 -17.82 -32.67 29.74
N SER B 272 -18.23 -33.03 28.53
CA SER B 272 -18.94 -32.06 27.70
C SER B 272 -20.44 -32.00 27.98
N LEU B 273 -21.03 -32.99 28.64
CA LEU B 273 -22.47 -33.04 28.82
C LEU B 273 -22.84 -33.15 30.29
N LYS B 274 -23.91 -32.44 30.67
CA LYS B 274 -24.50 -32.54 32.00
C LYS B 274 -25.74 -33.43 31.88
N THR B 275 -25.68 -34.59 32.50
CA THR B 275 -26.79 -35.52 32.51
C THR B 275 -27.94 -35.02 33.39
N PRO B 276 -29.18 -35.43 33.09
CA PRO B 276 -30.29 -35.07 33.98
C PRO B 276 -30.08 -35.48 35.44
N SER B 277 -29.44 -36.63 35.67
CA SER B 277 -29.18 -37.08 37.04
C SER B 277 -28.24 -36.15 37.78
N ALA B 278 -27.40 -35.41 37.06
CA ALA B 278 -26.52 -34.47 37.73
C ALA B 278 -27.22 -33.14 37.99
N ASP B 279 -28.14 -32.74 37.11
CA ASP B 279 -28.75 -31.41 37.22
C ASP B 279 -29.93 -31.39 38.17
N MET B 280 -30.65 -32.51 38.28
CA MET B 280 -31.79 -32.65 39.20
C MET B 280 -32.89 -31.60 38.97
N ASP B 281 -33.06 -31.16 37.71
CA ASP B 281 -34.12 -30.22 37.37
C ASP B 281 -35.47 -30.94 37.31
N GLN B 282 -36.40 -30.57 38.19
CA GLN B 282 -37.65 -31.30 38.33
C GLN B 282 -38.77 -30.71 37.49
N ASN B 283 -38.50 -29.70 36.66
CA ASN B 283 -39.57 -29.07 35.89
C ASN B 283 -40.19 -30.04 34.90
N ILE B 284 -41.50 -29.98 34.79
CA ILE B 284 -42.23 -30.82 33.85
C ILE B 284 -42.98 -29.93 32.87
N ASN C 25 32.65 -21.71 -28.37
CA ASN C 25 31.97 -20.55 -27.81
C ASN C 25 30.44 -20.67 -27.88
N HIS C 26 29.75 -19.62 -27.43
CA HIS C 26 28.29 -19.70 -27.31
C HIS C 26 27.57 -19.67 -28.65
N LEU C 27 28.25 -19.32 -29.73
CA LEU C 27 27.66 -19.44 -31.06
C LEU C 27 27.96 -20.79 -31.70
N ASN C 28 29.09 -21.42 -31.32
CA ASN C 28 29.41 -22.77 -31.78
C ASN C 28 28.78 -23.88 -30.94
N THR C 29 29.15 -23.96 -29.67
CA THR C 29 28.61 -24.96 -28.76
C THR C 29 27.17 -24.59 -28.42
N PHE C 32 26.76 -24.92 -24.51
CA PHE C 32 27.86 -24.05 -24.07
C PHE C 32 27.66 -23.62 -22.62
N ASP C 33 28.74 -23.65 -21.85
CA ASP C 33 28.72 -23.27 -20.43
C ASP C 33 29.64 -22.06 -20.26
N LEU C 34 29.03 -20.89 -20.03
CA LEU C 34 29.79 -19.65 -19.90
C LEU C 34 30.67 -19.66 -18.66
N TRP C 35 30.13 -20.12 -17.53
CA TRP C 35 30.91 -20.13 -16.29
C TRP C 35 32.11 -21.06 -16.41
N HIS C 36 31.90 -22.26 -16.96
CA HIS C 36 33.01 -23.19 -17.11
C HIS C 36 34.07 -22.67 -18.08
N THR C 37 33.64 -22.05 -19.20
CA THR C 37 34.63 -21.49 -20.11
C THR C 37 35.47 -20.42 -19.42
N ILE C 38 34.82 -19.57 -18.62
CA ILE C 38 35.54 -18.51 -17.90
C ILE C 38 36.57 -19.12 -16.96
N ARG C 39 36.19 -20.17 -16.22
CA ARG C 39 37.14 -20.84 -15.34
C ARG C 39 38.30 -21.44 -16.11
N GLU C 40 38.01 -22.07 -17.25
CA GLU C 40 39.09 -22.68 -18.04
C GLU C 40 40.03 -21.61 -18.59
N GLU C 41 39.47 -20.51 -19.08
CA GLU C 41 40.31 -19.38 -19.51
C GLU C 41 41.16 -18.87 -18.35
N THR C 42 40.57 -18.78 -17.17
CA THR C 42 41.26 -18.18 -16.02
C THR C 42 42.38 -19.09 -15.51
N ALA C 43 42.11 -20.38 -15.41
CA ALA C 43 43.18 -21.31 -15.02
C ALA C 43 44.35 -21.21 -16.00
N ALA C 44 44.04 -21.07 -17.29
CA ALA C 44 45.07 -20.88 -18.29
C ALA C 44 45.86 -19.60 -18.02
N ALA C 45 45.17 -18.50 -17.70
CA ALA C 45 45.87 -17.24 -17.46
C ALA C 45 46.76 -17.34 -16.22
N ALA C 46 46.25 -17.95 -15.15
CA ALA C 46 47.05 -18.10 -13.93
C ALA C 46 48.30 -18.93 -14.18
N ALA C 47 48.18 -19.98 -14.99
CA ALA C 47 49.34 -20.81 -15.30
C ALA C 47 50.39 -20.01 -16.06
N ALA C 48 49.95 -19.10 -16.92
CA ALA C 48 50.86 -18.33 -17.78
C ALA C 48 51.50 -17.15 -17.06
N GLU C 49 50.79 -16.54 -16.10
CA GLU C 49 51.22 -15.30 -15.48
C GLU C 49 51.22 -15.48 -13.97
N PRO C 50 52.29 -16.06 -13.42
CA PRO C 50 52.25 -16.50 -12.01
C PRO C 50 52.12 -15.36 -11.04
N MET C 51 52.49 -14.15 -11.42
CA MET C 51 52.28 -13.07 -10.47
C MET C 51 50.82 -12.64 -10.39
N LEU C 52 49.99 -13.03 -11.36
CA LEU C 52 48.56 -12.77 -11.31
C LEU C 52 47.78 -13.97 -10.82
N ALA C 53 48.46 -15.07 -10.51
CA ALA C 53 47.78 -16.32 -10.19
C ALA C 53 46.89 -16.19 -8.96
N SER C 54 47.38 -15.53 -7.90
CA SER C 54 46.60 -15.42 -6.68
C SER C 54 45.43 -14.47 -6.86
N PHE C 55 45.64 -13.39 -7.62
CA PHE C 55 44.53 -12.52 -8.00
C PHE C 55 43.43 -13.32 -8.71
N LEU C 56 43.82 -14.13 -9.70
CA LEU C 56 42.83 -14.92 -10.45
C LEU C 56 42.18 -16.00 -9.59
N HIS C 57 42.94 -16.61 -8.67
CA HIS C 57 42.35 -17.60 -7.79
C HIS C 57 41.37 -16.96 -6.82
N GLN C 58 41.73 -15.80 -6.27
CA GLN C 58 40.87 -15.15 -5.30
C GLN C 58 39.67 -14.47 -5.95
N THR C 59 39.82 -13.97 -7.19
CA THR C 59 38.70 -13.28 -7.84
C THR C 59 37.76 -14.23 -8.57
N VAL C 60 38.30 -15.29 -9.16
CA VAL C 60 37.50 -16.18 -10.00
C VAL C 60 37.47 -17.62 -9.47
N LEU C 61 38.63 -18.27 -9.41
CA LEU C 61 38.64 -19.73 -9.30
C LEU C 61 38.11 -20.23 -7.95
N ARG C 62 38.32 -19.48 -6.87
CA ARG C 62 37.81 -19.91 -5.57
C ARG C 62 36.29 -19.82 -5.49
N HIS C 63 35.65 -19.09 -6.40
CA HIS C 63 34.21 -18.89 -6.35
C HIS C 63 33.48 -20.01 -7.08
N GLU C 64 32.18 -20.11 -6.80
CA GLU C 64 31.35 -21.18 -7.35
C GLU C 64 30.27 -20.69 -8.30
N SER C 65 30.18 -19.39 -8.54
CA SER C 65 29.22 -18.85 -9.50
C SER C 65 29.77 -17.55 -10.07
N LEU C 66 29.28 -17.21 -11.27
CA LEU C 66 29.68 -15.97 -11.92
C LEU C 66 29.28 -14.77 -11.09
N GLY C 67 28.09 -14.82 -10.47
CA GLY C 67 27.63 -13.71 -9.66
C GLY C 67 28.55 -13.40 -8.48
N SER C 68 29.10 -14.44 -7.85
CA SER C 68 29.99 -14.20 -6.71
C SER C 68 31.30 -13.57 -7.18
N VAL C 69 31.78 -13.99 -8.34
CA VAL C 69 32.96 -13.37 -8.96
C VAL C 69 32.71 -11.89 -9.24
N LEU C 70 31.53 -11.58 -9.78
CA LEU C 70 31.23 -10.19 -10.13
C LEU C 70 31.18 -9.32 -8.89
N ALA C 71 30.52 -9.80 -7.84
CA ALA C 71 30.46 -9.05 -6.59
C ALA C 71 31.86 -8.84 -6.03
N TYR C 72 32.69 -9.87 -6.07
CA TYR C 72 34.05 -9.73 -5.56
C TYR C 72 34.84 -8.71 -6.37
N HIS C 73 34.88 -8.85 -7.70
CA HIS C 73 35.69 -7.97 -8.52
C HIS C 73 35.17 -6.53 -8.49
N LEU C 74 33.85 -6.33 -8.53
CA LEU C 74 33.32 -4.97 -8.44
C LEU C 74 33.68 -4.33 -7.12
N SER C 75 33.64 -5.10 -6.03
CA SER C 75 34.02 -4.53 -4.74
C SER C 75 35.52 -4.24 -4.67
N SER C 76 36.35 -4.99 -5.40
CA SER C 76 37.77 -4.63 -5.43
C SER C 76 37.96 -3.29 -6.12
N LYS C 77 37.16 -3.03 -7.17
CA LYS C 77 37.28 -1.80 -7.96
C LYS C 77 36.78 -0.59 -7.20
N LEU C 78 35.63 -0.72 -6.51
CA LEU C 78 34.94 0.43 -5.93
C LEU C 78 35.14 0.58 -4.43
N GLY C 79 35.74 -0.41 -3.76
CA GLY C 79 36.03 -0.28 -2.34
C GLY C 79 36.90 0.93 -2.06
N SER C 80 36.73 1.50 -0.87
CA SER C 80 37.49 2.70 -0.52
C SER C 80 37.51 2.82 1.00
N PRO C 81 38.24 3.81 1.54
CA PRO C 81 38.20 4.01 3.00
C PRO C 81 36.80 4.20 3.55
N ILE C 82 35.95 4.96 2.87
CA ILE C 82 34.58 5.15 3.35
C ILE C 82 33.83 3.83 3.42
N MET C 83 34.00 2.99 2.40
CA MET C 83 33.32 1.67 2.40
C MET C 83 34.28 0.64 1.83
N ASP C 84 34.86 -0.16 2.71
CA ASP C 84 35.94 -1.12 2.38
C ASP C 84 35.48 -2.25 1.47
N VAL C 85 36.42 -2.91 0.83
CA VAL C 85 36.10 -3.97 -0.13
C VAL C 85 35.22 -5.04 0.50
N ARG C 86 35.44 -5.35 1.78
CA ARG C 86 34.66 -6.41 2.44
C ARG C 86 33.19 -6.04 2.57
N ALA C 87 32.91 -4.85 3.08
CA ALA C 87 31.52 -4.40 3.25
C ALA C 87 30.81 -4.33 1.90
N LEU C 88 31.47 -3.77 0.89
CA LEU C 88 30.86 -3.66 -0.44
C LEU C 88 30.60 -5.03 -1.05
N PHE C 89 31.53 -5.98 -0.85
CA PHE C 89 31.32 -7.35 -1.28
C PHE C 89 30.03 -7.93 -0.69
N GLU C 90 29.79 -7.71 0.60
CA GLU C 90 28.59 -8.25 1.22
C GLU C 90 27.35 -7.56 0.67
N ILE C 91 27.41 -6.24 0.49
CA ILE C 91 26.27 -5.53 -0.08
C ILE C 91 25.99 -6.03 -1.49
N TYR C 92 27.04 -6.22 -2.29
CA TYR C 92 26.84 -6.66 -3.67
C TYR C 92 26.29 -8.08 -3.74
N GLN C 93 26.78 -8.98 -2.89
CA GLN C 93 26.25 -10.34 -2.87
C GLN C 93 24.78 -10.33 -2.46
N GLN C 94 24.44 -9.49 -1.47
CA GLN C 94 23.05 -9.40 -1.04
C GLN C 94 22.16 -8.85 -2.15
N ALA C 95 22.61 -7.80 -2.84
CA ALA C 95 21.80 -7.24 -3.92
C ALA C 95 21.60 -8.24 -5.05
N LEU C 96 22.67 -8.93 -5.46
CA LEU C 96 22.53 -9.95 -6.49
C LEU C 96 21.59 -11.05 -6.04
N GLY C 97 21.73 -11.49 -4.80
CA GLY C 97 20.86 -12.54 -4.29
C GLY C 97 19.40 -12.12 -4.26
N SER C 98 19.14 -10.82 -4.11
CA SER C 98 17.77 -10.32 -4.07
C SER C 98 17.10 -10.25 -5.44
N ASP C 99 17.87 -10.35 -6.52
CA ASP C 99 17.28 -10.28 -7.85
C ASP C 99 18.18 -11.09 -8.79
N THR C 100 17.83 -12.36 -8.96
CA THR C 100 18.63 -13.29 -9.73
C THR C 100 18.69 -12.92 -11.21
N GLN C 101 17.83 -12.00 -11.67
CA GLN C 101 17.87 -11.60 -13.08
C GLN C 101 19.05 -10.69 -13.43
N ILE C 102 19.60 -9.98 -12.45
CA ILE C 102 20.81 -9.19 -12.69
C ILE C 102 21.89 -10.06 -13.32
N SER C 103 22.22 -11.18 -12.67
CA SER C 103 23.22 -12.06 -13.23
C SER C 103 22.86 -12.55 -14.62
N LYS C 104 21.56 -12.73 -14.92
CA LYS C 104 21.13 -13.04 -16.29
C LYS C 104 21.52 -11.94 -17.26
N CYS C 105 21.32 -10.67 -16.88
CA CYS C 105 21.76 -9.61 -17.78
C CYS C 105 23.27 -9.59 -17.90
N VAL C 106 23.97 -9.90 -16.81
CA VAL C 106 25.44 -9.98 -16.83
C VAL C 106 25.89 -10.97 -17.90
N GLU C 107 25.30 -12.16 -17.91
CA GLU C 107 25.69 -13.17 -18.89
C GLU C 107 25.38 -12.71 -20.31
N ALA C 108 24.22 -12.07 -20.50
CA ALA C 108 23.88 -11.59 -21.84
C ALA C 108 24.86 -10.53 -22.30
N ASP C 109 25.25 -9.62 -21.42
CA ASP C 109 26.23 -8.59 -21.75
C ASP C 109 27.56 -9.20 -22.14
N LEU C 110 28.03 -10.20 -21.39
CA LEU C 110 29.31 -10.82 -21.71
C LEU C 110 29.28 -11.44 -23.10
N LYS C 111 28.18 -12.12 -23.43
CA LYS C 111 28.05 -12.73 -24.75
C LYS C 111 27.96 -11.66 -25.84
N ALA C 112 27.28 -10.56 -25.55
CA ALA C 112 27.21 -9.47 -26.52
C ALA C 112 28.59 -8.89 -26.81
N ILE C 113 29.41 -8.70 -25.78
CA ILE C 113 30.75 -8.17 -26.01
C ILE C 113 31.57 -9.14 -26.84
N TYR C 114 31.48 -10.43 -26.51
CA TYR C 114 32.19 -11.45 -27.28
C TYR C 114 31.80 -11.39 -28.76
N GLU C 115 30.51 -11.23 -29.04
CA GLU C 115 30.03 -11.20 -30.42
C GLU C 115 30.49 -9.94 -31.13
N ARG C 116 30.36 -8.78 -30.49
CA ARG C 116 30.41 -7.52 -31.20
C ARG C 116 31.78 -6.85 -31.17
N ASP C 117 32.63 -7.21 -30.21
CA ASP C 117 33.89 -6.52 -30.04
C ASP C 117 35.00 -7.39 -30.58
N PRO C 118 35.59 -7.06 -31.73
CA PRO C 118 36.67 -7.90 -32.28
C PRO C 118 37.91 -7.97 -31.40
N ALA C 119 38.09 -7.03 -30.46
CA ALA C 119 39.19 -7.14 -29.51
C ALA C 119 38.94 -8.20 -28.44
N CYS C 120 37.76 -8.79 -28.40
CA CYS C 120 37.41 -9.74 -27.35
C CYS C 120 37.26 -11.13 -27.96
N ASP C 121 38.20 -12.01 -27.63
CA ASP C 121 38.18 -13.41 -28.02
C ASP C 121 38.06 -14.35 -26.82
N GLU C 122 37.90 -13.82 -25.61
CA GLU C 122 37.74 -14.63 -24.41
C GLU C 122 36.68 -13.97 -23.53
N TYR C 123 35.83 -14.80 -22.92
CA TYR C 123 34.76 -14.25 -22.11
C TYR C 123 35.29 -13.57 -20.85
N SER C 124 36.40 -14.07 -20.31
CA SER C 124 36.88 -13.48 -19.07
C SER C 124 37.59 -12.15 -19.28
N LEU C 125 37.92 -11.79 -20.52
CA LEU C 125 38.61 -10.51 -20.73
C LEU C 125 37.73 -9.32 -20.35
N PRO C 126 36.50 -9.18 -20.86
CA PRO C 126 35.65 -8.09 -20.36
C PRO C 126 35.30 -8.24 -18.90
N LEU C 127 35.05 -9.48 -18.43
CA LEU C 127 34.72 -9.71 -17.04
C LEU C 127 35.74 -9.08 -16.12
N LEU C 128 37.02 -9.28 -16.42
CA LEU C 128 38.06 -8.82 -15.51
C LEU C 128 38.63 -7.46 -15.85
N TYR C 129 38.66 -7.07 -17.14
CA TYR C 129 39.46 -5.94 -17.57
C TYR C 129 38.76 -4.85 -18.37
N PHE C 130 37.46 -4.93 -18.63
CA PHE C 130 36.79 -3.92 -19.46
C PHE C 130 35.98 -2.98 -18.55
N LYS C 131 36.43 -1.72 -18.50
CA LYS C 131 35.84 -0.71 -17.64
C LYS C 131 34.34 -0.54 -17.91
N GLY C 132 33.93 -0.59 -19.18
CA GLY C 132 32.53 -0.40 -19.51
C GLY C 132 31.65 -1.52 -19.00
N PHE C 133 32.15 -2.76 -19.06
CA PHE C 133 31.40 -3.88 -18.49
C PHE C 133 31.20 -3.71 -16.98
N HIS C 134 32.27 -3.31 -16.28
CA HIS C 134 32.18 -3.12 -14.83
C HIS C 134 31.19 -2.01 -14.46
N ALA C 135 31.23 -0.88 -15.18
CA ALA C 135 30.34 0.23 -14.89
C ALA C 135 28.88 -0.17 -15.04
N ILE C 136 28.57 -0.92 -16.10
CA ILE C 136 27.19 -1.32 -16.35
C ILE C 136 26.68 -2.24 -15.24
N GLN C 137 27.50 -3.24 -14.87
CA GLN C 137 27.07 -4.16 -13.82
C GLN C 137 27.04 -3.48 -12.47
N ALA C 138 27.99 -2.58 -12.22
CA ALA C 138 27.92 -1.77 -11.00
C ALA C 138 26.62 -0.99 -10.96
N HIS C 139 26.18 -0.46 -12.11
CA HIS C 139 24.93 0.28 -12.13
C HIS C 139 23.73 -0.62 -11.84
N ARG C 140 23.68 -1.82 -12.41
CA ARG C 140 22.57 -2.72 -12.14
C ARG C 140 22.38 -2.95 -10.63
N ILE C 141 23.48 -3.10 -9.90
CA ILE C 141 23.38 -3.24 -8.44
C ILE C 141 22.92 -1.93 -7.82
N ASN C 142 23.46 -0.80 -8.27
CA ASN C 142 23.03 0.51 -7.78
C ASN C 142 21.53 0.70 -7.98
N HIS C 143 21.03 0.31 -9.15
CA HIS C 143 19.62 0.45 -9.46
C HIS C 143 18.77 -0.33 -8.48
N ARG C 144 19.21 -1.55 -8.15
CA ARG C 144 18.50 -2.37 -7.16
C ARG C 144 18.50 -1.71 -5.80
N LEU C 145 19.67 -1.23 -5.35
CA LEU C 145 19.77 -0.54 -4.06
C LEU C 145 18.87 0.70 -4.04
N TYR C 146 18.88 1.48 -5.12
CA TYR C 146 18.11 2.70 -5.23
C TYR C 146 16.62 2.42 -5.14
N LEU C 147 16.14 1.41 -5.88
CA LEU C 147 14.72 1.06 -5.85
C LEU C 147 14.32 0.49 -4.49
N ASP C 148 15.26 -0.18 -3.80
CA ASP C 148 15.03 -0.61 -2.42
C ASP C 148 14.90 0.55 -1.44
N GLY C 149 15.14 1.79 -1.88
CA GLY C 149 15.09 2.91 -0.96
C GLY C 149 16.45 3.36 -0.42
N ARG C 150 17.53 2.69 -0.78
CA ARG C 150 18.85 3.04 -0.27
C ARG C 150 19.51 4.07 -1.18
N LYS C 151 18.90 5.25 -1.22
CA LYS C 151 19.32 6.27 -2.18
C LYS C 151 20.68 6.86 -1.81
N THR C 152 20.94 7.08 -0.52
CA THR C 152 22.22 7.62 -0.10
C THR C 152 23.37 6.71 -0.48
N LEU C 153 23.22 5.41 -0.22
CA LEU C 153 24.22 4.44 -0.63
C LEU C 153 24.36 4.43 -2.15
N ALA C 154 23.24 4.50 -2.87
CA ALA C 154 23.29 4.50 -4.32
C ALA C 154 23.97 5.76 -4.85
N TYR C 155 23.78 6.90 -4.19
CA TYR C 155 24.43 8.13 -4.63
C TYR C 155 25.94 8.07 -4.35
N PHE C 156 26.31 7.52 -3.18
CA PHE C 156 27.72 7.29 -2.88
C PHE C 156 28.37 6.42 -3.96
N LEU C 157 27.73 5.31 -4.32
CA LEU C 157 28.32 4.41 -5.31
C LEU C 157 28.29 4.99 -6.71
N GLN C 158 27.27 5.78 -7.05
CA GLN C 158 27.28 6.48 -8.34
C GLN C 158 28.50 7.37 -8.47
N ASN C 159 28.83 8.11 -7.42
CA ASN C 159 30.02 8.97 -7.43
C ASN C 159 31.28 8.12 -7.48
N ARG C 160 31.30 7.01 -6.75
CA ARG C 160 32.44 6.11 -6.76
C ARG C 160 32.69 5.55 -8.16
N MET C 161 31.62 5.10 -8.84
CA MET C 161 31.73 4.64 -10.23
C MET C 161 32.26 5.74 -11.13
N SER C 162 31.75 6.97 -10.95
CA SER C 162 32.22 8.06 -11.78
C SER C 162 33.71 8.31 -11.58
N GLU C 163 34.18 8.29 -10.33
CA GLU C 163 35.60 8.52 -10.06
C GLU C 163 36.44 7.39 -10.65
N VAL C 164 36.09 6.14 -10.35
CA VAL C 164 36.97 5.02 -10.68
C VAL C 164 36.88 4.66 -12.16
N PHE C 165 35.67 4.62 -12.72
CA PHE C 165 35.44 4.21 -14.10
C PHE C 165 35.29 5.38 -15.07
N GLY C 166 35.15 6.61 -14.59
CA GLY C 166 34.89 7.69 -15.52
C GLY C 166 33.50 7.64 -16.15
N VAL C 167 32.57 6.95 -15.49
CA VAL C 167 31.23 6.69 -16.02
C VAL C 167 30.22 7.21 -15.01
N ASP C 168 29.27 8.03 -15.48
CA ASP C 168 28.26 8.60 -14.59
C ASP C 168 26.88 8.08 -15.04
N ILE C 169 26.34 7.11 -14.31
CA ILE C 169 25.01 6.57 -14.57
C ILE C 169 24.15 6.82 -13.33
N HIS C 170 23.07 7.56 -13.52
CA HIS C 170 22.13 7.79 -12.42
C HIS C 170 21.50 6.46 -12.02
N PRO C 171 21.40 6.18 -10.71
CA PRO C 171 20.82 4.90 -10.27
C PRO C 171 19.40 4.65 -10.77
N ALA C 172 18.63 5.70 -11.07
CA ALA C 172 17.26 5.52 -11.54
C ALA C 172 17.18 5.11 -13.00
N ALA C 173 18.27 5.25 -13.77
CA ALA C 173 18.28 4.81 -15.17
C ALA C 173 17.99 3.31 -15.29
N ARG C 174 17.31 2.93 -16.38
CA ARG C 174 16.90 1.56 -16.61
C ARG C 174 17.63 1.00 -17.83
N LEU C 175 18.39 -0.08 -17.63
CA LEU C 175 19.21 -0.66 -18.69
C LEU C 175 18.74 -2.08 -18.96
N GLY C 176 18.57 -2.42 -20.24
CA GLY C 176 18.26 -3.78 -20.64
C GLY C 176 19.48 -4.67 -20.63
N TYR C 177 19.37 -5.81 -21.31
CA TYR C 177 20.44 -6.80 -21.34
C TYR C 177 21.09 -6.81 -22.71
N GLY C 178 22.22 -7.53 -22.81
CA GLY C 178 22.98 -7.56 -24.06
C GLY C 178 23.56 -6.22 -24.44
N LEU C 179 23.90 -5.41 -23.44
CA LEU C 179 24.42 -4.07 -23.66
C LEU C 179 25.95 -4.14 -23.72
N MET C 180 26.54 -3.35 -24.61
CA MET C 180 27.99 -3.23 -24.67
C MET C 180 28.36 -1.76 -24.61
N LEU C 181 29.21 -1.40 -23.65
CA LEU C 181 29.77 -0.06 -23.54
C LEU C 181 31.29 -0.18 -23.74
N ASP C 182 31.74 0.04 -24.97
CA ASP C 182 33.15 -0.15 -25.31
C ASP C 182 33.97 1.06 -24.87
N HIS C 183 35.10 0.83 -24.20
CA HIS C 183 36.05 1.88 -23.69
C HIS C 183 35.44 2.59 -22.49
N ALA C 184 34.23 3.12 -22.63
CA ALA C 184 33.37 3.61 -21.55
C ALA C 184 33.63 5.03 -21.09
N THR C 185 34.89 5.47 -21.13
CA THR C 185 35.27 6.76 -20.54
C THR C 185 34.33 7.88 -21.00
N GLY C 186 33.78 8.61 -20.04
CA GLY C 186 32.93 9.75 -20.36
C GLY C 186 31.45 9.43 -20.61
N PHE C 187 31.04 8.16 -20.53
CA PHE C 187 29.62 7.83 -20.72
C PHE C 187 28.79 8.45 -19.59
N VAL C 188 27.64 9.00 -19.97
CA VAL C 188 26.70 9.64 -19.04
C VAL C 188 25.29 9.22 -19.40
N ALA C 189 24.54 8.75 -18.42
CA ALA C 189 23.12 8.48 -18.60
C ALA C 189 22.40 8.99 -17.36
N GLY C 190 21.34 9.76 -17.57
CA GLY C 190 20.68 10.48 -16.50
C GLY C 190 19.49 9.75 -15.90
N GLU C 191 18.79 10.47 -15.03
CA GLU C 191 17.82 9.86 -14.11
C GLU C 191 16.68 9.14 -14.82
N THR C 192 16.17 9.70 -15.92
CA THR C 192 14.99 9.11 -16.55
C THR C 192 15.35 8.36 -17.84
N ALA C 193 16.63 8.09 -18.07
CA ALA C 193 17.04 7.35 -19.26
C ALA C 193 16.53 5.92 -19.20
N VAL C 194 16.19 5.38 -20.36
CA VAL C 194 15.74 4.00 -20.50
C VAL C 194 16.44 3.41 -21.72
N LEU C 195 17.10 2.28 -21.53
CA LEU C 195 17.81 1.59 -22.60
C LEU C 195 17.18 0.23 -22.80
N GLY C 196 16.90 -0.10 -24.05
CA GLY C 196 16.39 -1.41 -24.41
C GLY C 196 17.45 -2.48 -24.38
N ASN C 197 17.28 -3.48 -25.24
CA ASN C 197 18.16 -4.64 -25.25
C ASN C 197 19.05 -4.62 -26.49
N ASN C 198 20.22 -5.23 -26.35
CA ASN C 198 21.14 -5.45 -27.46
C ASN C 198 21.56 -4.11 -28.07
N ILE C 199 21.94 -3.18 -27.22
CA ILE C 199 22.39 -1.85 -27.62
C ILE C 199 23.91 -1.81 -27.50
N SER C 200 24.55 -1.11 -28.43
CA SER C 200 26.00 -0.92 -28.42
C SER C 200 26.30 0.56 -28.31
N ILE C 201 27.20 0.89 -27.38
CA ILE C 201 27.55 2.27 -27.04
C ILE C 201 29.06 2.39 -26.92
N LEU C 202 29.61 3.48 -27.45
CA LEU C 202 31.02 3.79 -27.34
C LEU C 202 31.26 4.80 -26.22
N HIS C 203 32.53 4.95 -25.85
CA HIS C 203 32.95 5.96 -24.88
C HIS C 203 32.44 7.35 -25.25
N GLY C 204 32.30 8.22 -24.26
CA GLY C 204 31.96 9.61 -24.50
C GLY C 204 30.50 9.90 -24.83
N VAL C 205 29.65 8.88 -24.87
CA VAL C 205 28.25 9.07 -25.27
C VAL C 205 27.45 9.66 -24.12
N THR C 206 26.54 10.57 -24.44
CA THR C 206 25.69 11.22 -23.45
C THR C 206 24.23 10.86 -23.72
N LEU C 207 23.56 10.29 -22.73
CA LEU C 207 22.10 10.15 -22.75
C LEU C 207 21.59 11.15 -21.73
N GLY C 208 21.58 12.43 -22.14
CA GLY C 208 21.51 13.54 -21.23
C GLY C 208 20.14 14.18 -21.12
N GLY C 209 19.99 15.01 -20.09
CA GLY C 209 18.75 15.69 -19.82
C GLY C 209 18.63 17.04 -20.51
N SER C 210 17.46 17.65 -20.33
CA SER C 210 17.22 19.02 -20.77
C SER C 210 16.25 19.67 -19.80
N GLY C 211 16.47 20.95 -19.52
CA GLY C 211 15.61 21.71 -18.63
C GLY C 211 15.97 21.54 -17.17
N LYS C 212 15.41 22.44 -16.35
CA LYS C 212 15.69 22.44 -14.92
C LYS C 212 14.60 21.75 -14.10
N GLU C 213 13.60 21.18 -14.74
CA GLU C 213 12.47 20.55 -14.06
C GLU C 213 12.62 19.03 -14.04
N GLY C 214 12.04 18.41 -13.01
CA GLY C 214 11.91 16.97 -12.95
C GLY C 214 10.99 16.44 -14.04
N GLY C 215 10.74 15.13 -13.97
CA GLY C 215 9.97 14.45 -14.99
C GLY C 215 10.83 13.89 -16.10
N ASP C 216 10.17 13.15 -17.01
CA ASP C 216 10.85 12.52 -18.13
C ASP C 216 11.58 13.55 -18.96
N ARG C 217 12.91 13.42 -19.03
CA ARG C 217 13.70 14.42 -19.73
C ARG C 217 14.97 13.82 -20.34
N HIS C 218 15.11 12.50 -20.36
CA HIS C 218 16.28 11.78 -20.87
C HIS C 218 15.85 10.81 -21.95
N PRO C 219 16.75 10.42 -22.84
CA PRO C 219 16.34 9.60 -23.99
C PRO C 219 15.88 8.20 -23.63
N LYS C 220 15.02 7.66 -24.51
CA LYS C 220 14.60 6.27 -24.48
C LYS C 220 15.14 5.60 -25.73
N ILE C 221 15.95 4.56 -25.55
CA ILE C 221 16.72 3.95 -26.63
C ILE C 221 16.12 2.59 -26.94
N GLY C 222 15.71 2.39 -28.21
CA GLY C 222 15.13 1.12 -28.58
C GLY C 222 16.16 0.01 -28.74
N ASP C 223 15.66 -1.22 -28.90
CA ASP C 223 16.52 -2.38 -29.07
C ASP C 223 17.38 -2.23 -30.33
N GLY C 224 18.58 -2.81 -30.30
CA GLY C 224 19.43 -2.91 -31.46
C GLY C 224 20.15 -1.63 -31.87
N VAL C 225 20.00 -0.55 -31.11
CA VAL C 225 20.60 0.72 -31.50
C VAL C 225 22.11 0.68 -31.29
N MET C 226 22.85 1.33 -32.19
CA MET C 226 24.29 1.56 -32.04
C MET C 226 24.55 3.06 -31.93
N ILE C 227 25.37 3.45 -30.95
CA ILE C 227 25.72 4.86 -30.70
C ILE C 227 27.24 5.01 -30.77
N GLY C 228 27.70 5.86 -31.69
CA GLY C 228 29.13 6.04 -31.91
C GLY C 228 29.76 6.94 -30.88
N ALA C 229 31.09 6.98 -30.91
CA ALA C 229 31.86 7.69 -29.91
C ALA C 229 31.49 9.15 -29.80
N ASN C 230 31.33 9.63 -28.56
CA ASN C 230 31.14 11.04 -28.23
C ASN C 230 29.88 11.64 -28.83
N ALA C 231 28.89 10.82 -29.17
CA ALA C 231 27.60 11.33 -29.60
C ALA C 231 26.78 11.74 -28.38
N SER C 232 25.88 12.70 -28.57
CA SER C 232 24.97 13.07 -27.50
C SER C 232 23.53 12.97 -27.96
N ILE C 233 22.68 12.49 -27.06
CA ILE C 233 21.25 12.37 -27.26
C ILE C 233 20.60 13.03 -26.06
N LEU C 234 19.86 14.10 -26.29
CA LEU C 234 19.47 15.02 -25.23
C LEU C 234 17.97 15.25 -25.21
N GLY C 235 17.38 15.19 -24.01
CA GLY C 235 15.97 15.46 -23.81
C GLY C 235 15.15 14.18 -23.80
N ASN C 236 13.85 14.35 -23.54
CA ASN C 236 12.92 13.23 -23.54
C ASN C 236 12.52 12.87 -24.97
N ILE C 237 13.43 12.18 -25.65
CA ILE C 237 13.22 11.81 -27.04
C ILE C 237 13.43 10.31 -27.19
N ARG C 238 12.82 9.75 -28.23
CA ARG C 238 12.82 8.32 -28.47
C ARG C 238 13.71 7.99 -29.66
N ILE C 239 14.53 6.95 -29.51
CA ILE C 239 15.38 6.46 -30.58
C ILE C 239 14.81 5.11 -30.98
N GLY C 240 14.36 5.00 -32.24
CA GLY C 240 13.69 3.79 -32.67
C GLY C 240 14.63 2.61 -32.76
N SER C 241 14.04 1.42 -32.62
CA SER C 241 14.77 0.17 -32.76
C SER C 241 15.66 0.17 -34.01
N ASN C 242 16.89 -0.32 -33.83
CA ASN C 242 17.87 -0.52 -34.89
C ASN C 242 18.34 0.77 -35.54
N ALA C 243 18.08 1.92 -34.92
CA ALA C 243 18.67 3.15 -35.40
C ALA C 243 20.18 3.13 -35.16
N LYS C 244 20.90 3.97 -35.91
CA LYS C 244 22.34 4.10 -35.75
C LYS C 244 22.65 5.58 -35.56
N ILE C 245 23.33 5.91 -34.46
CA ILE C 245 23.71 7.29 -34.16
C ILE C 245 25.18 7.43 -34.47
N GLY C 246 25.51 8.26 -35.46
CA GLY C 246 26.90 8.37 -35.87
C GLY C 246 27.74 9.03 -34.79
N ALA C 247 29.03 8.67 -34.78
CA ALA C 247 29.97 9.28 -33.87
C ALA C 247 29.88 10.79 -33.97
N GLY C 248 29.99 11.47 -32.82
CA GLY C 248 30.00 12.91 -32.83
C GLY C 248 28.67 13.57 -33.13
N SER C 249 27.59 12.79 -33.24
CA SER C 249 26.26 13.32 -33.53
C SER C 249 25.67 13.96 -32.27
N VAL C 250 24.86 15.00 -32.49
CA VAL C 250 24.06 15.59 -31.40
C VAL C 250 22.60 15.50 -31.82
N VAL C 251 21.86 14.66 -31.11
CA VAL C 251 20.47 14.32 -31.43
C VAL C 251 19.56 15.01 -30.42
N VAL C 252 18.64 15.84 -30.90
CA VAL C 252 17.71 16.56 -30.02
C VAL C 252 16.24 16.27 -30.33
N SER C 253 15.94 15.45 -31.32
CA SER C 253 14.56 15.06 -31.59
C SER C 253 14.53 13.56 -31.89
N ASP C 254 13.32 12.99 -31.82
CA ASP C 254 13.13 11.55 -32.03
C ASP C 254 13.82 11.08 -33.30
N VAL C 255 14.23 9.82 -33.29
CA VAL C 255 14.86 9.16 -34.43
C VAL C 255 14.00 7.95 -34.77
N PRO C 256 13.49 7.84 -36.00
CA PRO C 256 12.64 6.70 -36.35
C PRO C 256 13.44 5.40 -36.36
N PRO C 257 12.76 4.26 -36.28
CA PRO C 257 13.47 2.98 -36.35
C PRO C 257 14.25 2.83 -37.64
N SER C 258 15.38 2.13 -37.54
CA SER C 258 16.24 1.78 -38.68
C SER C 258 16.74 2.99 -39.47
N ILE C 259 16.77 4.16 -38.85
CA ILE C 259 17.34 5.37 -39.47
C ILE C 259 18.74 5.60 -38.93
N THR C 260 19.65 6.03 -39.82
CA THR C 260 20.98 6.48 -39.43
C THR C 260 21.06 8.00 -39.49
N VAL C 261 21.54 8.62 -38.41
CA VAL C 261 21.66 10.08 -38.36
C VAL C 261 23.10 10.44 -38.06
N VAL C 262 23.53 11.58 -38.64
CA VAL C 262 24.88 12.09 -38.50
C VAL C 262 24.82 13.61 -38.44
N GLY C 263 25.69 14.21 -37.64
CA GLY C 263 25.93 15.64 -37.68
C GLY C 263 25.52 16.34 -36.41
N VAL C 264 25.81 17.64 -36.41
CA VAL C 264 25.52 18.54 -35.30
C VAL C 264 24.71 19.72 -35.83
N PRO C 265 23.37 19.73 -35.70
CA PRO C 265 22.52 18.66 -35.16
C PRO C 265 22.43 17.50 -36.12
N ALA C 266 22.01 16.35 -35.63
CA ALA C 266 22.01 15.13 -36.43
C ALA C 266 20.84 15.13 -37.40
N LYS C 267 21.10 14.74 -38.63
CA LYS C 267 20.06 14.63 -39.65
C LYS C 267 20.05 13.21 -40.22
N PRO C 268 18.86 12.67 -40.53
CA PRO C 268 18.82 11.36 -41.22
C PRO C 268 19.55 11.43 -42.54
N VAL C 269 20.32 10.39 -42.83
CA VAL C 269 21.11 10.34 -44.05
C VAL C 269 21.08 8.94 -44.68
N ALA C 270 20.56 7.96 -43.95
CA ALA C 270 20.56 6.59 -44.46
C ALA C 270 19.47 5.74 -43.81
N PRO C 276 22.58 -3.32 -36.29
CA PRO C 276 23.45 -2.12 -36.22
C PRO C 276 24.28 -2.14 -34.94
N SER C 277 23.65 -2.53 -33.82
CA SER C 277 24.45 -2.86 -32.65
C SER C 277 25.19 -4.17 -32.85
N ALA C 278 24.70 -5.03 -33.74
CA ALA C 278 25.43 -6.27 -34.05
C ALA C 278 26.58 -6.02 -35.01
N ASP C 279 26.37 -5.20 -36.05
CA ASP C 279 27.37 -5.00 -37.10
C ASP C 279 28.49 -4.04 -36.72
N MET C 280 28.21 -3.03 -35.89
CA MET C 280 29.23 -2.09 -35.40
C MET C 280 29.97 -1.37 -36.54
N ASP C 281 29.26 -1.02 -37.60
CA ASP C 281 29.86 -0.22 -38.68
C ASP C 281 29.81 1.25 -38.30
N GLN C 282 30.98 1.89 -38.22
CA GLN C 282 31.08 3.27 -37.76
C GLN C 282 31.04 4.29 -38.89
N ASN C 283 30.90 3.87 -40.15
CA ASN C 283 30.87 4.84 -41.25
C ASN C 283 29.72 5.82 -41.08
N ILE C 284 29.98 7.10 -41.35
CA ILE C 284 28.95 8.12 -41.25
C ILE C 284 28.89 8.91 -42.54
N GLN C 285 29.65 8.46 -43.55
CA GLN C 285 29.65 9.07 -44.89
C GLN C 285 28.83 8.24 -45.87
N ASN D 25 4.39 14.64 6.51
CA ASN D 25 3.30 13.76 6.93
C ASN D 25 2.56 14.31 8.14
N HIS D 26 1.57 13.56 8.63
CA HIS D 26 0.74 14.03 9.72
C HIS D 26 1.46 14.04 11.06
N LEU D 27 2.64 13.41 11.14
CA LEU D 27 3.46 13.53 12.35
C LEU D 27 4.39 14.72 12.26
N ASN D 28 4.77 15.12 11.04
CA ASN D 28 5.52 16.34 10.82
C ASN D 28 4.54 17.50 10.73
N PHE D 32 -0.90 19.94 8.23
CA PHE D 32 -0.93 18.80 7.31
C PHE D 32 -2.34 18.58 6.78
N ASP D 33 -2.47 18.34 5.47
CA ASP D 33 -3.76 18.06 4.85
C ASP D 33 -3.71 16.67 4.21
N LEU D 34 -4.45 15.73 4.80
CA LEU D 34 -4.46 14.35 4.32
C LEU D 34 -4.99 14.25 2.90
N TRP D 35 -6.08 14.96 2.61
CA TRP D 35 -6.70 14.89 1.29
C TRP D 35 -5.76 15.38 0.20
N HIS D 36 -5.08 16.51 0.43
CA HIS D 36 -4.14 17.03 -0.56
C HIS D 36 -2.98 16.07 -0.77
N THR D 37 -2.46 15.49 0.30
CA THR D 37 -1.38 14.52 0.16
C THR D 37 -1.82 13.31 -0.68
N ILE D 38 -3.03 12.82 -0.43
CA ILE D 38 -3.53 11.68 -1.21
C ILE D 38 -3.58 12.02 -2.70
N ARG D 39 -4.07 13.22 -3.06
CA ARG D 39 -4.09 13.63 -4.45
C ARG D 39 -2.69 13.69 -5.03
N GLU D 40 -1.74 14.21 -4.26
CA GLU D 40 -0.37 14.33 -4.74
C GLU D 40 0.25 12.95 -4.96
N GLU D 41 0.07 12.02 -4.00
CA GLU D 41 0.52 10.65 -4.19
C GLU D 41 -0.11 10.03 -5.43
N THR D 42 -1.40 10.28 -5.63
CA THR D 42 -2.14 9.64 -6.72
C THR D 42 -1.72 10.20 -8.07
N ALA D 43 -1.53 11.51 -8.18
CA ALA D 43 -1.05 12.07 -9.45
C ALA D 43 0.30 11.48 -9.83
N ALA D 44 1.22 11.35 -8.85
CA ALA D 44 2.51 10.72 -9.15
C ALA D 44 2.32 9.27 -9.58
N ALA D 45 1.42 8.54 -8.93
CA ALA D 45 1.20 7.15 -9.31
C ALA D 45 0.63 7.05 -10.72
N ALA D 46 -0.34 7.91 -11.06
CA ALA D 46 -0.92 7.88 -12.40
C ALA D 46 0.12 8.17 -13.47
N ALA D 47 1.03 9.11 -13.20
CA ALA D 47 2.09 9.42 -14.16
C ALA D 47 3.03 8.24 -14.34
N ALA D 48 3.30 7.51 -13.25
CA ALA D 48 4.27 6.42 -13.36
C ALA D 48 3.68 5.18 -14.01
N GLU D 49 2.39 4.92 -13.83
CA GLU D 49 1.78 3.65 -14.23
C GLU D 49 0.59 3.94 -15.13
N PRO D 50 0.84 4.13 -16.43
CA PRO D 50 -0.24 4.65 -17.31
C PRO D 50 -1.42 3.73 -17.46
N MET D 51 -1.25 2.43 -17.24
CA MET D 51 -2.43 1.58 -17.35
C MET D 51 -3.36 1.70 -16.15
N LEU D 52 -2.92 2.34 -15.07
CA LEU D 52 -3.75 2.64 -13.91
C LEU D 52 -4.23 4.09 -13.90
N ALA D 53 -3.83 4.90 -14.88
CA ALA D 53 -4.08 6.33 -14.79
C ALA D 53 -5.58 6.62 -14.77
N SER D 54 -6.35 5.97 -15.64
CA SER D 54 -7.78 6.26 -15.70
C SER D 54 -8.47 5.77 -14.44
N PHE D 55 -8.03 4.63 -13.91
CA PHE D 55 -8.52 4.14 -12.61
C PHE D 55 -8.30 5.19 -11.53
N LEU D 56 -7.09 5.72 -11.43
CA LEU D 56 -6.78 6.69 -10.40
C LEU D 56 -7.52 8.00 -10.60
N HIS D 57 -7.69 8.40 -11.86
CA HIS D 57 -8.43 9.64 -12.14
C HIS D 57 -9.91 9.48 -11.81
N GLN D 58 -10.52 8.34 -12.19
CA GLN D 58 -11.93 8.15 -11.91
C GLN D 58 -12.19 7.82 -10.44
N THR D 59 -11.25 7.15 -9.76
CA THR D 59 -11.46 6.81 -8.36
C THR D 59 -11.06 7.92 -7.40
N VAL D 60 -10.02 8.70 -7.72
CA VAL D 60 -9.53 9.70 -6.78
C VAL D 60 -9.60 11.10 -7.36
N LEU D 61 -8.88 11.36 -8.45
CA LEU D 61 -8.56 12.73 -8.84
C LEU D 61 -9.78 13.54 -9.24
N ARG D 62 -10.77 12.90 -9.87
CA ARG D 62 -11.99 13.58 -10.29
C ARG D 62 -12.89 13.95 -9.12
N HIS D 63 -12.63 13.42 -7.92
CA HIS D 63 -13.47 13.72 -6.76
C HIS D 63 -12.93 14.93 -6.01
N GLU D 64 -13.80 15.51 -5.18
CA GLU D 64 -13.49 16.72 -4.46
C GLU D 64 -13.37 16.48 -2.96
N SER D 65 -13.58 15.26 -2.49
CA SER D 65 -13.45 14.95 -1.08
C SER D 65 -13.03 13.51 -0.92
N LEU D 66 -12.39 13.23 0.22
CA LEU D 66 -11.98 11.88 0.57
C LEU D 66 -13.20 10.96 0.72
N GLY D 67 -14.27 11.45 1.35
CA GLY D 67 -15.47 10.63 1.52
C GLY D 67 -16.09 10.19 0.20
N SER D 68 -16.05 11.07 -0.80
CA SER D 68 -16.60 10.68 -2.09
C SER D 68 -15.69 9.64 -2.76
N VAL D 69 -14.37 9.73 -2.56
CA VAL D 69 -13.44 8.71 -3.05
C VAL D 69 -13.73 7.36 -2.39
N LEU D 70 -13.96 7.36 -1.09
CA LEU D 70 -14.22 6.12 -0.38
C LEU D 70 -15.52 5.47 -0.83
N ALA D 71 -16.59 6.25 -0.97
CA ALA D 71 -17.85 5.68 -1.46
C ALA D 71 -17.64 5.10 -2.85
N TYR D 72 -16.89 5.81 -3.70
CA TYR D 72 -16.65 5.34 -5.06
C TYR D 72 -15.89 4.02 -5.05
N HIS D 73 -14.76 3.98 -4.34
CA HIS D 73 -13.91 2.78 -4.37
C HIS D 73 -14.59 1.59 -3.71
N LEU D 74 -15.24 1.81 -2.56
CA LEU D 74 -15.94 0.71 -1.91
C LEU D 74 -17.05 0.17 -2.79
N SER D 75 -17.78 1.05 -3.50
CA SER D 75 -18.80 0.50 -4.39
C SER D 75 -18.16 -0.24 -5.57
N SER D 76 -16.94 0.14 -5.96
CA SER D 76 -16.22 -0.63 -6.99
C SER D 76 -15.96 -2.05 -6.52
N LYS D 77 -15.63 -2.20 -5.22
CA LYS D 77 -15.28 -3.49 -4.63
C LYS D 77 -16.49 -4.38 -4.42
N LEU D 78 -17.60 -3.80 -3.92
CA LEU D 78 -18.74 -4.57 -3.50
C LEU D 78 -19.88 -4.54 -4.50
N GLY D 79 -19.77 -3.73 -5.56
CA GLY D 79 -20.78 -3.74 -6.60
C GLY D 79 -20.92 -5.12 -7.22
N SER D 80 -22.13 -5.41 -7.71
CA SER D 80 -22.41 -6.67 -8.38
C SER D 80 -23.66 -6.48 -9.23
N PRO D 81 -24.02 -7.47 -10.06
CA PRO D 81 -25.24 -7.29 -10.87
C PRO D 81 -26.48 -7.03 -10.03
N ILE D 82 -26.63 -7.72 -8.90
CA ILE D 82 -27.77 -7.51 -8.02
C ILE D 82 -27.82 -6.06 -7.54
N MET D 83 -26.65 -5.49 -7.30
CA MET D 83 -26.59 -4.09 -6.84
C MET D 83 -25.44 -3.38 -7.54
N ASP D 84 -25.77 -2.65 -8.59
CA ASP D 84 -24.90 -1.88 -9.52
C ASP D 84 -24.00 -0.89 -8.76
N VAL D 85 -22.79 -0.69 -9.25
CA VAL D 85 -21.84 0.27 -8.63
C VAL D 85 -22.50 1.63 -8.49
N ARG D 86 -23.32 2.02 -9.46
CA ARG D 86 -23.97 3.33 -9.39
C ARG D 86 -24.93 3.41 -8.21
N ALA D 87 -25.81 2.41 -8.07
CA ALA D 87 -26.73 2.42 -6.95
C ALA D 87 -25.99 2.39 -5.62
N LEU D 88 -24.97 1.52 -5.51
CA LEU D 88 -24.20 1.42 -4.28
C LEU D 88 -23.42 2.70 -3.98
N PHE D 89 -22.83 3.32 -5.01
CA PHE D 89 -22.15 4.59 -4.82
C PHE D 89 -23.09 5.65 -4.21
N GLU D 90 -24.30 5.74 -4.74
CA GLU D 90 -25.25 6.72 -4.24
C GLU D 90 -25.69 6.39 -2.82
N ILE D 91 -25.94 5.11 -2.54
CA ILE D 91 -26.29 4.71 -1.18
C ILE D 91 -25.16 5.05 -0.22
N TYR D 92 -23.93 4.75 -0.62
CA TYR D 92 -22.79 5.02 0.25
C TYR D 92 -22.61 6.51 0.46
N GLN D 93 -22.78 7.32 -0.59
CA GLN D 93 -22.65 8.76 -0.43
C GLN D 93 -23.72 9.31 0.52
N GLN D 94 -24.95 8.80 0.39
CA GLN D 94 -26.03 9.24 1.26
C GLN D 94 -25.76 8.86 2.72
N ALA D 95 -25.32 7.62 2.96
CA ALA D 95 -25.03 7.19 4.31
C ALA D 95 -23.91 8.02 4.93
N LEU D 96 -22.85 8.28 4.16
CA LEU D 96 -21.77 9.14 4.64
C LEU D 96 -22.27 10.55 4.94
N GLY D 97 -23.10 11.11 4.05
CA GLY D 97 -23.66 12.43 4.30
C GLY D 97 -24.55 12.47 5.53
N SER D 98 -25.19 11.35 5.87
CA SER D 98 -26.08 11.32 7.03
C SER D 98 -25.32 11.26 8.35
N ASP D 99 -24.02 10.95 8.35
CA ASP D 99 -23.24 10.96 9.59
C ASP D 99 -21.79 11.29 9.22
N THR D 100 -21.48 12.58 9.17
CA THR D 100 -20.15 12.98 8.73
C THR D 100 -19.04 12.61 9.70
N GLN D 101 -19.38 12.09 10.89
N GLN D 101 -19.38 12.09 10.89
N GLN D 101 -19.38 12.11 10.89
CA GLN D 101 -18.32 11.59 11.77
CA GLN D 101 -18.32 11.59 11.77
CA GLN D 101 -18.35 11.58 11.78
C GLN D 101 -17.70 10.30 11.23
C GLN D 101 -17.70 10.30 11.23
C GLN D 101 -17.70 10.32 11.22
N ILE D 102 -18.39 9.59 10.34
CA ILE D 102 -17.81 8.40 9.73
C ILE D 102 -16.52 8.75 8.99
N SER D 103 -16.60 9.72 8.08
CA SER D 103 -15.41 10.16 7.36
C SER D 103 -14.32 10.66 8.30
N LYS D 104 -14.70 11.26 9.44
CA LYS D 104 -13.72 11.58 10.46
C LYS D 104 -13.01 10.33 10.97
N CYS D 105 -13.77 9.24 11.18
CA CYS D 105 -13.13 8.00 11.61
C CYS D 105 -12.25 7.43 10.52
N VAL D 106 -12.66 7.58 9.25
CA VAL D 106 -11.86 7.12 8.12
C VAL D 106 -10.48 7.77 8.13
N GLU D 107 -10.44 9.10 8.33
CA GLU D 107 -9.15 9.80 8.34
C GLU D 107 -8.28 9.32 9.50
N ALA D 108 -8.88 9.12 10.67
CA ALA D 108 -8.11 8.62 11.81
C ALA D 108 -7.57 7.23 11.53
N ASP D 109 -8.36 6.38 10.86
CA ASP D 109 -7.89 5.06 10.47
C ASP D 109 -6.70 5.14 9.53
N LEU D 110 -6.77 6.02 8.53
CA LEU D 110 -5.67 6.13 7.58
C LEU D 110 -4.40 6.57 8.30
N LYS D 111 -4.52 7.53 9.20
CA LYS D 111 -3.36 8.00 9.96
C LYS D 111 -2.82 6.91 10.87
N ALA D 112 -3.71 6.11 11.47
CA ALA D 112 -3.26 5.01 12.31
C ALA D 112 -2.46 3.98 11.51
N ILE D 113 -2.92 3.66 10.30
CA ILE D 113 -2.23 2.69 9.48
C ILE D 113 -0.85 3.20 9.09
N TYR D 114 -0.78 4.47 8.66
CA TYR D 114 0.51 5.08 8.32
C TYR D 114 1.47 5.03 9.50
N GLU D 115 0.98 5.32 10.70
CA GLU D 115 1.83 5.30 11.90
C GLU D 115 2.32 3.90 12.23
N ARG D 116 1.41 2.92 12.19
CA ARG D 116 1.68 1.63 12.83
C ARG D 116 2.19 0.55 11.88
N ASP D 117 1.97 0.70 10.58
CA ASP D 117 2.30 -0.34 9.62
C ASP D 117 3.56 0.07 8.87
N PRO D 118 4.69 -0.57 9.11
CA PRO D 118 5.93 -0.19 8.38
C PRO D 118 5.85 -0.48 6.88
N ALA D 119 4.90 -1.30 6.43
CA ALA D 119 4.70 -1.49 5.01
C ALA D 119 4.01 -0.30 4.36
N CYS D 120 3.56 0.67 5.15
CA CYS D 120 2.78 1.79 4.61
C CYS D 120 3.60 3.07 4.75
N ASP D 121 4.03 3.61 3.62
CA ASP D 121 4.72 4.88 3.56
C ASP D 121 3.90 5.95 2.81
N GLU D 122 2.70 5.61 2.36
CA GLU D 122 1.84 6.54 1.64
C GLU D 122 0.40 6.36 2.11
N TYR D 123 -0.29 7.47 2.31
CA TYR D 123 -1.65 7.41 2.81
C TYR D 123 -2.60 6.78 1.81
N SER D 124 -2.34 6.92 0.52
CA SER D 124 -3.26 6.35 -0.44
C SER D 124 -3.08 4.85 -0.62
N LEU D 125 -2.01 4.26 -0.07
CA LEU D 125 -1.82 2.82 -0.23
C LEU D 125 -2.92 2.03 0.52
N PRO D 126 -3.18 2.27 1.82
CA PRO D 126 -4.33 1.56 2.44
C PRO D 126 -5.68 1.94 1.83
N LEU D 127 -5.86 3.24 1.51
CA LEU D 127 -7.11 3.69 0.93
C LEU D 127 -7.48 2.89 -0.31
N LEU D 128 -6.51 2.64 -1.19
CA LEU D 128 -6.80 1.96 -2.44
C LEU D 128 -6.58 0.45 -2.38
N TYR D 129 -5.63 -0.03 -1.57
CA TYR D 129 -5.17 -1.38 -1.75
C TYR D 129 -5.17 -2.26 -0.51
N PHE D 130 -5.62 -1.77 0.66
CA PHE D 130 -5.60 -2.59 1.88
C PHE D 130 -7.01 -3.08 2.20
N LYS D 131 -7.19 -4.40 2.08
CA LYS D 131 -8.48 -5.07 2.29
C LYS D 131 -9.07 -4.78 3.67
N GLY D 132 -8.23 -4.75 4.70
CA GLY D 132 -8.75 -4.52 6.05
C GLY D 132 -9.27 -3.11 6.24
N PHE D 133 -8.60 -2.13 5.64
CA PHE D 133 -9.13 -0.77 5.65
C PHE D 133 -10.49 -0.72 4.96
N HIS D 134 -10.60 -1.35 3.79
CA HIS D 134 -11.88 -1.36 3.07
C HIS D 134 -12.97 -2.04 3.89
N ALA D 135 -12.65 -3.18 4.51
CA ALA D 135 -13.63 -3.90 5.32
C ALA D 135 -14.15 -3.04 6.46
N ILE D 136 -13.25 -2.32 7.14
CA ILE D 136 -13.66 -1.50 8.27
C ILE D 136 -14.58 -0.37 7.80
N GLN D 137 -14.19 0.33 6.71
CA GLN D 137 -15.00 1.45 6.25
C GLN D 137 -16.31 0.96 5.66
N ALA D 138 -16.30 -0.19 4.96
CA ALA D 138 -17.56 -0.77 4.50
C ALA D 138 -18.48 -1.09 5.68
N HIS D 139 -17.91 -1.56 6.80
CA HIS D 139 -18.75 -1.84 7.95
C HIS D 139 -19.34 -0.58 8.56
N ARG D 140 -18.53 0.49 8.66
CA ARG D 140 -19.05 1.74 9.20
C ARG D 140 -20.29 2.19 8.44
N ILE D 141 -20.26 2.08 7.10
CA ILE D 141 -21.43 2.42 6.32
C ILE D 141 -22.55 1.42 6.55
N ASN D 142 -22.22 0.13 6.57
CA ASN D 142 -23.21 -0.91 6.87
C ASN D 142 -23.87 -0.70 8.22
N HIS D 143 -23.07 -0.32 9.21
CA HIS D 143 -23.60 -0.08 10.54
C HIS D 143 -24.68 1.01 10.48
N ARG D 144 -24.41 2.08 9.73
CA ARG D 144 -25.35 3.19 9.58
C ARG D 144 -26.63 2.76 8.88
N LEU D 145 -26.50 2.01 7.78
CA LEU D 145 -27.67 1.48 7.08
C LEU D 145 -28.50 0.60 8.01
N TYR D 146 -27.82 -0.26 8.79
CA TYR D 146 -28.49 -1.17 9.71
C TYR D 146 -29.25 -0.41 10.79
N LEU D 147 -28.61 0.59 11.40
CA LEU D 147 -29.29 1.36 12.44
C LEU D 147 -30.43 2.19 11.84
N ASP D 148 -30.33 2.56 10.56
CA ASP D 148 -31.44 3.19 9.86
C ASP D 148 -32.64 2.27 9.67
N GLY D 149 -32.51 0.99 9.99
CA GLY D 149 -33.57 0.03 9.77
C GLY D 149 -33.44 -0.77 8.48
N ARG D 150 -32.43 -0.50 7.66
CA ARG D 150 -32.29 -1.23 6.40
C ARG D 150 -31.49 -2.51 6.62
N LYS D 151 -32.09 -3.40 7.40
CA LYS D 151 -31.36 -4.59 7.84
C LYS D 151 -31.13 -5.55 6.68
N THR D 152 -32.10 -5.67 5.78
CA THR D 152 -31.94 -6.57 4.64
C THR D 152 -30.74 -6.15 3.79
N LEU D 153 -30.65 -4.87 3.48
CA LEU D 153 -29.51 -4.36 2.73
C LEU D 153 -28.22 -4.58 3.50
N ALA D 154 -28.26 -4.33 4.81
CA ALA D 154 -27.07 -4.50 5.63
C ALA D 154 -26.62 -5.96 5.67
N TYR D 155 -27.57 -6.90 5.68
CA TYR D 155 -27.20 -8.32 5.65
C TYR D 155 -26.67 -8.73 4.27
N PHE D 156 -27.29 -8.22 3.20
CA PHE D 156 -26.77 -8.44 1.84
C PHE D 156 -25.31 -7.97 1.75
N LEU D 157 -25.04 -6.77 2.25
CA LEU D 157 -23.69 -6.23 2.18
C LEU D 157 -22.73 -6.92 3.16
N GLN D 158 -23.21 -7.34 4.33
CA GLN D 158 -22.36 -8.13 5.23
C GLN D 158 -21.85 -9.36 4.51
N ASN D 159 -22.73 -10.03 3.76
CA ASN D 159 -22.33 -11.20 3.00
C ASN D 159 -21.37 -10.81 1.87
N ARG D 160 -21.66 -9.72 1.17
CA ARG D 160 -20.79 -9.24 0.09
C ARG D 160 -19.39 -8.93 0.61
N MET D 161 -19.30 -8.24 1.76
CA MET D 161 -18.02 -8.01 2.40
C MET D 161 -17.31 -9.32 2.74
N SER D 162 -18.05 -10.30 3.25
CA SER D 162 -17.38 -11.54 3.61
C SER D 162 -16.82 -12.23 2.37
N GLU D 163 -17.57 -12.22 1.27
CA GLU D 163 -17.10 -12.83 0.03
C GLU D 163 -15.88 -12.11 -0.53
N VAL D 164 -15.97 -10.78 -0.68
CA VAL D 164 -14.93 -10.05 -1.39
C VAL D 164 -13.68 -9.84 -0.51
N PHE D 165 -13.87 -9.47 0.76
CA PHE D 165 -12.75 -9.18 1.64
C PHE D 165 -12.37 -10.33 2.55
N GLY D 166 -13.19 -11.39 2.60
CA GLY D 166 -12.89 -12.44 3.56
C GLY D 166 -13.09 -12.01 4.99
N VAL D 167 -13.91 -10.98 5.23
CA VAL D 167 -14.08 -10.39 6.55
C VAL D 167 -15.56 -10.41 6.89
N ASP D 168 -15.90 -10.96 8.06
CA ASP D 168 -17.30 -11.07 8.49
C ASP D 168 -17.47 -10.20 9.73
N ILE D 169 -18.08 -9.03 9.53
CA ILE D 169 -18.40 -8.10 10.61
C ILE D 169 -19.93 -7.95 10.65
N HIS D 170 -20.52 -8.31 11.77
CA HIS D 170 -21.96 -8.13 11.90
C HIS D 170 -22.29 -6.64 11.85
N PRO D 171 -23.33 -6.25 11.12
CA PRO D 171 -23.66 -4.81 11.02
C PRO D 171 -23.89 -4.11 12.35
N ALA D 172 -24.32 -4.84 13.39
CA ALA D 172 -24.59 -4.20 14.69
C ALA D 172 -23.33 -3.95 15.50
N ALA D 173 -22.19 -4.56 15.13
CA ALA D 173 -20.95 -4.35 15.84
C ALA D 173 -20.57 -2.87 15.83
N ARG D 174 -19.98 -2.40 16.93
CA ARG D 174 -19.65 -0.98 17.13
C ARG D 174 -18.14 -0.80 17.14
N LEU D 175 -17.62 -0.01 16.19
CA LEU D 175 -16.18 0.19 16.04
C LEU D 175 -15.83 1.65 16.27
N GLY D 176 -14.81 1.90 17.08
CA GLY D 176 -14.28 3.23 17.26
C GLY D 176 -13.41 3.67 16.09
N TYR D 177 -12.58 4.69 16.34
CA TYR D 177 -11.73 5.24 15.30
C TYR D 177 -10.26 4.91 15.55
N GLY D 178 -9.41 5.21 14.56
CA GLY D 178 -7.99 4.87 14.67
C GLY D 178 -7.72 3.38 14.68
N LEU D 179 -8.53 2.62 13.96
CA LEU D 179 -8.40 1.18 13.90
C LEU D 179 -7.52 0.75 12.73
N MET D 180 -6.72 -0.28 12.96
CA MET D 180 -5.97 -0.92 11.88
C MET D 180 -6.28 -2.40 11.88
N LEU D 181 -6.75 -2.92 10.74
CA LEU D 181 -6.94 -4.35 10.54
C LEU D 181 -5.93 -4.77 9.48
N ASP D 182 -4.77 -5.28 9.91
CA ASP D 182 -3.70 -5.58 8.96
C ASP D 182 -3.93 -6.93 8.29
N HIS D 183 -3.87 -6.97 6.95
CA HIS D 183 -4.08 -8.16 6.10
C HIS D 183 -5.53 -8.63 6.08
N ALA D 184 -6.17 -8.74 7.26
CA ALA D 184 -7.63 -8.81 7.42
C ALA D 184 -8.28 -10.18 7.24
N THR D 185 -7.73 -11.02 6.35
CA THR D 185 -8.36 -12.29 6.00
C THR D 185 -8.76 -13.10 7.24
N GLY D 186 -10.03 -13.50 7.29
CA GLY D 186 -10.49 -14.32 8.40
C GLY D 186 -10.98 -13.55 9.63
N PHE D 187 -10.93 -12.23 9.61
CA PHE D 187 -11.43 -11.47 10.75
C PHE D 187 -12.95 -11.66 10.91
N VAL D 188 -13.38 -11.83 12.15
CA VAL D 188 -14.79 -12.02 12.49
C VAL D 188 -15.09 -11.19 13.72
N ALA D 189 -16.16 -10.39 13.66
CA ALA D 189 -16.68 -9.69 14.82
C ALA D 189 -18.19 -9.77 14.78
N GLY D 190 -18.80 -10.20 15.88
CA GLY D 190 -20.22 -10.51 15.91
C GLY D 190 -21.09 -9.37 16.38
N GLU D 191 -22.37 -9.71 16.59
CA GLU D 191 -23.44 -8.71 16.72
C GLU D 191 -23.23 -7.75 17.88
N THR D 192 -22.75 -8.24 19.02
CA THR D 192 -22.65 -7.39 20.21
C THR D 192 -21.23 -6.96 20.51
N ALA D 193 -20.30 -7.16 19.57
CA ALA D 193 -18.93 -6.72 19.78
C ALA D 193 -18.83 -5.20 19.83
N VAL D 194 -17.90 -4.70 20.65
CA VAL D 194 -17.65 -3.28 20.80
C VAL D 194 -16.15 -3.06 20.80
N LEU D 195 -15.66 -2.17 19.93
CA LEU D 195 -14.26 -1.82 19.85
C LEU D 195 -14.08 -0.33 20.14
N GLY D 196 -13.15 0.00 21.02
CA GLY D 196 -12.80 1.38 21.30
C GLY D 196 -11.95 2.01 20.22
N ASN D 197 -11.08 2.93 20.62
CA ASN D 197 -10.26 3.69 19.70
C ASN D 197 -8.80 3.24 19.76
N ASN D 198 -8.11 3.42 18.63
CA ASN D 198 -6.67 3.17 18.51
C ASN D 198 -6.33 1.72 18.80
N ILE D 199 -7.07 0.81 18.18
CA ILE D 199 -6.87 -0.62 18.32
C ILE D 199 -6.19 -1.14 17.07
N SER D 200 -5.30 -2.12 17.23
CA SER D 200 -4.63 -2.77 16.10
C SER D 200 -4.96 -4.25 16.12
N ILE D 201 -5.36 -4.76 14.95
CA ILE D 201 -5.82 -6.14 14.81
C ILE D 201 -5.17 -6.77 13.59
N LEU D 202 -4.75 -8.04 13.72
CA LEU D 202 -4.18 -8.78 12.61
C LEU D 202 -5.24 -9.67 11.98
N HIS D 203 -4.92 -10.20 10.79
CA HIS D 203 -5.78 -11.18 10.14
C HIS D 203 -6.11 -12.36 11.05
N GLY D 204 -7.25 -13.01 10.79
CA GLY D 204 -7.62 -14.21 11.51
C GLY D 204 -8.18 -14.02 12.91
N VAL D 205 -8.31 -12.79 13.40
CA VAL D 205 -8.76 -12.57 14.77
C VAL D 205 -10.27 -12.75 14.85
N THR D 206 -10.74 -13.34 15.95
CA THR D 206 -12.16 -13.55 16.19
C THR D 206 -12.60 -12.76 17.42
N LEU D 207 -13.59 -11.89 17.25
CA LEU D 207 -14.28 -11.26 18.38
C LEU D 207 -15.64 -11.95 18.43
N GLY D 208 -15.63 -13.16 18.98
CA GLY D 208 -16.69 -14.12 18.76
C GLY D 208 -17.65 -14.23 19.93
N GLY D 209 -18.81 -14.82 19.65
CA GLY D 209 -19.85 -15.01 20.65
C GLY D 209 -19.71 -16.35 21.36
N SER D 210 -20.59 -16.55 22.34
CA SER D 210 -20.70 -17.82 23.04
C SER D 210 -22.17 -18.04 23.39
N GLY D 211 -22.63 -19.29 23.30
CA GLY D 211 -24.00 -19.61 23.63
C GLY D 211 -24.96 -19.39 22.47
N LYS D 212 -26.17 -19.96 22.60
CA LYS D 212 -27.17 -19.88 21.55
C LYS D 212 -28.21 -18.80 21.79
N GLU D 213 -28.08 -18.00 22.85
CA GLU D 213 -29.09 -17.02 23.19
C GLU D 213 -28.67 -15.63 22.76
N GLY D 214 -29.66 -14.79 22.48
CA GLY D 214 -29.41 -13.39 22.22
C GLY D 214 -28.85 -12.68 23.44
N GLY D 215 -28.65 -11.38 23.29
CA GLY D 215 -28.04 -10.60 24.35
C GLY D 215 -26.52 -10.50 24.21
N ASP D 216 -25.95 -9.68 25.09
CA ASP D 216 -24.52 -9.41 25.11
C ASP D 216 -23.74 -10.70 25.23
N ARG D 217 -22.95 -11.00 24.20
CA ARG D 217 -22.20 -12.24 24.21
C ARG D 217 -20.88 -12.17 23.44
N HIS D 218 -20.42 -10.99 23.04
CA HIS D 218 -19.20 -10.73 22.27
C HIS D 218 -18.28 -9.79 23.04
N PRO D 219 -16.98 -9.79 22.75
CA PRO D 219 -16.04 -8.99 23.53
C PRO D 219 -16.24 -7.49 23.40
N LYS D 220 -15.78 -6.79 24.44
CA LYS D 220 -15.66 -5.34 24.45
C LYS D 220 -14.18 -5.01 24.57
N ILE D 221 -13.64 -4.30 23.59
CA ILE D 221 -12.20 -4.09 23.47
C ILE D 221 -11.91 -2.64 23.82
N GLY D 222 -11.08 -2.41 24.86
CA GLY D 222 -10.73 -1.07 25.29
C GLY D 222 -9.74 -0.41 24.38
N ASP D 223 -9.52 0.89 24.59
CA ASP D 223 -8.61 1.65 23.75
C ASP D 223 -7.19 1.10 23.80
N GLY D 224 -6.46 1.28 22.70
CA GLY D 224 -5.04 0.99 22.66
C GLY D 224 -4.66 -0.47 22.60
N VAL D 225 -5.63 -1.37 22.53
CA VAL D 225 -5.31 -2.80 22.55
C VAL D 225 -4.66 -3.23 21.24
N MET D 226 -3.74 -4.20 21.33
CA MET D 226 -3.20 -4.88 20.16
C MET D 226 -3.56 -6.35 20.21
N ILE D 227 -4.04 -6.89 19.10
CA ILE D 227 -4.44 -8.30 19.01
C ILE D 227 -3.64 -8.95 17.89
N GLY D 228 -2.87 -10.00 18.24
CA GLY D 228 -2.02 -10.68 17.28
C GLY D 228 -2.78 -11.63 16.39
N ALA D 229 -2.09 -12.11 15.35
CA ALA D 229 -2.71 -12.91 14.31
C ALA D 229 -3.40 -14.16 14.88
N ASN D 230 -4.62 -14.41 14.39
CA ASN D 230 -5.38 -15.63 14.65
C ASN D 230 -5.70 -15.87 16.13
N ALA D 231 -5.70 -14.82 16.93
CA ALA D 231 -6.17 -14.93 18.30
C ALA D 231 -7.69 -14.92 18.30
N SER D 232 -8.29 -15.58 19.29
CA SER D 232 -9.73 -15.52 19.47
C SER D 232 -10.07 -15.04 20.87
N ILE D 233 -11.10 -14.22 20.94
CA ILE D 233 -11.63 -13.64 22.17
C ILE D 233 -13.14 -13.91 22.12
N LEU D 234 -13.64 -14.70 23.06
CA LEU D 234 -14.97 -15.28 22.92
C LEU D 234 -15.82 -14.95 24.14
N GLY D 235 -17.06 -14.54 23.90
CA GLY D 235 -18.01 -14.28 24.96
C GLY D 235 -18.06 -12.81 25.34
N ASN D 236 -18.97 -12.51 26.26
CA ASN D 236 -19.16 -11.16 26.79
C ASN D 236 -18.09 -10.87 27.83
N ILE D 237 -16.88 -10.56 27.34
CA ILE D 237 -15.76 -10.31 28.24
C ILE D 237 -15.11 -8.98 27.85
N ARG D 238 -14.45 -8.38 28.82
CA ARG D 238 -13.89 -7.04 28.67
C ARG D 238 -12.38 -7.17 28.57
N ILE D 239 -11.80 -6.47 27.60
CA ILE D 239 -10.35 -6.38 27.43
C ILE D 239 -9.94 -4.96 27.77
N GLY D 240 -9.13 -4.82 28.81
CA GLY D 240 -8.80 -3.49 29.32
C GLY D 240 -7.93 -2.68 28.38
N SER D 241 -8.00 -1.37 28.56
CA SER D 241 -7.14 -0.44 27.82
C SER D 241 -5.69 -0.90 27.80
N ASN D 242 -5.07 -0.82 26.62
CA ASN D 242 -3.64 -1.08 26.41
C ASN D 242 -3.25 -2.52 26.71
N ALA D 243 -4.20 -3.43 26.78
CA ALA D 243 -3.90 -4.85 26.86
C ALA D 243 -3.29 -5.33 25.55
N LYS D 244 -2.59 -6.45 25.64
CA LYS D 244 -1.98 -7.09 24.47
C LYS D 244 -2.40 -8.54 24.45
N ILE D 245 -3.00 -8.98 23.34
CA ILE D 245 -3.40 -10.36 23.15
C ILE D 245 -2.43 -10.98 22.15
N GLY D 246 -1.66 -11.96 22.60
CA GLY D 246 -0.64 -12.55 21.74
C GLY D 246 -1.26 -13.31 20.60
N ALA D 247 -0.51 -13.39 19.50
CA ALA D 247 -0.92 -14.20 18.36
C ALA D 247 -1.30 -15.61 18.82
N GLY D 248 -2.35 -16.15 18.20
CA GLY D 248 -2.75 -17.51 18.46
C GLY D 248 -3.37 -17.79 19.81
N SER D 249 -3.61 -16.76 20.63
CA SER D 249 -4.20 -16.93 21.96
C SER D 249 -5.71 -17.10 21.89
N VAL D 250 -6.25 -17.82 22.88
CA VAL D 250 -7.70 -17.96 23.03
C VAL D 250 -8.07 -17.38 24.40
N VAL D 251 -8.79 -16.25 24.37
CA VAL D 251 -9.14 -15.50 25.58
C VAL D 251 -10.61 -15.75 25.88
N VAL D 252 -10.91 -16.29 27.06
CA VAL D 252 -12.29 -16.52 27.46
C VAL D 252 -12.67 -15.81 28.74
N SER D 253 -11.76 -15.06 29.34
CA SER D 253 -12.02 -14.32 30.57
C SER D 253 -11.50 -12.90 30.42
N ASP D 254 -12.05 -12.01 31.25
CA ASP D 254 -11.66 -10.61 31.22
C ASP D 254 -10.14 -10.48 31.32
N VAL D 255 -9.60 -9.46 30.68
CA VAL D 255 -8.17 -9.18 30.70
C VAL D 255 -8.00 -7.78 31.29
N PRO D 256 -7.26 -7.63 32.39
CA PRO D 256 -7.11 -6.31 33.00
C PRO D 256 -6.35 -5.37 32.09
N PRO D 257 -6.50 -4.06 32.29
CA PRO D 257 -5.77 -3.09 31.47
C PRO D 257 -4.27 -3.31 31.56
N SER D 258 -3.59 -2.98 30.47
CA SER D 258 -2.13 -3.00 30.38
C SER D 258 -1.52 -4.37 30.67
N ILE D 259 -2.30 -5.44 30.52
CA ILE D 259 -1.82 -6.81 30.70
C ILE D 259 -1.57 -7.45 29.33
N THR D 260 -0.53 -8.26 29.23
CA THR D 260 -0.30 -9.09 28.05
C THR D 260 -0.65 -10.53 28.39
N VAL D 261 -1.48 -11.15 27.54
CA VAL D 261 -1.89 -12.54 27.73
C VAL D 261 -1.45 -13.36 26.52
N VAL D 262 -1.10 -14.62 26.79
CA VAL D 262 -0.57 -15.54 25.80
C VAL D 262 -1.09 -16.93 26.11
N GLY D 263 -1.40 -17.71 25.08
CA GLY D 263 -1.61 -19.13 25.22
C GLY D 263 -3.03 -19.56 24.92
N VAL D 264 -3.20 -20.88 24.95
CA VAL D 264 -4.48 -21.53 24.72
C VAL D 264 -4.76 -22.43 25.92
N PRO D 265 -5.55 -21.96 26.90
CA PRO D 265 -6.14 -20.62 27.04
C PRO D 265 -5.11 -19.56 27.43
N ALA D 266 -5.46 -18.30 27.22
CA ALA D 266 -4.51 -17.22 27.41
C ALA D 266 -4.34 -16.90 28.90
N LYS D 267 -3.09 -16.71 29.31
CA LYS D 267 -2.75 -16.39 30.68
C LYS D 267 -1.92 -15.11 30.76
N PRO D 268 -2.10 -14.30 31.79
CA PRO D 268 -1.26 -13.12 31.98
C PRO D 268 0.21 -13.51 32.04
N VAL D 269 1.05 -12.72 31.37
CA VAL D 269 2.47 -12.96 31.30
C VAL D 269 3.19 -11.63 31.49
N PRO D 276 0.94 -0.15 22.72
CA PRO D 276 0.72 -1.53 22.28
C PRO D 276 0.10 -1.62 20.88
N ALA D 278 0.12 0.82 19.08
CA ALA D 278 1.10 1.71 18.48
C ALA D 278 2.46 1.05 18.28
N ASP D 279 2.95 0.34 19.30
CA ASP D 279 4.30 -0.23 19.22
C ASP D 279 4.35 -1.48 18.35
N MET D 280 3.26 -2.26 18.31
CA MET D 280 3.13 -3.43 17.43
C MET D 280 4.24 -4.46 17.64
N ASP D 281 4.66 -4.63 18.90
CA ASP D 281 5.63 -5.66 19.23
C ASP D 281 4.88 -6.98 19.37
N GLN D 282 5.19 -7.95 18.52
CA GLN D 282 4.44 -9.20 18.47
C GLN D 282 5.04 -10.29 19.33
N ASN D 283 6.14 -10.01 20.04
CA ASN D 283 6.79 -11.02 20.88
C ASN D 283 5.80 -11.57 21.91
N ILE D 284 5.84 -12.89 22.11
CA ILE D 284 4.98 -13.52 23.10
C ILE D 284 5.77 -14.45 24.00
N ASN E 25 -14.13 41.69 20.69
CA ASN E 25 -14.89 40.50 20.33
C ASN E 25 -14.24 39.72 19.17
N HIS E 26 -14.94 38.72 18.65
CA HIS E 26 -14.38 37.89 17.58
C HIS E 26 -14.41 38.59 16.23
N LEU E 27 -15.12 39.71 16.10
CA LEU E 27 -15.12 40.46 14.85
C LEU E 27 -14.04 41.54 14.79
N ASN E 28 -13.25 41.70 15.85
CA ASN E 28 -12.14 42.66 15.82
C ASN E 28 -10.88 42.02 16.41
N PHE E 32 -8.42 36.04 18.84
CA PHE E 32 -9.57 36.03 19.75
C PHE E 32 -9.82 34.62 20.28
N ASP E 33 -9.91 34.51 21.59
CA ASP E 33 -10.19 33.26 22.27
C ASP E 33 -11.58 33.34 22.87
N LEU E 34 -12.51 32.56 22.32
CA LEU E 34 -13.88 32.55 22.82
C LEU E 34 -13.93 32.08 24.26
N TRP E 35 -13.31 30.93 24.54
CA TRP E 35 -13.32 30.36 25.88
C TRP E 35 -12.73 31.33 26.91
N HIS E 36 -11.66 32.05 26.53
CA HIS E 36 -11.04 32.96 27.47
C HIS E 36 -11.95 34.15 27.75
N THR E 37 -12.66 34.65 26.74
CA THR E 37 -13.57 35.76 26.95
C THR E 37 -14.74 35.36 27.84
N ILE E 38 -15.27 34.15 27.65
CA ILE E 38 -16.37 33.69 28.49
C ILE E 38 -15.94 33.61 29.95
N ARG E 39 -14.70 33.14 30.19
CA ARG E 39 -14.19 33.07 31.56
C ARG E 39 -14.12 34.46 32.17
N GLU E 40 -13.71 35.46 31.39
CA GLU E 40 -13.57 36.81 31.92
C GLU E 40 -14.95 37.40 32.23
N GLU E 41 -15.90 37.24 31.30
CA GLU E 41 -17.26 37.68 31.57
C GLU E 41 -17.83 37.04 32.83
N THR E 42 -17.57 35.73 32.99
CA THR E 42 -18.18 34.98 34.08
C THR E 42 -17.57 35.34 35.43
N ALA E 43 -16.24 35.48 35.50
CA ALA E 43 -15.62 35.89 36.76
C ALA E 43 -16.14 37.25 37.20
N ALA E 44 -16.36 38.16 36.25
CA ALA E 44 -16.94 39.47 36.58
C ALA E 44 -18.36 39.31 37.11
N ALA E 45 -19.17 38.49 36.45
CA ALA E 45 -20.54 38.28 36.92
C ALA E 45 -20.55 37.67 38.32
N ALA E 46 -19.66 36.70 38.57
CA ALA E 46 -19.58 36.08 39.89
C ALA E 46 -19.21 37.09 40.96
N ALA E 47 -18.28 38.00 40.64
CA ALA E 47 -17.88 39.01 41.60
C ALA E 47 -19.01 40.00 41.88
N ALA E 48 -19.83 40.29 40.88
CA ALA E 48 -20.92 41.25 41.04
C ALA E 48 -22.18 40.65 41.66
N GLU E 49 -22.38 39.34 41.60
CA GLU E 49 -23.64 38.72 42.05
C GLU E 49 -23.36 37.54 42.98
N PRO E 50 -23.21 37.80 44.28
CA PRO E 50 -22.93 36.71 45.22
C PRO E 50 -23.98 35.61 45.23
N MET E 51 -25.24 35.93 44.90
CA MET E 51 -26.28 34.92 44.76
C MET E 51 -25.87 33.82 43.80
N LEU E 52 -25.12 34.15 42.76
CA LEU E 52 -24.82 33.22 41.66
C LEU E 52 -23.36 32.81 41.61
N ALA E 53 -22.57 33.20 42.61
CA ALA E 53 -21.13 33.00 42.53
C ALA E 53 -20.78 31.52 42.43
N SER E 54 -21.42 30.70 43.25
CA SER E 54 -21.08 29.29 43.26
C SER E 54 -21.65 28.56 42.04
N PHE E 55 -22.81 29.00 41.54
CA PHE E 55 -23.33 28.50 40.27
C PHE E 55 -22.36 28.79 39.12
N LEU E 56 -21.90 30.04 39.01
CA LEU E 56 -20.97 30.38 37.94
C LEU E 56 -19.66 29.63 38.09
N HIS E 57 -19.19 29.47 39.33
CA HIS E 57 -17.92 28.77 39.56
C HIS E 57 -18.03 27.29 39.23
N GLN E 58 -19.15 26.66 39.61
CA GLN E 58 -19.31 25.23 39.38
C GLN E 58 -19.67 24.91 37.92
N THR E 59 -20.39 25.81 37.25
CA THR E 59 -20.79 25.62 35.87
C THR E 59 -19.73 26.06 34.86
N VAL E 60 -18.99 27.14 35.16
CA VAL E 60 -18.05 27.70 34.19
C VAL E 60 -16.60 27.62 34.70
N LEU E 61 -16.32 28.32 35.80
CA LEU E 61 -14.92 28.64 36.11
C LEU E 61 -14.10 27.42 36.51
N ARG E 62 -14.72 26.43 37.18
CA ARG E 62 -13.97 25.25 37.56
C ARG E 62 -13.66 24.32 36.39
N HIS E 63 -14.20 24.59 35.20
CA HIS E 63 -13.98 23.74 34.05
C HIS E 63 -12.81 24.25 33.21
N GLU E 64 -12.27 23.36 32.38
CA GLU E 64 -11.11 23.68 31.55
C GLU E 64 -11.46 23.93 30.09
N SER E 65 -12.71 23.73 29.68
CA SER E 65 -13.06 23.90 28.28
C SER E 65 -14.53 24.25 28.17
N LEU E 66 -14.87 24.92 27.07
CA LEU E 66 -16.26 25.28 26.81
C LEU E 66 -17.15 24.05 26.73
N GLY E 67 -16.65 22.98 26.10
CA GLY E 67 -17.46 21.76 25.98
C GLY E 67 -17.81 21.17 27.33
N SER E 68 -16.87 21.22 28.29
CA SER E 68 -17.17 20.70 29.61
C SER E 68 -18.22 21.57 30.30
N VAL E 69 -18.13 22.89 30.13
CA VAL E 69 -19.14 23.80 30.68
C VAL E 69 -20.50 23.48 30.10
N LEU E 70 -20.57 23.31 28.77
CA LEU E 70 -21.85 23.06 28.10
C LEU E 70 -22.46 21.75 28.58
N ALA E 71 -21.65 20.70 28.68
CA ALA E 71 -22.15 19.43 29.19
C ALA E 71 -22.70 19.58 30.60
N TYR E 72 -21.99 20.35 31.44
CA TYR E 72 -22.45 20.55 32.80
C TYR E 72 -23.78 21.30 32.81
N HIS E 73 -23.85 22.41 32.08
CA HIS E 73 -25.05 23.24 32.15
C HIS E 73 -26.24 22.52 31.53
N LEU E 74 -26.04 21.84 30.39
CA LEU E 74 -27.13 21.09 29.79
C LEU E 74 -27.64 19.99 30.72
N SER E 75 -26.74 19.29 31.42
CA SER E 75 -27.22 18.25 32.33
C SER E 75 -27.96 18.87 33.52
N SER E 76 -27.53 20.05 33.97
CA SER E 76 -28.30 20.80 34.96
C SER E 76 -29.75 21.02 34.50
N LYS E 77 -29.93 21.39 33.22
CA LYS E 77 -31.27 21.71 32.69
C LYS E 77 -32.14 20.47 32.53
N LEU E 78 -31.55 19.39 32.01
CA LEU E 78 -32.35 18.25 31.58
C LEU E 78 -32.32 17.10 32.57
N GLY E 79 -31.47 17.17 33.59
CA GLY E 79 -31.47 16.13 34.60
C GLY E 79 -32.81 16.02 35.28
N SER E 80 -33.11 14.83 35.79
CA SER E 80 -34.39 14.55 36.41
C SER E 80 -34.20 13.38 37.37
N PRO E 81 -35.23 13.03 38.15
CA PRO E 81 -35.09 11.83 39.00
C PRO E 81 -34.75 10.58 38.21
N ILE E 82 -35.42 10.32 37.09
CA ILE E 82 -35.05 9.22 36.21
C ILE E 82 -33.59 9.32 35.77
N MET E 83 -33.19 10.48 35.28
CA MET E 83 -31.91 10.67 34.58
C MET E 83 -31.00 11.59 35.41
N ASP E 84 -30.16 10.95 36.24
CA ASP E 84 -29.22 11.64 37.14
C ASP E 84 -28.36 12.66 36.41
N VAL E 85 -28.17 13.83 37.03
CA VAL E 85 -27.34 14.86 36.39
C VAL E 85 -25.93 14.35 36.16
N ARG E 86 -25.41 13.50 37.06
CA ARG E 86 -24.07 12.97 36.85
C ARG E 86 -24.03 12.06 35.64
N ALA E 87 -25.02 11.16 35.54
CA ALA E 87 -25.07 10.26 34.39
C ALA E 87 -25.22 11.06 33.09
N LEU E 88 -26.12 12.05 33.09
CA LEU E 88 -26.27 12.90 31.91
C LEU E 88 -24.98 13.66 31.61
N PHE E 89 -24.33 14.17 32.64
CA PHE E 89 -23.10 14.96 32.43
C PHE E 89 -22.01 14.12 31.76
N GLU E 90 -21.83 12.88 32.22
CA GLU E 90 -20.82 11.95 31.67
C GLU E 90 -21.19 11.66 30.22
N ILE E 91 -22.45 11.36 29.95
CA ILE E 91 -22.86 11.08 28.58
C ILE E 91 -22.58 12.29 27.69
N TYR E 92 -22.96 13.48 28.17
CA TYR E 92 -22.75 14.70 27.39
C TYR E 92 -21.28 15.00 27.18
N GLN E 93 -20.45 14.76 28.21
CA GLN E 93 -19.01 14.92 28.05
C GLN E 93 -18.45 13.90 27.06
N GLN E 94 -18.89 12.65 27.14
CA GLN E 94 -18.46 11.64 26.20
C GLN E 94 -18.92 11.92 24.77
N ALA E 95 -19.86 12.85 24.59
CA ALA E 95 -20.22 13.39 23.29
C ALA E 95 -19.98 14.89 23.30
N ASP E 99 -17.56 12.98 18.73
CA ASP E 99 -17.86 13.88 17.58
C ASP E 99 -17.32 15.26 17.90
N THR E 100 -16.02 15.49 17.73
CA THR E 100 -15.53 16.80 18.09
C THR E 100 -15.99 17.87 17.13
N GLN E 101 -16.75 17.49 16.10
CA GLN E 101 -17.41 18.49 15.26
C GLN E 101 -18.53 19.20 16.01
N ILE E 102 -19.16 18.54 16.98
CA ILE E 102 -20.25 19.19 17.73
C ILE E 102 -19.73 20.46 18.39
N SER E 103 -18.56 20.36 19.04
CA SER E 103 -18.00 21.52 19.74
C SER E 103 -17.65 22.65 18.77
N LYS E 104 -17.30 22.34 17.52
CA LYS E 104 -17.06 23.38 16.54
C LYS E 104 -18.36 24.09 16.16
N CYS E 105 -19.45 23.33 16.02
CA CYS E 105 -20.74 23.97 15.77
C CYS E 105 -21.15 24.85 16.94
N VAL E 106 -20.90 24.41 18.18
CA VAL E 106 -21.28 25.19 19.36
C VAL E 106 -20.65 26.58 19.30
N GLU E 107 -19.35 26.64 19.01
CA GLU E 107 -18.67 27.94 18.94
C GLU E 107 -19.24 28.80 17.82
N ALA E 108 -19.47 28.19 16.65
CA ALA E 108 -20.08 28.94 15.56
C ALA E 108 -21.45 29.47 15.96
N ASP E 109 -22.25 28.64 16.65
CA ASP E 109 -23.57 29.08 17.09
C ASP E 109 -23.45 30.27 18.04
N LEU E 110 -22.50 30.23 18.97
CA LEU E 110 -22.33 31.34 19.92
C LEU E 110 -21.93 32.62 19.20
N LYS E 111 -21.01 32.52 18.23
CA LYS E 111 -20.63 33.70 17.47
C LYS E 111 -21.80 34.21 16.63
N ALA E 112 -22.59 33.30 16.06
CA ALA E 112 -23.77 33.75 15.30
C ALA E 112 -24.72 34.56 16.17
N ILE E 113 -24.96 34.11 17.40
CA ILE E 113 -25.88 34.86 18.25
C ILE E 113 -25.31 36.22 18.60
N TYR E 114 -24.03 36.27 18.95
CA TYR E 114 -23.40 37.55 19.20
C TYR E 114 -23.57 38.49 18.01
N GLU E 115 -23.36 37.96 16.79
CA GLU E 115 -23.44 38.80 15.59
C GLU E 115 -24.86 39.30 15.35
N ARG E 116 -25.84 38.40 15.43
CA ARG E 116 -27.15 38.69 14.87
C ARG E 116 -28.16 39.19 15.89
N ASP E 117 -27.96 38.90 17.17
CA ASP E 117 -28.95 39.25 18.18
C ASP E 117 -28.49 40.50 18.90
N PRO E 118 -29.17 41.64 18.72
CA PRO E 118 -28.75 42.85 19.42
C PRO E 118 -28.96 42.79 20.93
N ALA E 119 -29.76 41.84 21.42
CA ALA E 119 -29.86 41.65 22.87
C ALA E 119 -28.62 40.98 23.45
N CYS E 120 -27.72 40.46 22.60
CA CYS E 120 -26.53 39.75 23.07
C CYS E 120 -25.28 40.59 22.84
N ASP E 121 -24.63 41.01 23.94
CA ASP E 121 -23.37 41.74 23.89
C ASP E 121 -22.26 41.03 24.68
N GLU E 122 -22.51 39.80 25.12
CA GLU E 122 -21.53 39.00 25.83
C GLU E 122 -21.74 37.56 25.39
N TYR E 123 -20.64 36.82 25.22
CA TYR E 123 -20.78 35.46 24.74
C TYR E 123 -21.40 34.55 25.78
N SER E 124 -21.15 34.83 27.06
CA SER E 124 -21.68 33.94 28.08
C SER E 124 -23.17 34.12 28.30
N LEU E 125 -23.79 35.19 27.76
CA LEU E 125 -25.23 35.38 27.95
C LEU E 125 -26.03 34.28 27.27
N PRO E 126 -25.89 34.01 25.97
CA PRO E 126 -26.59 32.84 25.42
C PRO E 126 -26.13 31.52 26.00
N LEU E 127 -24.82 31.37 26.26
CA LEU E 127 -24.33 30.10 26.81
C LEU E 127 -25.12 29.68 28.06
N LEU E 128 -25.33 30.62 28.97
CA LEU E 128 -25.98 30.26 30.23
C LEU E 128 -27.49 30.50 30.24
N TYR E 129 -27.99 31.43 29.43
CA TYR E 129 -29.37 31.90 29.63
C TYR E 129 -30.26 31.92 28.41
N PHE E 130 -29.82 31.47 27.22
CA PHE E 130 -30.67 31.49 26.03
C PHE E 130 -31.18 30.08 25.76
N LYS E 131 -32.47 29.87 25.99
CA LYS E 131 -33.10 28.56 25.89
C LYS E 131 -32.94 27.96 24.49
N GLY E 132 -32.99 28.79 23.44
CA GLY E 132 -32.84 28.29 22.08
C GLY E 132 -31.44 27.78 21.79
N PHE E 133 -30.43 28.46 22.34
CA PHE E 133 -29.08 27.94 22.27
C PHE E 133 -28.97 26.59 22.97
N HIS E 134 -29.59 26.47 24.15
CA HIS E 134 -29.53 25.20 24.89
C HIS E 134 -30.18 24.07 24.11
N ALA E 135 -31.36 24.35 23.52
CA ALA E 135 -32.10 23.31 22.82
C ALA E 135 -31.34 22.81 21.61
N ILE E 136 -30.71 23.73 20.88
CA ILE E 136 -29.92 23.34 19.72
C ILE E 136 -28.78 22.42 20.13
N GLN E 137 -28.01 22.83 21.16
CA GLN E 137 -26.85 22.02 21.52
C GLN E 137 -27.27 20.69 22.13
N ALA E 138 -28.34 20.70 22.95
CA ALA E 138 -28.89 19.45 23.44
C ALA E 138 -29.28 18.54 22.28
N HIS E 139 -29.86 19.10 21.22
CA HIS E 139 -30.21 18.26 20.08
C HIS E 139 -28.97 17.69 19.39
N ARG E 140 -27.92 18.50 19.22
CA ARG E 140 -26.71 17.99 18.59
C ARG E 140 -26.22 16.73 19.28
N ILE E 141 -26.17 16.76 20.62
CA ILE E 141 -25.79 15.58 21.38
C ILE E 141 -26.82 14.48 21.20
N ASN E 142 -28.11 14.84 21.24
CA ASN E 142 -29.17 13.86 21.03
C ASN E 142 -29.04 13.19 19.69
N HIS E 143 -28.71 13.97 18.66
CA HIS E 143 -28.55 13.43 17.32
C HIS E 143 -27.41 12.42 17.26
N ARG E 144 -26.31 12.71 17.96
CA ARG E 144 -25.20 11.76 18.04
C ARG E 144 -25.62 10.46 18.75
N LEU E 145 -26.32 10.58 19.88
CA LEU E 145 -26.78 9.39 20.58
C LEU E 145 -27.72 8.57 19.69
N TYR E 146 -28.59 9.24 18.96
CA TYR E 146 -29.52 8.55 18.09
C TYR E 146 -28.79 7.85 16.94
N LEU E 147 -27.85 8.55 16.27
CA LEU E 147 -27.07 7.89 15.23
C LEU E 147 -26.24 6.74 15.79
N ASP E 148 -25.80 6.84 17.05
CA ASP E 148 -25.14 5.70 17.68
C ASP E 148 -26.10 4.56 18.01
N GLY E 149 -27.40 4.70 17.75
CA GLY E 149 -28.34 3.64 18.04
C GLY E 149 -28.98 3.68 19.42
N ARG E 150 -28.72 4.71 20.21
CA ARG E 150 -29.36 4.81 21.52
C ARG E 150 -30.67 5.60 21.37
N LYS E 151 -31.63 4.98 20.68
CA LYS E 151 -32.86 5.66 20.30
C LYS E 151 -33.77 5.92 21.50
N THR E 152 -33.92 4.92 22.37
CA THR E 152 -34.74 5.09 23.56
C THR E 152 -34.24 6.26 24.39
N LEU E 153 -32.93 6.31 24.64
CA LEU E 153 -32.35 7.45 25.33
C LEU E 153 -32.60 8.76 24.60
N ALA E 154 -32.43 8.77 23.26
CA ALA E 154 -32.68 9.99 22.51
C ALA E 154 -34.14 10.41 22.58
N TYR E 155 -35.07 9.45 22.56
CA TYR E 155 -36.48 9.80 22.67
C TYR E 155 -36.79 10.35 24.06
N PHE E 156 -36.21 9.74 25.09
CA PHE E 156 -36.36 10.24 26.45
C PHE E 156 -35.90 11.70 26.56
N LEU E 157 -34.74 12.00 25.96
CA LEU E 157 -34.21 13.36 26.03
C LEU E 157 -34.94 14.31 25.09
N GLN E 158 -35.44 13.83 23.95
CA GLN E 158 -36.30 14.65 23.10
C GLN E 158 -37.51 15.16 23.89
N ASN E 159 -38.10 14.26 24.66
CA ASN E 159 -39.27 14.59 25.50
C ASN E 159 -38.84 15.59 26.58
N ARG E 160 -37.70 15.34 27.22
CA ARG E 160 -37.22 16.23 28.28
C ARG E 160 -36.93 17.62 27.73
N MET E 161 -36.28 17.71 26.56
CA MET E 161 -36.07 19.00 25.91
C MET E 161 -37.40 19.69 25.63
N SER E 162 -38.39 18.95 25.14
CA SER E 162 -39.68 19.58 24.88
C SER E 162 -40.32 20.11 26.16
N GLU E 163 -40.24 19.34 27.24
CA GLU E 163 -40.81 19.83 28.50
C GLU E 163 -40.06 21.05 28.99
N VAL E 164 -38.73 20.98 29.04
CA VAL E 164 -38.00 22.02 29.75
C VAL E 164 -37.80 23.24 28.87
N PHE E 165 -37.52 23.05 27.58
CA PHE E 165 -37.21 24.15 26.66
C PHE E 165 -38.40 24.56 25.80
N GLY E 166 -39.48 23.80 25.80
CA GLY E 166 -40.58 24.11 24.89
C GLY E 166 -40.21 23.94 23.42
N VAL E 167 -39.22 23.11 23.13
CA VAL E 167 -38.68 22.88 21.79
C VAL E 167 -38.73 21.40 21.50
N ASP E 168 -39.30 21.02 20.35
CA ASP E 168 -39.43 19.63 19.95
C ASP E 168 -38.63 19.43 18.65
N ILE E 169 -37.45 18.82 18.76
CA ILE E 169 -36.64 18.49 17.61
C ILE E 169 -36.47 16.97 17.60
N HIS E 170 -36.91 16.33 16.53
CA HIS E 170 -36.73 14.90 16.40
C HIS E 170 -35.25 14.55 16.37
N PRO E 171 -34.80 13.52 17.09
CA PRO E 171 -33.37 13.22 17.17
C PRO E 171 -32.71 12.99 15.81
N ALA E 172 -33.47 12.61 14.78
CA ALA E 172 -32.90 12.36 13.45
C ALA E 172 -32.70 13.63 12.62
N ALA E 173 -33.25 14.76 13.04
CA ALA E 173 -33.05 16.00 12.30
C ALA E 173 -31.58 16.37 12.28
N ARG E 174 -31.12 16.90 11.15
CA ARG E 174 -29.72 17.23 10.95
C ARG E 174 -29.57 18.75 10.86
N LEU E 175 -28.75 19.31 11.73
CA LEU E 175 -28.63 20.75 11.89
C LEU E 175 -27.20 21.17 11.60
N GLY E 176 -27.04 22.15 10.71
CA GLY E 176 -25.75 22.70 10.38
C GLY E 176 -25.27 23.63 11.48
N TYR E 177 -24.18 24.33 11.20
CA TYR E 177 -23.57 25.19 12.19
C TYR E 177 -23.91 26.66 11.95
N GLY E 178 -23.56 27.49 12.94
CA GLY E 178 -23.91 28.89 12.87
C GLY E 178 -25.40 29.13 12.91
N LEU E 179 -26.13 28.33 13.68
CA LEU E 179 -27.58 28.45 13.79
C LEU E 179 -27.93 29.34 14.97
N MET E 180 -28.96 30.16 14.80
CA MET E 180 -29.54 30.89 15.92
C MET E 180 -31.03 30.60 16.01
N LEU E 181 -31.47 30.16 17.18
CA LEU E 181 -32.89 29.97 17.48
C LEU E 181 -33.24 30.98 18.60
N ASP E 182 -33.74 32.14 18.21
CA ASP E 182 -34.01 33.21 19.16
C ASP E 182 -35.34 32.95 19.88
N HIS E 183 -35.37 33.08 21.22
CA HIS E 183 -36.59 32.87 22.09
C HIS E 183 -36.94 31.39 22.18
N ALA E 184 -37.03 30.69 21.05
CA ALA E 184 -37.17 29.24 20.96
C ALA E 184 -38.56 28.66 21.19
N THR E 185 -39.36 29.22 22.11
CA THR E 185 -40.62 28.57 22.49
C THR E 185 -41.46 28.17 21.28
N GLY E 186 -41.87 26.91 21.23
CA GLY E 186 -42.74 26.43 20.16
C GLY E 186 -42.02 25.94 18.92
N PHE E 187 -40.69 25.99 18.85
CA PHE E 187 -39.97 25.48 17.69
C PHE E 187 -40.16 23.98 17.59
N VAL E 188 -40.40 23.51 16.37
CA VAL E 188 -40.65 22.11 16.05
C VAL E 188 -39.89 21.80 14.77
N ALA E 189 -39.11 20.72 14.78
CA ALA E 189 -38.44 20.22 13.57
C ALA E 189 -38.50 18.71 13.58
N GLY E 190 -38.99 18.12 12.50
CA GLY E 190 -39.30 16.70 12.47
C GLY E 190 -38.17 15.82 11.96
N GLU E 191 -38.52 14.54 11.77
CA GLU E 191 -37.54 13.47 11.65
C GLU E 191 -36.61 13.65 10.45
N THR E 192 -37.13 14.13 9.31
CA THR E 192 -36.32 14.21 8.10
C THR E 192 -35.93 15.64 7.74
N ALA E 193 -36.10 16.58 8.66
CA ALA E 193 -35.70 17.96 8.40
C ALA E 193 -34.18 18.06 8.32
N VAL E 194 -33.70 18.91 7.41
CA VAL E 194 -32.26 19.14 7.25
C VAL E 194 -32.04 20.64 7.19
N LEU E 195 -31.13 21.15 8.01
CA LEU E 195 -30.80 22.56 8.05
C LEU E 195 -29.34 22.75 7.67
N GLY E 196 -29.09 23.67 6.75
CA GLY E 196 -27.74 24.03 6.36
C GLY E 196 -27.10 24.92 7.41
N ASN E 197 -26.18 25.76 6.96
CA ASN E 197 -25.39 26.57 7.86
C ASN E 197 -25.85 28.02 7.81
N ASN E 198 -25.54 28.74 8.90
CA ASN E 198 -25.82 30.17 9.02
C ASN E 198 -27.29 30.49 8.79
N ILE E 199 -28.16 29.78 9.49
CA ILE E 199 -29.60 30.00 9.42
C ILE E 199 -30.04 30.68 10.71
N SER E 200 -31.05 31.53 10.61
CA SER E 200 -31.62 32.23 11.75
C SER E 200 -33.10 31.92 11.84
N ILE E 201 -33.54 31.50 13.03
CA ILE E 201 -34.90 31.00 13.24
C ILE E 201 -35.47 31.64 14.49
N LEU E 202 -36.73 32.07 14.43
CA LEU E 202 -37.42 32.64 15.56
C LEU E 202 -38.27 31.59 16.26
N HIS E 203 -38.80 31.95 17.42
CA HIS E 203 -39.70 31.09 18.18
C HIS E 203 -40.95 30.76 17.36
N GLY E 204 -41.59 29.65 17.71
CA GLY E 204 -42.84 29.25 17.09
C GLY E 204 -42.73 28.70 15.68
N VAL E 205 -41.52 28.54 15.15
CA VAL E 205 -41.36 28.08 13.78
C VAL E 205 -41.53 26.56 13.70
N THR E 206 -42.19 26.10 12.64
CA THR E 206 -42.41 24.68 12.42
C THR E 206 -41.73 24.23 11.14
N LEU E 207 -40.81 23.27 11.26
CA LEU E 207 -40.28 22.54 10.09
C LEU E 207 -40.97 21.18 10.13
N GLY E 208 -42.16 21.14 9.55
CA GLY E 208 -43.09 20.06 9.83
C GLY E 208 -43.29 19.08 8.70
N GLY E 209 -43.87 17.92 9.03
CA GLY E 209 -44.11 16.90 8.05
C GLY E 209 -45.51 16.98 7.49
N SER E 210 -45.77 16.12 6.51
CA SER E 210 -47.07 15.95 5.88
C SER E 210 -47.24 14.48 5.55
N GLY E 211 -48.46 13.96 5.71
CA GLY E 211 -48.75 12.59 5.37
C GLY E 211 -48.44 11.62 6.50
N LYS E 212 -49.00 10.40 6.37
CA LYS E 212 -48.90 9.37 7.40
C LYS E 212 -47.81 8.35 7.11
N GLU E 213 -47.05 8.52 6.03
CA GLU E 213 -46.02 7.56 5.66
C GLU E 213 -44.64 8.08 6.05
N GLY E 214 -43.74 7.14 6.32
CA GLY E 214 -42.34 7.49 6.55
C GLY E 214 -41.68 7.98 5.27
N GLY E 215 -40.37 8.22 5.37
CA GLY E 215 -39.62 8.78 4.27
C GLY E 215 -39.54 10.29 4.33
N ASP E 216 -38.77 10.87 3.40
CA ASP E 216 -38.54 12.30 3.36
C ASP E 216 -39.85 13.07 3.33
N ARG E 217 -40.09 13.89 4.35
CA ARG E 217 -41.38 14.57 4.40
C ARG E 217 -41.29 15.89 5.15
N HIS E 218 -40.09 16.36 5.50
CA HIS E 218 -39.87 17.60 6.20
C HIS E 218 -38.99 18.53 5.36
N PRO E 219 -38.99 19.82 5.66
CA PRO E 219 -38.24 20.77 4.83
C PRO E 219 -36.73 20.55 4.88
N LYS E 220 -36.08 20.98 3.81
CA LYS E 220 -34.63 21.10 3.77
C LYS E 220 -34.31 22.57 3.56
N ILE E 221 -33.55 23.15 4.49
CA ILE E 221 -33.32 24.60 4.54
C ILE E 221 -31.91 24.87 4.09
N GLY E 222 -31.75 25.75 3.08
CA GLY E 222 -30.45 26.10 2.59
C GLY E 222 -29.74 27.12 3.47
N ASP E 223 -28.45 27.33 3.15
CA ASP E 223 -27.63 28.27 3.91
C ASP E 223 -28.20 29.69 3.86
N GLY E 224 -27.96 30.44 4.95
CA GLY E 224 -28.23 31.86 4.99
C GLY E 224 -29.67 32.25 5.18
N VAL E 225 -30.58 31.27 5.28
CA VAL E 225 -32.00 31.53 5.37
C VAL E 225 -32.34 32.18 6.70
N MET E 226 -33.34 33.07 6.69
CA MET E 226 -33.96 33.60 7.89
C MET E 226 -35.43 33.23 7.92
N ILE E 227 -35.91 32.74 9.07
CA ILE E 227 -37.31 32.34 9.24
C ILE E 227 -37.90 33.14 10.41
N GLY E 228 -38.95 33.93 10.13
CA GLY E 228 -39.56 34.77 11.13
C GLY E 228 -40.47 34.02 12.10
N ALA E 229 -40.93 34.74 13.12
CA ALA E 229 -41.71 34.13 14.20
C ALA E 229 -42.99 33.45 13.71
N ASN E 230 -43.24 32.25 14.24
CA ASN E 230 -44.48 31.50 14.03
C ASN E 230 -44.74 31.13 12.56
N ALA E 231 -43.72 31.14 11.71
CA ALA E 231 -43.85 30.61 10.36
C ALA E 231 -43.87 29.08 10.39
N SER E 232 -44.54 28.51 9.39
CA SER E 232 -44.60 27.06 9.19
C SER E 232 -44.10 26.69 7.81
N ILE E 233 -43.21 25.72 7.74
CA ILE E 233 -42.68 25.17 6.50
C ILE E 233 -42.98 23.69 6.56
N LEU E 234 -43.83 23.21 5.65
CA LEU E 234 -44.46 21.91 5.74
C LEU E 234 -44.16 21.05 4.51
N GLY E 235 -43.83 19.80 4.75
CA GLY E 235 -43.63 18.86 3.67
C GLY E 235 -42.19 18.78 3.21
N ASN E 236 -41.96 17.84 2.28
CA ASN E 236 -40.63 17.62 1.74
C ASN E 236 -40.33 18.66 0.67
N ILE E 237 -40.14 19.90 1.13
CA ILE E 237 -39.89 21.00 0.20
C ILE E 237 -38.51 21.57 0.50
N ARG E 238 -37.97 22.26 -0.50
CA ARG E 238 -36.64 22.82 -0.40
C ARG E 238 -36.76 24.34 -0.27
N ILE E 239 -36.03 24.90 0.69
CA ILE E 239 -35.94 26.34 0.85
C ILE E 239 -34.54 26.75 0.38
N GLY E 240 -34.47 27.53 -0.70
CA GLY E 240 -33.20 27.84 -1.33
C GLY E 240 -32.33 28.74 -0.47
N SER E 241 -31.03 28.70 -0.76
CA SER E 241 -30.05 29.47 0.01
C SER E 241 -30.43 30.95 0.03
N ASN E 242 -30.20 31.58 1.18
CA ASN E 242 -30.39 33.01 1.39
C ASN E 242 -31.83 33.46 1.17
N ALA E 243 -32.78 32.52 1.13
CA ALA E 243 -34.18 32.91 1.12
C ALA E 243 -34.59 33.49 2.47
N LYS E 244 -35.73 34.17 2.47
CA LYS E 244 -36.29 34.76 3.67
C LYS E 244 -37.76 34.38 3.77
N ILE E 245 -38.13 33.77 4.91
CA ILE E 245 -39.51 33.36 5.19
C ILE E 245 -40.07 34.33 6.21
N GLY E 246 -41.07 35.13 5.79
CA GLY E 246 -41.62 36.13 6.68
C GLY E 246 -42.36 35.51 7.84
N ALA E 247 -42.38 36.25 8.95
CA ALA E 247 -43.11 35.81 10.13
C ALA E 247 -44.55 35.48 9.77
N GLY E 248 -45.06 34.39 10.35
CA GLY E 248 -46.44 34.00 10.11
C GLY E 248 -46.71 33.34 8.77
N SER E 249 -45.69 33.13 7.95
CA SER E 249 -45.90 32.48 6.66
C SER E 249 -46.21 31.00 6.85
N VAL E 250 -46.98 30.45 5.92
CA VAL E 250 -47.16 29.01 5.79
C VAL E 250 -46.66 28.60 4.40
N VAL E 251 -45.53 27.88 4.36
CA VAL E 251 -44.83 27.53 3.13
C VAL E 251 -45.09 26.05 2.81
N VAL E 252 -45.66 25.77 1.64
CA VAL E 252 -45.99 24.40 1.28
C VAL E 252 -45.44 24.04 -0.10
N SER E 253 -44.65 24.93 -0.67
CA SER E 253 -43.97 24.67 -1.93
C SER E 253 -42.54 25.18 -1.81
N ASP E 254 -41.68 24.67 -2.71
CA ASP E 254 -40.27 25.09 -2.75
C ASP E 254 -40.18 26.60 -2.81
N VAL E 255 -39.10 27.15 -2.27
CA VAL E 255 -38.79 28.57 -2.35
C VAL E 255 -37.42 28.71 -3.01
N PRO E 256 -37.29 29.49 -4.07
CA PRO E 256 -36.01 29.58 -4.78
C PRO E 256 -35.01 30.36 -3.95
N PRO E 257 -33.71 30.19 -4.22
CA PRO E 257 -32.70 30.98 -3.50
C PRO E 257 -33.00 32.46 -3.63
N SER E 258 -32.62 33.22 -2.59
CA SER E 258 -32.63 34.68 -2.63
C SER E 258 -34.02 35.27 -2.78
N ILE E 259 -35.07 34.51 -2.45
CA ILE E 259 -36.45 34.96 -2.56
C ILE E 259 -37.05 35.15 -1.16
N THR E 260 -37.87 36.18 -1.01
CA THR E 260 -38.66 36.41 0.20
C THR E 260 -40.11 36.00 -0.05
N VAL E 261 -40.67 35.18 0.84
CA VAL E 261 -42.07 34.77 0.74
C VAL E 261 -42.80 35.25 1.97
N VAL E 262 -44.09 35.57 1.79
CA VAL E 262 -44.96 36.13 2.82
C VAL E 262 -46.37 35.59 2.60
N GLY E 263 -47.09 35.34 3.69
CA GLY E 263 -48.52 35.12 3.64
C GLY E 263 -48.93 33.69 3.98
N VAL E 264 -50.24 33.52 4.01
CA VAL E 264 -50.90 32.25 4.28
C VAL E 264 -51.85 31.95 3.13
N PRO E 265 -51.45 31.11 2.16
CA PRO E 265 -50.14 30.46 2.00
C PRO E 265 -49.08 31.45 1.51
N ALA E 266 -47.80 31.11 1.65
CA ALA E 266 -46.73 32.05 1.37
C ALA E 266 -46.54 32.20 -0.14
N LYS E 267 -46.28 33.44 -0.57
CA LYS E 267 -46.05 33.74 -1.98
C LYS E 267 -44.82 34.62 -2.13
N PRO E 268 -44.04 34.44 -3.20
CA PRO E 268 -42.89 35.31 -3.41
C PRO E 268 -43.34 36.77 -3.50
N VAL E 269 -42.58 37.65 -2.85
CA VAL E 269 -42.96 39.06 -2.80
C VAL E 269 -41.77 39.96 -3.05
N ALA E 270 -40.55 39.41 -2.98
CA ALA E 270 -39.37 40.25 -3.12
C ALA E 270 -38.13 39.36 -3.19
N ARG E 271 -37.04 39.97 -3.67
CA ARG E 271 -35.72 39.37 -3.55
C ARG E 271 -35.18 39.67 -2.15
N SER E 272 -34.59 38.66 -1.51
CA SER E 272 -34.17 38.83 -0.13
C SER E 272 -32.79 39.45 0.01
N LEU E 273 -31.96 39.30 -1.01
CA LEU E 273 -30.62 39.92 -0.96
C LEU E 273 -30.22 40.42 -2.35
N LYS E 274 -29.46 41.51 -2.37
CA LYS E 274 -29.00 42.16 -3.59
C LYS E 274 -27.60 41.69 -3.95
N THR E 275 -27.43 41.28 -5.21
CA THR E 275 -26.12 40.93 -5.76
C THR E 275 -25.25 42.19 -5.80
N PRO E 276 -23.93 42.04 -5.82
CA PRO E 276 -23.08 43.23 -6.01
C PRO E 276 -23.45 44.03 -7.24
N SER E 277 -23.81 43.36 -8.35
CA SER E 277 -24.20 44.05 -9.56
C SER E 277 -25.48 44.86 -9.40
N ALA E 278 -26.35 44.49 -8.45
CA ALA E 278 -27.55 45.27 -8.22
C ALA E 278 -27.29 46.44 -7.28
N ASP E 279 -26.36 46.27 -6.33
CA ASP E 279 -26.12 47.26 -5.29
C ASP E 279 -25.19 48.39 -5.74
N MET E 280 -24.20 48.07 -6.59
CA MET E 280 -23.24 49.06 -7.10
C MET E 280 -22.49 49.79 -5.99
N ASP E 281 -22.20 49.09 -4.89
CA ASP E 281 -21.43 49.65 -3.79
C ASP E 281 -19.94 49.66 -4.16
N GLN E 282 -19.34 50.85 -4.25
CA GLN E 282 -17.96 50.95 -4.72
C GLN E 282 -16.93 51.00 -3.61
N ASN E 283 -17.34 50.85 -2.35
CA ASN E 283 -16.36 50.92 -1.27
C ASN E 283 -15.36 49.79 -1.39
N ILE E 284 -14.08 50.11 -1.19
CA ILE E 284 -13.02 49.13 -1.21
C ILE E 284 -12.23 49.12 0.08
N GLN E 285 -12.66 49.88 1.09
CA GLN E 285 -12.01 49.92 2.40
C GLN E 285 -12.77 49.00 3.34
N PHE E 286 -12.09 47.95 3.82
CA PHE E 286 -12.74 46.92 4.63
C PHE E 286 -13.36 45.88 3.71
N LYS F 24 2.90 -43.00 -14.95
CA LYS F 24 3.98 -42.41 -15.76
C LYS F 24 4.19 -40.94 -15.40
N ASN F 25 5.21 -40.66 -14.60
CA ASN F 25 5.36 -39.34 -14.00
C ASN F 25 6.83 -38.96 -13.98
N HIS F 26 7.12 -37.85 -13.29
CA HIS F 26 8.48 -37.37 -13.14
C HIS F 26 9.21 -38.22 -12.10
N ASN F 28 9.54 -41.39 -12.24
CA ASN F 28 9.82 -42.70 -12.81
C ASN F 28 9.98 -42.68 -14.34
N THR F 29 10.50 -41.58 -14.89
CA THR F 29 10.61 -41.44 -16.35
C THR F 29 11.54 -40.29 -16.76
N PHE F 32 10.76 -37.52 -18.91
CA PHE F 32 9.44 -36.97 -18.56
C PHE F 32 9.25 -35.55 -19.11
N ASP F 33 8.14 -35.33 -19.82
CA ASP F 33 7.80 -34.02 -20.35
C ASP F 33 6.56 -33.52 -19.59
N LEU F 34 6.77 -32.53 -18.73
CA LEU F 34 5.67 -31.98 -17.93
C LEU F 34 4.61 -31.35 -18.83
N TRP F 35 5.03 -30.50 -19.77
CA TRP F 35 4.08 -29.84 -20.64
C TRP F 35 3.24 -30.84 -21.42
N HIS F 36 3.86 -31.92 -21.92
CA HIS F 36 3.13 -32.89 -22.71
C HIS F 36 2.13 -33.69 -21.88
N THR F 37 2.50 -34.03 -20.64
CA THR F 37 1.56 -34.74 -19.79
C THR F 37 0.37 -33.85 -19.44
N ILE F 38 0.62 -32.57 -19.18
CA ILE F 38 -0.48 -31.65 -18.87
C ILE F 38 -1.41 -31.53 -20.06
N ARG F 39 -0.86 -31.45 -21.28
CA ARG F 39 -1.71 -31.44 -22.46
C ARG F 39 -2.51 -32.74 -22.56
N GLU F 40 -1.88 -33.85 -22.18
CA GLU F 40 -2.54 -35.15 -22.29
C GLU F 40 -3.67 -35.28 -21.28
N GLU F 41 -3.43 -34.89 -20.03
CA GLU F 41 -4.50 -34.84 -19.03
C GLU F 41 -5.63 -33.91 -19.48
N THR F 42 -5.28 -32.76 -20.07
CA THR F 42 -6.30 -31.77 -20.39
C THR F 42 -7.18 -32.24 -21.54
N ALA F 43 -6.58 -32.85 -22.57
CA ALA F 43 -7.39 -33.38 -23.68
C ALA F 43 -8.35 -34.44 -23.19
N ALA F 44 -7.91 -35.29 -22.25
CA ALA F 44 -8.80 -36.27 -21.66
C ALA F 44 -9.94 -35.58 -20.92
N ALA F 45 -9.61 -34.58 -20.09
CA ALA F 45 -10.66 -33.88 -19.36
C ALA F 45 -11.62 -33.18 -20.30
N ALA F 46 -11.11 -32.54 -21.35
CA ALA F 46 -11.99 -31.85 -22.30
C ALA F 46 -12.95 -32.83 -22.97
N ALA F 47 -12.48 -34.02 -23.31
CA ALA F 47 -13.36 -35.00 -23.94
C ALA F 47 -14.43 -35.50 -22.98
N ALA F 48 -14.10 -35.59 -21.70
CA ALA F 48 -15.05 -36.12 -20.72
C ALA F 48 -16.06 -35.08 -20.24
N GLU F 49 -15.75 -33.79 -20.33
CA GLU F 49 -16.59 -32.75 -19.76
C GLU F 49 -16.86 -31.68 -20.80
N PRO F 50 -17.90 -31.86 -21.63
CA PRO F 50 -18.21 -30.85 -22.65
C PRO F 50 -18.49 -29.48 -22.07
N MET F 51 -18.99 -29.39 -20.85
CA MET F 51 -19.16 -28.09 -20.21
C MET F 51 -17.86 -27.30 -20.17
N LEU F 52 -16.71 -27.98 -20.07
CA LEU F 52 -15.44 -27.30 -19.84
C LEU F 52 -14.49 -27.36 -21.03
N ALA F 53 -14.93 -27.89 -22.17
CA ALA F 53 -14.02 -28.15 -23.29
C ALA F 53 -13.41 -26.86 -23.83
N SER F 54 -14.23 -25.82 -24.03
CA SER F 54 -13.68 -24.60 -24.64
C SER F 54 -12.85 -23.80 -23.64
N PHE F 55 -13.18 -23.90 -22.35
CA PHE F 55 -12.32 -23.36 -21.31
C PHE F 55 -10.94 -24.02 -21.35
N LEU F 56 -10.92 -25.36 -21.40
CA LEU F 56 -9.67 -26.09 -21.42
C LEU F 56 -8.89 -25.83 -22.71
N HIS F 57 -9.61 -25.70 -23.83
CA HIS F 57 -8.94 -25.40 -25.09
C HIS F 57 -8.34 -24.00 -25.07
N GLN F 58 -9.10 -23.03 -24.57
CA GLN F 58 -8.65 -21.64 -24.56
C GLN F 58 -7.60 -21.40 -23.47
N THR F 59 -7.69 -22.14 -22.37
CA THR F 59 -6.70 -21.95 -21.29
C THR F 59 -5.44 -22.79 -21.52
N VAL F 60 -5.57 -23.99 -22.07
CA VAL F 60 -4.39 -24.87 -22.19
C VAL F 60 -4.10 -25.32 -23.61
N LEU F 61 -4.98 -26.10 -24.20
CA LEU F 61 -4.64 -26.75 -25.48
C LEU F 61 -4.22 -25.79 -26.59
N ARG F 62 -4.81 -24.61 -26.72
CA ARG F 62 -4.43 -23.69 -27.78
C ARG F 62 -3.09 -23.00 -27.52
N HIS F 63 -2.50 -23.21 -26.34
CA HIS F 63 -1.23 -22.57 -26.02
C HIS F 63 -0.06 -23.49 -26.38
N GLU F 64 1.11 -22.89 -26.54
CA GLU F 64 2.31 -23.61 -26.95
C GLU F 64 3.29 -23.89 -25.81
N SER F 65 3.05 -23.37 -24.61
CA SER F 65 3.96 -23.54 -23.49
C SER F 65 3.20 -23.41 -22.18
N LEU F 66 3.74 -24.02 -21.13
CA LEU F 66 3.14 -23.93 -19.80
C LEU F 66 3.10 -22.50 -19.28
N GLY F 67 4.18 -21.74 -19.54
CA GLY F 67 4.19 -20.36 -19.08
C GLY F 67 3.07 -19.53 -19.70
N SER F 68 2.77 -19.79 -20.98
CA SER F 68 1.66 -19.10 -21.62
C SER F 68 0.33 -19.56 -21.03
N VAL F 69 0.22 -20.85 -20.69
CA VAL F 69 -0.99 -21.33 -20.01
C VAL F 69 -1.14 -20.63 -18.67
N LEU F 70 -0.06 -20.56 -17.89
CA LEU F 70 -0.11 -19.95 -16.57
C LEU F 70 -0.53 -18.49 -16.64
N ALA F 71 0.09 -17.74 -17.56
CA ALA F 71 -0.24 -16.33 -17.74
C ALA F 71 -1.71 -16.15 -18.08
N TYR F 72 -2.25 -17.02 -18.92
CA TYR F 72 -3.66 -16.93 -19.28
C TYR F 72 -4.56 -17.19 -18.08
N HIS F 73 -4.29 -18.26 -17.35
CA HIS F 73 -5.16 -18.62 -16.24
C HIS F 73 -5.08 -17.60 -15.11
N LEU F 74 -3.87 -17.14 -14.77
CA LEU F 74 -3.75 -16.14 -13.72
C LEU F 74 -4.48 -14.86 -14.11
N SER F 75 -4.37 -14.45 -15.38
CA SER F 75 -5.10 -13.25 -15.78
C SER F 75 -6.60 -13.47 -15.74
N SER F 76 -7.10 -14.68 -16.07
CA SER F 76 -8.50 -15.01 -15.85
C SER F 76 -8.91 -14.78 -14.40
N LYS F 77 -8.05 -15.20 -13.45
CA LYS F 77 -8.39 -15.12 -12.03
C LYS F 77 -8.34 -13.70 -11.51
N LEU F 78 -7.34 -12.93 -11.93
CA LEU F 78 -7.10 -11.65 -11.28
C LEU F 78 -7.59 -10.46 -12.08
N GLY F 79 -7.99 -10.66 -13.34
CA GLY F 79 -8.54 -9.56 -14.11
C GLY F 79 -9.79 -8.98 -13.49
N SER F 80 -10.06 -7.71 -13.79
CA SER F 80 -11.19 -7.00 -13.22
C SER F 80 -11.52 -5.85 -14.17
N PRO F 81 -12.59 -5.08 -13.94
CA PRO F 81 -12.82 -3.92 -14.82
C PRO F 81 -11.64 -2.98 -14.88
N ILE F 82 -11.05 -2.66 -13.74
CA ILE F 82 -9.83 -1.86 -13.69
C ILE F 82 -8.72 -2.48 -14.55
N MET F 83 -8.45 -3.76 -14.34
CA MET F 83 -7.28 -4.42 -14.91
C MET F 83 -7.73 -5.47 -15.93
N ASP F 84 -7.78 -5.06 -17.20
CA ASP F 84 -8.23 -5.90 -18.31
C ASP F 84 -7.51 -7.24 -18.32
N VAL F 85 -8.26 -8.33 -18.55
CA VAL F 85 -7.59 -9.63 -18.63
C VAL F 85 -6.58 -9.66 -19.77
N ARG F 86 -6.85 -8.93 -20.86
CA ARG F 86 -5.88 -8.86 -21.95
C ARG F 86 -4.63 -8.12 -21.50
N ALA F 87 -4.83 -7.00 -20.79
CA ALA F 87 -3.70 -6.24 -20.27
C ALA F 87 -2.89 -7.08 -19.28
N LEU F 88 -3.58 -7.73 -18.35
CA LEU F 88 -2.89 -8.60 -17.39
C LEU F 88 -2.21 -9.77 -18.09
N PHE F 89 -2.88 -10.38 -19.07
CA PHE F 89 -2.28 -11.51 -19.77
C PHE F 89 -0.96 -11.13 -20.43
N GLU F 90 -0.92 -9.98 -21.10
CA GLU F 90 0.30 -9.55 -21.77
C GLU F 90 1.41 -9.25 -20.76
N ILE F 91 1.07 -8.56 -19.67
CA ILE F 91 2.03 -8.25 -18.62
C ILE F 91 2.60 -9.53 -18.03
N TYR F 92 1.73 -10.49 -17.72
CA TYR F 92 2.20 -11.77 -17.19
C TYR F 92 3.07 -12.51 -18.20
N GLN F 93 2.71 -12.43 -19.48
CA GLN F 93 3.52 -13.09 -20.50
C GLN F 93 4.89 -12.44 -20.59
N GLN F 94 4.94 -11.10 -20.58
CA GLN F 94 6.22 -10.41 -20.64
C GLN F 94 7.04 -10.64 -19.38
N ALA F 95 6.39 -10.79 -18.21
CA ALA F 95 7.13 -11.06 -16.99
C ALA F 95 7.74 -12.45 -16.99
N LEU F 96 6.97 -13.45 -17.39
CA LEU F 96 7.53 -14.79 -17.52
C LEU F 96 8.56 -14.80 -18.66
N SER F 98 11.10 -12.50 -19.63
CA SER F 98 11.89 -11.54 -18.80
C SER F 98 12.71 -12.31 -17.78
N ASP F 99 12.09 -13.25 -17.05
CA ASP F 99 12.80 -14.06 -16.03
C ASP F 99 12.41 -15.53 -16.21
N THR F 100 13.18 -16.24 -17.01
CA THR F 100 13.00 -17.66 -17.32
C THR F 100 13.17 -18.47 -16.04
N GLN F 101 13.66 -17.85 -14.97
CA GLN F 101 13.75 -18.58 -13.70
C GLN F 101 12.37 -18.76 -13.07
N ILE F 102 11.43 -17.85 -13.34
CA ILE F 102 10.09 -18.00 -12.76
C ILE F 102 9.47 -19.31 -13.22
N SER F 103 9.52 -19.56 -14.54
CA SER F 103 8.95 -20.77 -15.10
C SER F 103 9.64 -22.02 -14.57
N LYS F 104 10.93 -21.93 -14.24
CA LYS F 104 11.59 -23.08 -13.62
C LYS F 104 11.06 -23.32 -12.21
N CYS F 105 10.85 -22.26 -11.42
CA CYS F 105 10.22 -22.45 -10.13
C CYS F 105 8.83 -23.04 -10.28
N VAL F 106 8.08 -22.56 -11.28
CA VAL F 106 6.72 -23.02 -11.51
C VAL F 106 6.70 -24.54 -11.69
N GLU F 107 7.60 -25.05 -12.54
CA GLU F 107 7.66 -26.49 -12.78
C GLU F 107 8.04 -27.25 -11.52
N ALA F 108 9.02 -26.75 -10.77
CA ALA F 108 9.39 -27.39 -9.51
C ALA F 108 8.21 -27.42 -8.54
N ASP F 109 7.45 -26.32 -8.47
CA ASP F 109 6.30 -26.25 -7.58
C ASP F 109 5.27 -27.31 -7.94
N LEU F 110 4.96 -27.44 -9.23
CA LEU F 110 3.98 -28.44 -9.64
C LEU F 110 4.46 -29.85 -9.29
N LYS F 111 5.75 -30.13 -9.49
CA LYS F 111 6.25 -31.44 -9.13
C LYS F 111 6.18 -31.67 -7.62
N ALA F 112 6.50 -30.63 -6.84
CA ALA F 112 6.39 -30.74 -5.38
C ALA F 112 4.98 -31.11 -4.94
N ILE F 113 3.97 -30.47 -5.55
CA ILE F 113 2.59 -30.75 -5.16
C ILE F 113 2.22 -32.19 -5.52
N TYR F 114 2.63 -32.64 -6.71
CA TYR F 114 2.43 -34.03 -7.09
C TYR F 114 3.05 -34.98 -6.06
N GLU F 115 4.27 -34.69 -5.61
CA GLU F 115 4.96 -35.59 -4.68
C GLU F 115 4.29 -35.61 -3.31
N ARG F 116 3.97 -34.43 -2.76
CA ARG F 116 3.64 -34.32 -1.33
C ARG F 116 2.15 -34.32 -1.03
N ASP F 117 1.29 -33.99 -1.99
CA ASP F 117 -0.14 -33.88 -1.73
C ASP F 117 -0.84 -35.13 -2.22
N PRO F 118 -1.34 -35.99 -1.34
CA PRO F 118 -2.01 -37.21 -1.80
C PRO F 118 -3.32 -36.96 -2.52
N ALA F 119 -3.90 -35.77 -2.40
CA ALA F 119 -5.07 -35.45 -3.19
C ALA F 119 -4.72 -35.14 -4.63
N CYS F 120 -3.44 -35.06 -4.97
CA CYS F 120 -3.03 -34.68 -6.31
C CYS F 120 -2.43 -35.89 -7.03
N ASP F 121 -3.13 -36.34 -8.07
CA ASP F 121 -2.66 -37.43 -8.92
C ASP F 121 -2.50 -37.01 -10.39
N GLU F 122 -2.64 -35.72 -10.68
CA GLU F 122 -2.46 -35.19 -12.03
C GLU F 122 -1.79 -33.83 -11.94
N TYR F 123 -0.90 -33.54 -12.89
CA TYR F 123 -0.17 -32.27 -12.84
C TYR F 123 -1.08 -31.09 -13.17
N SER F 124 -2.08 -31.29 -14.01
CA SER F 124 -2.93 -30.17 -14.37
C SER F 124 -3.92 -29.81 -13.27
N LEU F 125 -4.12 -30.68 -12.28
CA LEU F 125 -5.08 -30.39 -11.22
C LEU F 125 -4.67 -29.17 -10.42
N PRO F 126 -3.46 -29.09 -9.84
CA PRO F 126 -3.07 -27.82 -9.19
C PRO F 126 -2.91 -26.67 -10.15
N LEU F 127 -2.38 -26.90 -11.36
CA LEU F 127 -2.21 -25.83 -12.33
C LEU F 127 -3.53 -25.09 -12.54
N LEU F 128 -4.64 -25.82 -12.69
CA LEU F 128 -5.92 -25.22 -13.02
C LEU F 128 -6.79 -24.90 -11.80
N TYR F 129 -6.66 -25.66 -10.70
CA TYR F 129 -7.66 -25.63 -9.64
C TYR F 129 -7.14 -25.47 -8.22
N PHE F 130 -5.83 -25.33 -7.99
CA PHE F 130 -5.32 -25.20 -6.62
C PHE F 130 -4.97 -23.74 -6.35
N LYS F 131 -5.76 -23.12 -5.49
CA LYS F 131 -5.65 -21.69 -5.21
C LYS F 131 -4.28 -21.31 -4.68
N GLY F 132 -3.67 -22.18 -3.87
CA GLY F 132 -2.35 -21.88 -3.32
C GLY F 132 -1.27 -21.88 -4.38
N PHE F 133 -1.37 -22.81 -5.32
CA PHE F 133 -0.45 -22.78 -6.47
C PHE F 133 -0.62 -21.49 -7.27
N HIS F 134 -1.87 -21.07 -7.52
CA HIS F 134 -2.12 -19.81 -8.21
C HIS F 134 -1.53 -18.63 -7.46
N ALA F 135 -1.72 -18.60 -6.13
CA ALA F 135 -1.27 -17.46 -5.36
C ALA F 135 0.24 -17.32 -5.41
N ILE F 136 0.97 -18.45 -5.29
CA ILE F 136 2.43 -18.41 -5.32
C ILE F 136 2.93 -17.88 -6.65
N GLN F 137 2.44 -18.43 -7.76
CA GLN F 137 2.94 -18.01 -9.06
C GLN F 137 2.57 -16.57 -9.38
N ALA F 138 1.34 -16.15 -9.04
CA ALA F 138 1.00 -14.74 -9.18
C ALA F 138 1.95 -13.85 -8.40
N HIS F 139 2.36 -14.30 -7.20
CA HIS F 139 3.33 -13.51 -6.45
C HIS F 139 4.68 -13.46 -7.15
N ARG F 140 5.13 -14.60 -7.71
CA ARG F 140 6.40 -14.62 -8.42
C ARG F 140 6.42 -13.54 -9.49
N ILE F 141 5.33 -13.44 -10.25
CA ILE F 141 5.24 -12.38 -11.24
C ILE F 141 5.18 -11.02 -10.56
N ASN F 142 4.36 -10.89 -9.51
CA ASN F 142 4.29 -9.62 -8.78
C ASN F 142 5.64 -9.19 -8.28
N HIS F 143 6.43 -10.15 -7.79
CA HIS F 143 7.76 -9.88 -7.27
C HIS F 143 8.67 -9.28 -8.35
N ARG F 144 8.61 -9.84 -9.56
CA ARG F 144 9.37 -9.31 -10.69
C ARG F 144 8.94 -7.88 -11.01
N LEU F 145 7.62 -7.63 -11.08
CA LEU F 145 7.13 -6.27 -11.33
C LEU F 145 7.58 -5.32 -10.24
N TYR F 146 7.57 -5.78 -9.00
CA TYR F 146 7.98 -4.94 -7.89
C TYR F 146 9.46 -4.60 -7.97
N LEU F 147 10.29 -5.62 -8.23
CA LEU F 147 11.73 -5.39 -8.40
C LEU F 147 11.99 -4.48 -9.59
N ASP F 148 11.17 -4.55 -10.63
CA ASP F 148 11.31 -3.66 -11.78
C ASP F 148 10.93 -2.22 -11.48
N GLY F 149 10.44 -1.92 -10.27
CA GLY F 149 10.05 -0.59 -9.89
C GLY F 149 8.58 -0.27 -10.10
N ARG F 150 7.78 -1.24 -10.53
CA ARG F 150 6.34 -1.00 -10.74
C ARG F 150 5.58 -1.29 -9.44
N LYS F 151 5.82 -0.44 -8.43
CA LYS F 151 5.30 -0.73 -7.10
C LYS F 151 3.78 -0.56 -7.04
N THR F 152 3.25 0.51 -7.63
CA THR F 152 1.81 0.72 -7.65
C THR F 152 1.09 -0.48 -8.28
N LEU F 153 1.56 -0.92 -9.44
CA LEU F 153 0.99 -2.10 -10.07
C LEU F 153 1.07 -3.31 -9.14
N ALA F 154 2.21 -3.50 -8.48
CA ALA F 154 2.38 -4.65 -7.61
C ALA F 154 1.44 -4.57 -6.40
N TYR F 155 1.22 -3.38 -5.86
CA TYR F 155 0.28 -3.24 -4.76
C TYR F 155 -1.16 -3.48 -5.21
N PHE F 156 -1.52 -2.97 -6.38
CA PHE F 156 -2.83 -3.26 -6.96
C PHE F 156 -3.03 -4.78 -7.07
N LEU F 157 -2.02 -5.49 -7.58
CA LEU F 157 -2.14 -6.93 -7.77
C LEU F 157 -2.04 -7.69 -6.44
N GLN F 158 -1.26 -7.18 -5.49
CA GLN F 158 -1.23 -7.76 -4.15
C GLN F 158 -2.63 -7.76 -3.52
N ASN F 159 -3.34 -6.64 -3.66
CA ASN F 159 -4.71 -6.53 -3.15
C ASN F 159 -5.65 -7.46 -3.88
N ARG F 160 -5.52 -7.54 -5.22
CA ARG F 160 -6.38 -8.42 -6.01
C ARG F 160 -6.19 -9.88 -5.62
N MET F 161 -4.93 -10.30 -5.45
CA MET F 161 -4.64 -11.65 -4.98
C MET F 161 -5.28 -11.92 -3.62
N SER F 162 -5.18 -10.96 -2.71
CA SER F 162 -5.76 -11.15 -1.38
C SER F 162 -7.27 -11.30 -1.47
N GLU F 163 -7.90 -10.49 -2.31
CA GLU F 163 -9.34 -10.58 -2.51
C GLU F 163 -9.74 -11.90 -3.14
N VAL F 164 -9.07 -12.28 -4.23
CA VAL F 164 -9.58 -13.42 -5.00
C VAL F 164 -9.12 -14.73 -4.39
N PHE F 165 -7.88 -14.77 -3.91
CA PHE F 165 -7.28 -16.00 -3.39
C PHE F 165 -7.30 -16.08 -1.88
N GLY F 166 -7.64 -14.99 -1.18
CA GLY F 166 -7.52 -15.03 0.27
C GLY F 166 -6.09 -15.18 0.76
N VAL F 167 -5.12 -14.78 -0.06
CA VAL F 167 -3.70 -14.90 0.25
C VAL F 167 -3.08 -13.52 0.16
N ASP F 168 -2.36 -13.10 1.20
CA ASP F 168 -1.71 -11.79 1.22
C ASP F 168 -0.20 -12.00 1.27
N ILE F 169 0.47 -11.82 0.13
CA ILE F 169 1.93 -11.91 0.08
C ILE F 169 2.45 -10.55 -0.36
N HIS F 170 3.31 -9.96 0.45
CA HIS F 170 3.90 -8.68 0.09
C HIS F 170 4.78 -8.84 -1.15
N PRO F 171 4.70 -7.94 -2.13
CA PRO F 171 5.44 -8.13 -3.39
C PRO F 171 6.94 -8.28 -3.23
N ALA F 172 7.52 -7.72 -2.16
CA ALA F 172 8.95 -7.82 -1.90
C ALA F 172 9.35 -9.15 -1.28
N ALA F 173 8.39 -9.98 -0.87
CA ALA F 173 8.74 -11.28 -0.30
C ALA F 173 9.43 -12.14 -1.37
N ARG F 174 10.42 -12.92 -0.94
CA ARG F 174 11.22 -13.73 -1.86
C ARG F 174 10.98 -15.21 -1.58
N LEU F 175 10.54 -15.93 -2.61
CA LEU F 175 10.10 -17.31 -2.48
C LEU F 175 10.95 -18.20 -3.38
N GLY F 176 11.51 -19.26 -2.80
CA GLY F 176 12.27 -20.24 -3.56
C GLY F 176 11.36 -21.19 -4.34
N TYR F 177 11.99 -22.22 -4.92
CA TYR F 177 11.28 -23.17 -5.76
C TYR F 177 10.94 -24.43 -4.97
N GLY F 178 10.12 -25.28 -5.60
CA GLY F 178 9.62 -26.46 -4.91
C GLY F 178 8.74 -26.15 -3.71
N LEU F 179 7.96 -25.07 -3.78
CA LEU F 179 7.11 -24.68 -2.67
C LEU F 179 5.70 -25.24 -2.87
N MET F 180 5.06 -25.67 -1.78
CA MET F 180 3.66 -26.06 -1.81
C MET F 180 2.89 -25.28 -0.76
N LEU F 181 1.83 -24.60 -1.17
CA LEU F 181 0.92 -23.93 -0.23
C LEU F 181 -0.43 -24.63 -0.38
N ASP F 182 -0.68 -25.61 0.48
CA ASP F 182 -1.88 -26.43 0.39
C ASP F 182 -3.09 -25.68 0.98
N HIS F 183 -4.20 -25.63 0.23
CA HIS F 183 -5.46 -24.95 0.57
C HIS F 183 -5.34 -23.43 0.56
N ALA F 184 -4.30 -22.87 1.19
CA ALA F 184 -3.87 -21.48 1.03
C ALA F 184 -4.61 -20.42 1.85
N THR F 185 -5.93 -20.57 2.06
CA THR F 185 -6.72 -19.49 2.66
C THR F 185 -6.05 -18.95 3.91
N GLY F 186 -5.88 -17.63 3.95
CA GLY F 186 -5.35 -17.00 5.16
C GLY F 186 -3.84 -16.93 5.20
N PHE F 187 -3.14 -17.43 4.18
CA PHE F 187 -1.69 -17.31 4.19
C PHE F 187 -1.29 -15.85 4.07
N VAL F 188 -0.31 -15.47 4.89
CA VAL F 188 0.21 -14.11 4.94
C VAL F 188 1.74 -14.19 5.01
N ALA F 189 2.41 -13.43 4.14
CA ALA F 189 3.86 -13.30 4.20
C ALA F 189 4.23 -11.86 3.92
N GLY F 190 4.99 -11.25 4.83
CA GLY F 190 5.25 -9.82 4.79
C GLY F 190 6.49 -9.43 3.98
N GLU F 191 6.83 -8.14 4.09
CA GLU F 191 7.72 -7.47 3.14
C GLU F 191 9.12 -8.08 3.11
N THR F 192 9.66 -8.44 4.26
CA THR F 192 11.03 -8.90 4.37
C THR F 192 11.11 -10.41 4.61
N ALA F 193 10.03 -11.14 4.36
CA ALA F 193 10.05 -12.58 4.49
C ALA F 193 10.89 -13.21 3.39
N VAL F 194 11.61 -14.28 3.73
CA VAL F 194 12.42 -15.02 2.77
C VAL F 194 12.16 -16.50 2.97
N LEU F 195 11.83 -17.18 1.89
CA LEU F 195 11.56 -18.61 1.90
C LEU F 195 12.56 -19.30 0.99
N GLY F 196 13.21 -20.34 1.50
CA GLY F 196 14.11 -21.16 0.72
C GLY F 196 13.37 -22.11 -0.19
N ASN F 197 13.99 -23.23 -0.50
CA ASN F 197 13.45 -24.18 -1.45
C ASN F 197 12.90 -25.40 -0.74
N ASN F 198 11.99 -26.07 -1.43
CA ASN F 198 11.38 -27.32 -0.97
C ASN F 198 10.76 -27.16 0.41
N ILE F 199 9.93 -26.12 0.54
CA ILE F 199 9.17 -25.83 1.75
C ILE F 199 7.71 -26.19 1.51
N SER F 200 7.04 -26.68 2.55
CA SER F 200 5.63 -27.04 2.49
C SER F 200 4.87 -26.23 3.52
N ILE F 201 3.77 -25.60 3.10
CA ILE F 201 3.01 -24.68 3.94
C ILE F 201 1.52 -24.97 3.82
N LEU F 202 0.83 -24.95 4.96
CA LEU F 202 -0.60 -25.14 5.00
C LEU F 202 -1.30 -23.78 5.06
N HIS F 203 -2.61 -23.81 4.85
CA HIS F 203 -3.44 -22.63 4.96
C HIS F 203 -3.32 -21.98 6.33
N GLY F 204 -3.61 -20.67 6.37
CA GLY F 204 -3.66 -19.93 7.61
C GLY F 204 -2.32 -19.62 8.23
N VAL F 205 -1.22 -19.97 7.56
CA VAL F 205 0.11 -19.74 8.12
C VAL F 205 0.48 -18.28 7.95
N THR F 206 1.13 -17.71 8.96
CA THR F 206 1.58 -16.31 8.94
C THR F 206 3.09 -16.26 9.08
N LEU F 207 3.74 -15.63 8.12
CA LEU F 207 5.14 -15.22 8.23
C LEU F 207 5.11 -13.70 8.45
N GLY F 208 4.95 -13.33 9.71
CA GLY F 208 4.53 -11.98 10.03
C GLY F 208 5.59 -11.06 10.61
N GLY F 209 5.31 -9.77 10.63
CA GLY F 209 6.26 -8.82 11.15
C GLY F 209 6.04 -8.51 12.61
N SER F 210 6.95 -7.70 13.15
CA SER F 210 6.90 -7.19 14.52
C SER F 210 7.45 -5.77 14.53
N GLY F 211 6.82 -4.90 15.31
CA GLY F 211 7.27 -3.53 15.45
C GLY F 211 6.72 -2.64 14.33
N LYS F 212 6.85 -1.33 14.56
CA LYS F 212 6.36 -0.33 13.61
C LYS F 212 7.45 0.22 12.70
N GLU F 213 8.69 -0.28 12.80
CA GLU F 213 9.81 0.22 12.02
C GLU F 213 10.08 -0.70 10.82
N GLY F 214 10.55 -0.09 9.74
CA GLY F 214 10.98 -0.85 8.58
C GLY F 214 12.27 -1.61 8.84
N GLY F 215 12.75 -2.25 7.78
CA GLY F 215 13.91 -3.12 7.89
C GLY F 215 13.48 -4.54 8.20
N ASP F 216 14.48 -5.44 8.21
CA ASP F 216 14.24 -6.88 8.41
C ASP F 216 13.43 -7.14 9.66
N ARG F 217 12.25 -7.74 9.48
CA ARG F 217 11.34 -7.95 10.60
C ARG F 217 10.42 -9.15 10.37
N HIS F 218 10.63 -9.92 9.32
CA HIS F 218 9.83 -11.09 9.00
C HIS F 218 10.72 -12.32 8.96
N PRO F 219 10.15 -13.51 9.05
CA PRO F 219 10.98 -14.72 9.12
C PRO F 219 11.75 -15.02 7.84
N LYS F 220 12.85 -15.74 8.03
CA LYS F 220 13.62 -16.34 6.94
C LYS F 220 13.55 -17.84 7.15
N ILE F 221 13.01 -18.55 6.17
CA ILE F 221 12.65 -19.96 6.29
C ILE F 221 13.65 -20.78 5.49
N GLY F 222 14.27 -21.77 6.13
CA GLY F 222 15.25 -22.59 5.45
C GLY F 222 14.66 -23.69 4.60
N ASP F 223 15.54 -24.30 3.80
CA ASP F 223 15.16 -25.42 2.96
C ASP F 223 14.56 -26.54 3.79
N GLY F 224 13.62 -27.27 3.18
CA GLY F 224 13.08 -28.50 3.73
C GLY F 224 12.03 -28.35 4.81
N VAL F 225 11.72 -27.13 5.25
CA VAL F 225 10.82 -26.89 6.36
C VAL F 225 9.37 -27.26 6.00
N MET F 226 8.64 -27.77 7.00
CA MET F 226 7.20 -27.97 6.91
C MET F 226 6.51 -27.09 7.95
N ILE F 227 5.47 -26.37 7.54
CA ILE F 227 4.71 -25.51 8.46
C ILE F 227 3.26 -25.94 8.45
N GLY F 228 2.75 -26.37 9.62
CA GLY F 228 1.38 -26.83 9.72
C GLY F 228 0.35 -25.70 9.75
N ALA F 229 -0.92 -26.10 9.65
CA ALA F 229 -2.01 -25.14 9.48
C ALA F 229 -2.08 -24.14 10.62
N ASN F 230 -2.30 -22.86 10.25
CA ASN F 230 -2.57 -21.79 11.21
C ASN F 230 -1.40 -21.55 12.16
N ALA F 231 -0.19 -21.97 11.81
CA ALA F 231 0.98 -21.58 12.57
C ALA F 231 1.33 -20.13 12.26
N SER F 232 1.92 -19.44 13.24
CA SER F 232 2.40 -18.07 13.05
C SER F 232 3.87 -18.02 13.41
N ILE F 233 4.65 -17.40 12.53
CA ILE F 233 6.08 -17.19 12.69
C ILE F 233 6.31 -15.69 12.56
N LEU F 234 6.71 -15.05 13.65
CA LEU F 234 6.69 -13.60 13.77
C LEU F 234 8.07 -13.06 14.09
N GLY F 235 8.43 -11.98 13.41
CA GLY F 235 9.66 -11.26 13.69
C GLY F 235 10.81 -11.71 12.83
N ASN F 236 11.92 -11.00 12.98
CA ASN F 236 13.13 -11.27 12.21
C ASN F 236 13.87 -12.45 12.82
N ILE F 237 13.27 -13.63 12.67
CA ILE F 237 13.84 -14.85 13.22
C ILE F 237 14.14 -15.80 12.07
N ARG F 238 15.03 -16.76 12.36
CA ARG F 238 15.47 -17.72 11.37
C ARG F 238 14.90 -19.09 11.73
N ILE F 239 14.33 -19.76 10.75
CA ILE F 239 13.88 -21.13 10.90
C ILE F 239 14.88 -21.98 10.12
N GLY F 240 15.65 -22.80 10.83
CA GLY F 240 16.71 -23.53 10.21
C GLY F 240 16.22 -24.59 9.25
N SER F 241 17.12 -25.00 8.35
CA SER F 241 16.77 -26.01 7.36
C SER F 241 16.23 -27.27 8.03
N ASN F 242 15.22 -27.86 7.39
CA ASN F 242 14.59 -29.12 7.82
C ASN F 242 13.87 -29.01 9.16
N ALA F 243 13.62 -27.80 9.65
CA ALA F 243 12.77 -27.68 10.81
C ALA F 243 11.33 -28.06 10.48
N LYS F 244 10.54 -28.31 11.51
CA LYS F 244 9.14 -28.63 11.36
C LYS F 244 8.39 -27.78 12.38
N ILE F 245 7.42 -27.01 11.89
CA ILE F 245 6.58 -26.16 12.75
C ILE F 245 5.22 -26.83 12.81
N GLY F 246 4.86 -27.32 13.98
CA GLY F 246 3.58 -28.00 14.13
C GLY F 246 2.42 -27.03 13.96
N ALA F 247 1.29 -27.57 13.52
CA ALA F 247 0.09 -26.76 13.34
C ALA F 247 -0.22 -25.99 14.62
N GLY F 248 -0.66 -24.74 14.45
CA GLY F 248 -1.07 -23.92 15.57
C GLY F 248 0.06 -23.33 16.39
N SER F 249 1.32 -23.55 16.00
CA SER F 249 2.43 -23.00 16.76
C SER F 249 2.48 -21.49 16.58
N VAL F 250 3.00 -20.81 17.61
CA VAL F 250 3.35 -19.41 17.50
C VAL F 250 4.83 -19.31 17.83
N VAL F 251 5.65 -19.04 16.82
CA VAL F 251 7.10 -19.07 16.93
C VAL F 251 7.61 -17.63 16.97
N VAL F 252 8.32 -17.27 18.04
CA VAL F 252 8.80 -15.90 18.17
C VAL F 252 10.30 -15.87 18.46
N SER F 253 10.96 -17.03 18.38
CA SER F 253 12.41 -17.11 18.50
C SER F 253 12.95 -18.02 17.41
N ASP F 254 14.26 -17.89 17.14
CA ASP F 254 14.90 -18.74 16.14
C ASP F 254 14.64 -20.19 16.47
N VAL F 255 14.55 -21.02 15.44
CA VAL F 255 14.43 -22.47 15.58
C VAL F 255 15.61 -23.09 14.85
N PRO F 256 16.40 -23.93 15.51
CA PRO F 256 17.59 -24.47 14.88
C PRO F 256 17.22 -25.51 13.83
N PRO F 257 18.15 -25.80 12.90
CA PRO F 257 17.87 -26.80 11.88
C PRO F 257 17.43 -28.12 12.50
N SER F 258 16.56 -28.83 11.78
CA SER F 258 16.20 -30.21 12.09
C SER F 258 15.48 -30.37 13.43
N ILE F 259 14.84 -29.30 13.92
CA ILE F 259 14.10 -29.31 15.18
C ILE F 259 12.61 -29.15 14.91
N THR F 260 11.79 -29.87 15.69
CA THR F 260 10.33 -29.70 15.69
C THR F 260 9.91 -28.88 16.90
N VAL F 261 9.11 -27.83 16.68
CA VAL F 261 8.56 -27.00 17.75
C VAL F 261 7.04 -27.06 17.70
N VAL F 262 6.43 -26.97 18.88
CA VAL F 262 4.99 -27.10 19.07
C VAL F 262 4.60 -26.16 20.19
N GLY F 263 3.42 -25.58 20.08
CA GLY F 263 2.80 -24.90 21.20
C GLY F 263 2.65 -23.41 20.97
N VAL F 264 2.01 -22.79 21.95
CA VAL F 264 1.81 -21.35 21.99
C VAL F 264 2.29 -20.85 23.34
N PRO F 265 3.51 -20.28 23.45
CA PRO F 265 4.49 -20.16 22.37
C PRO F 265 5.17 -21.49 22.07
N ALA F 266 5.82 -21.55 20.90
CA ALA F 266 6.36 -22.81 20.40
C ALA F 266 7.66 -23.14 21.12
N LYS F 267 7.84 -24.41 21.44
CA LYS F 267 9.06 -24.88 22.09
C LYS F 267 9.55 -26.14 21.38
N PRO F 268 10.86 -26.33 21.26
CA PRO F 268 11.36 -27.57 20.66
C PRO F 268 10.88 -28.77 21.45
N VAL F 269 10.46 -29.81 20.74
CA VAL F 269 9.86 -30.99 21.37
C VAL F 269 10.44 -32.27 20.81
N ALA F 270 11.19 -32.18 19.71
CA ALA F 270 11.74 -33.36 19.06
C ALA F 270 12.71 -32.95 17.97
N ARG F 271 13.50 -33.92 17.52
CA ARG F 271 14.26 -33.75 16.29
C ARG F 271 13.35 -34.11 15.13
N SER F 272 13.36 -33.29 14.09
CA SER F 272 12.41 -33.45 12.99
C SER F 272 12.85 -34.44 11.93
N LEU F 273 14.15 -34.75 11.87
CA LEU F 273 14.75 -35.60 10.83
C LEU F 273 15.62 -36.65 11.50
N LYS F 274 15.69 -37.84 10.88
CA LYS F 274 16.54 -38.95 11.31
C LYS F 274 17.80 -39.06 10.44
N THR F 275 18.97 -39.08 11.10
CA THR F 275 20.22 -39.28 10.37
C THR F 275 20.27 -40.72 9.83
N PRO F 276 21.00 -40.94 8.73
CA PRO F 276 21.16 -42.33 8.23
C PRO F 276 21.74 -43.28 9.27
N SER F 277 22.66 -42.80 10.11
CA SER F 277 23.22 -43.64 11.16
C SER F 277 22.18 -44.03 12.20
N ALA F 278 21.10 -43.24 12.35
CA ALA F 278 20.04 -43.60 13.28
C ALA F 278 19.03 -44.55 12.67
N ASP F 279 18.78 -44.43 11.37
CA ASP F 279 17.73 -45.21 10.70
C ASP F 279 18.21 -46.58 10.26
N MET F 280 19.50 -46.70 9.89
CA MET F 280 20.11 -47.98 9.52
C MET F 280 19.38 -48.64 8.35
N ASP F 281 18.84 -47.85 7.43
CA ASP F 281 18.20 -48.38 6.24
C ASP F 281 19.28 -48.82 5.25
N GLN F 282 19.32 -50.11 4.95
CA GLN F 282 20.38 -50.66 4.13
C GLN F 282 20.03 -50.74 2.65
N ASN F 283 18.86 -50.24 2.22
CA ASN F 283 18.49 -50.38 0.81
C ASN F 283 19.44 -49.59 -0.08
N ILE F 284 19.83 -50.20 -1.20
CA ILE F 284 20.71 -49.56 -2.16
C ILE F 284 20.09 -49.54 -3.56
N GLN F 285 18.81 -49.83 -3.66
CA GLN F 285 18.13 -49.76 -4.97
C GLN F 285 16.96 -48.78 -4.94
NA NA G . 17.26 20.85 -8.45
C1 LMR H . 19.30 16.30 -15.31
O1A LMR H . 18.54 16.60 -16.21
O1B LMR H . 19.03 15.53 -14.43
C2 LMR H . 20.68 16.93 -15.34
O2 LMR H . 21.51 16.42 -14.35
C3 LMR H . 21.38 16.76 -16.70
C4 LMR H . 21.55 15.31 -17.06
O4A LMR H . 21.35 14.47 -16.23
O4B LMR H . 21.91 15.04 -18.18
C1 LMR I . 47.96 25.41 -23.81
O1A LMR I . 47.62 26.21 -24.62
O1B LMR I . 48.38 25.70 -22.72
C2 LMR I . 47.83 23.93 -24.17
O2 LMR I . 48.15 23.07 -23.11
C3 LMR I . 46.43 23.62 -24.71
C4 LMR I . 45.35 23.89 -23.67
O4A LMR I . 45.67 24.33 -22.62
O4B LMR I . 44.23 23.62 -23.94
NA NA J . -31.33 -18.09 16.35
C1 LMR K . -23.43 -15.45 17.63
O1A LMR K . -24.13 -14.60 17.18
O1B LMR K . -23.13 -15.56 18.79
C2 LMR K . -22.82 -16.50 16.69
O2 LMR K . -23.07 -16.17 15.35
C3 LMR K . -21.30 -16.63 16.92
C4 LMR K . -20.57 -15.35 16.67
O4A LMR K . -19.42 -15.28 16.97
O4B LMR K . -21.15 -14.44 16.18
NA NA L . 34.81 -10.75 -30.48
NA NA M . 4.20 3.28 8.18
C1 LMR N . 4.69 -5.18 8.75
O1A LMR N . 4.97 -4.79 7.59
O1B LMR N . 5.62 -5.50 9.56
C2 LMR N . 3.22 -5.24 9.21
O2 LMR N . 2.38 -5.05 8.10
C3 LMR N . 2.89 -6.57 9.87
C4 LMR N . 3.19 -7.76 8.98
O4A LMR N . 3.14 -8.91 9.48
O4B LMR N . 3.50 -7.66 7.76
NA NA O . -25.31 41.20 19.39
C1 LMR P . -44.27 13.35 11.11
O1A LMR P . -44.39 13.56 9.94
O1B LMR P . -43.41 12.70 11.61
C2 LMR P . -45.32 13.96 12.07
O2 LMR P . -45.01 13.77 13.42
C3 LMR P . -45.54 15.44 11.80
C4 LMR P . -44.31 16.28 12.05
O4A LMR P . -43.32 15.76 12.49
O4B LMR P . -44.38 17.43 11.84
NA NA Q . 0.33 -36.89 -4.84
C1 LMR R . -4.18 -34.38 1.94
O1A LMR R . -4.87 -34.71 1.03
O1B LMR R . -3.90 -35.06 2.88
C2 LMR R . -3.57 -32.97 1.93
O2 LMR R . -4.06 -32.22 0.83
C3 LMR R . -3.75 -32.21 3.25
C4 LMR R . -5.19 -32.05 3.67
O4A LMR R . -5.44 -31.54 4.73
O4B LMR R . -6.03 -32.41 2.91
#